data_4R1M
#
_entry.id   4R1M
#
_cell.length_a   127.060
_cell.length_b   211.870
_cell.length_c   72.250
_cell.angle_alpha   90.000
_cell.angle_beta   90.000
_cell.angle_gamma   90.000
#
_symmetry.space_group_name_H-M   'P 21 21 2'
#
loop_
_entity.id
_entity.type
_entity.pdbx_description
1 polymer 'Phenylacetate-coenzyme A ligase'
2 non-polymer 'ZINC ION'
3 non-polymer 'ADENOSINE MONOPHOSPHATE'
4 non-polymer 'SODIUM ION'
5 non-polymer 1,2-ETHANEDIOL
6 non-polymer 'CHLORIDE ION'
7 water water
#
_entity_poly.entity_id   1
_entity_poly.type   'polypeptide(L)'
_entity_poly.pdbx_seq_one_letter_code
;G(MSE)STQYWEEEIEI(MSE)SREKLQELQLQRLKKTINIAANSPYYKEVFSKNGITGDSIQSLDDIRKIPFTTKSD
(MSE)RANYPFGLVAGD(MSE)KRDGVRIHSSSGTTGNPTVIVHSQHDLDSWANLVARCLY(MSE)VGIRKTDVFQNSSG
YG(MSE)FTGGLGFQYGAERLGCLTVPAAAGNSKRQIKFISDFKTTALHAIPSYAIRLAEVFQEEGIDPRETTLKTLVIG
AEPHTDEQRRKIER(MSE)LNVKAYNSFG(MSE)TE(MSE)NGPGVAFECQEQNG(MSE)HFWEDCYLVEIIDPETGEPV
PEGEIGELVLTTLDRE(MSE)(MSE)PLIRYRTRDLTRILPGKCPCGRTHLRIDRIKGRSDD(MSE)FIIKGVNIFP
(MSE)QVEKILVQFPELGSNYLITLETVNNQDE(MSE)IVEVELSDLSTDNYIELEKIRRDIIRQLKDEILVTPKVKLVK
KGSLPQSEGKAVRVKDLRDNK
;
_entity_poly.pdbx_strand_id   A,B,C,D
#
# COMPACT_ATOMS: atom_id res chain seq x y z
N GLY A 1 58.76 -16.16 16.81
CA GLY A 1 59.26 -16.92 17.95
C GLY A 1 59.43 -16.08 19.21
N SER A 3 59.16 -12.60 19.59
CA SER A 3 58.13 -11.57 19.72
C SER A 3 56.71 -12.18 19.80
N THR A 4 56.54 -13.49 19.52
CA THR A 4 55.24 -14.20 19.49
C THR A 4 54.58 -14.25 20.89
N GLN A 5 53.27 -13.98 20.94
CA GLN A 5 52.45 -14.02 22.15
C GLN A 5 51.40 -15.13 22.03
N TYR A 6 51.24 -15.91 23.11
CA TYR A 6 50.35 -17.06 23.18
C TYR A 6 49.26 -16.86 24.20
N TRP A 7 48.07 -17.40 23.90
CA TRP A 7 46.91 -17.42 24.79
C TRP A 7 47.16 -18.39 25.95
N GLU A 8 47.72 -19.57 25.65
CA GLU A 8 48.08 -20.67 26.57
C GLU A 8 49.44 -21.22 26.15
N GLU A 9 50.52 -20.48 26.49
CA GLU A 9 51.90 -20.79 26.11
C GLU A 9 52.29 -22.24 26.48
N GLU A 10 51.98 -22.71 27.70
CA GLU A 10 52.37 -24.04 28.13
C GLU A 10 51.82 -25.14 27.20
N ILE A 11 50.63 -24.90 26.58
CA ILE A 11 50.02 -25.86 25.65
C ILE A 11 50.54 -25.64 24.21
N GLU A 12 50.51 -24.39 23.73
CA GLU A 12 50.82 -24.03 22.36
C GLU A 12 52.27 -24.33 21.97
N ILE A 13 53.25 -24.28 22.93
CA ILE A 13 54.66 -24.57 22.59
C ILE A 13 55.11 -25.85 23.33
N SER A 15 56.27 -29.56 24.16
CA SER A 15 57.09 -30.51 23.39
C SER A 15 56.23 -31.64 22.83
N ARG A 16 56.59 -32.13 21.63
CA ARG A 16 55.90 -33.24 20.96
C ARG A 16 55.74 -34.44 21.94
N GLU A 17 56.78 -34.73 22.75
CA GLU A 17 56.81 -35.79 23.74
C GLU A 17 55.70 -35.60 24.79
N LYS A 18 55.63 -34.42 25.42
CA LYS A 18 54.62 -34.10 26.42
C LYS A 18 53.21 -34.03 25.82
N LEU A 19 53.11 -33.59 24.57
CA LEU A 19 51.87 -33.41 23.85
C LEU A 19 51.25 -34.75 23.52
N GLN A 20 52.07 -35.74 23.18
CA GLN A 20 51.62 -37.11 22.91
C GLN A 20 51.23 -37.84 24.21
N GLU A 21 51.84 -37.50 25.36
CA GLU A 21 51.40 -38.17 26.58
C GLU A 21 50.05 -37.55 27.03
N LEU A 22 49.85 -36.22 26.79
CA LEU A 22 48.59 -35.54 27.08
C LEU A 22 47.47 -36.14 26.22
N GLN A 23 47.73 -36.35 24.90
CA GLN A 23 46.76 -36.92 23.94
C GLN A 23 46.35 -38.31 24.34
N LEU A 24 47.32 -39.15 24.76
CA LEU A 24 47.07 -40.53 25.18
C LEU A 24 46.20 -40.55 26.46
N GLN A 25 46.51 -39.69 27.43
CA GLN A 25 45.76 -39.57 28.68
C GLN A 25 44.28 -39.21 28.36
N ARG A 26 44.07 -38.23 27.45
CA ARG A 26 42.72 -37.80 27.07
C ARG A 26 42.03 -38.80 26.14
N LEU A 27 42.79 -39.50 25.28
CA LEU A 27 42.24 -40.53 24.39
C LEU A 27 41.60 -41.69 25.21
N LYS A 28 42.30 -42.13 26.27
CA LYS A 28 41.82 -43.18 27.17
C LYS A 28 40.53 -42.75 27.87
N LYS A 29 40.49 -41.50 28.39
CA LYS A 29 39.35 -40.93 29.09
C LYS A 29 38.16 -40.82 28.12
N THR A 30 38.39 -40.37 26.88
CA THR A 30 37.37 -40.21 25.83
C THR A 30 36.70 -41.57 25.52
N ILE A 31 37.50 -42.63 25.39
CA ILE A 31 37.00 -43.97 25.07
C ILE A 31 36.19 -44.52 26.26
N ASN A 32 36.61 -44.23 27.51
CA ASN A 32 35.87 -44.67 28.70
C ASN A 32 34.53 -43.94 28.78
N ILE A 33 34.49 -42.61 28.44
CA ILE A 33 33.27 -41.80 28.42
C ILE A 33 32.36 -42.33 27.31
N ALA A 34 32.87 -42.43 26.07
CA ALA A 34 32.10 -42.83 24.89
C ALA A 34 31.42 -44.19 25.07
N ALA A 35 32.02 -45.10 25.85
CA ALA A 35 31.51 -46.45 26.15
C ALA A 35 30.11 -46.41 26.81
N ASN A 36 29.74 -45.25 27.41
CA ASN A 36 28.44 -45.03 28.03
C ASN A 36 27.38 -44.71 26.97
N SER A 37 27.76 -44.33 25.75
CA SER A 37 26.76 -44.03 24.73
C SER A 37 26.22 -45.30 24.12
N PRO A 38 24.92 -45.37 23.73
CA PRO A 38 24.42 -46.61 23.10
C PRO A 38 25.22 -47.01 21.86
N TYR A 39 25.63 -46.05 21.04
CA TYR A 39 26.38 -46.28 19.80
C TYR A 39 27.75 -46.92 20.05
N TYR A 40 28.61 -46.26 20.85
CA TYR A 40 29.97 -46.77 21.03
C TYR A 40 29.97 -47.99 21.93
N LYS A 41 28.95 -48.16 22.82
CA LYS A 41 28.85 -49.36 23.67
C LYS A 41 28.77 -50.59 22.76
N GLU A 42 27.94 -50.50 21.71
CA GLU A 42 27.72 -51.54 20.71
C GLU A 42 28.97 -51.74 19.81
N VAL A 43 29.63 -50.65 19.35
CA VAL A 43 30.84 -50.70 18.51
C VAL A 43 31.98 -51.33 19.33
N PHE A 44 32.13 -50.92 20.62
CA PHE A 44 33.20 -51.44 21.47
C PHE A 44 33.00 -52.94 21.82
N SER A 45 31.76 -53.43 21.93
CA SER A 45 31.53 -54.84 22.26
C SER A 45 31.72 -55.73 21.06
N LYS A 46 31.31 -55.25 19.89
CA LYS A 46 31.41 -55.93 18.60
C LYS A 46 32.87 -55.98 18.11
N ASN A 47 33.76 -55.06 18.54
CA ASN A 47 35.16 -55.02 18.09
C ASN A 47 36.14 -55.30 19.25
N GLY A 48 35.63 -55.76 20.39
CA GLY A 48 36.45 -56.10 21.57
C GLY A 48 37.28 -54.96 22.12
N ILE A 49 36.70 -53.76 22.19
CA ILE A 49 37.38 -52.60 22.74
C ILE A 49 37.06 -52.54 24.24
N THR A 50 38.10 -52.68 25.07
CA THR A 50 38.02 -52.66 26.53
C THR A 50 38.88 -51.49 27.06
N GLY A 51 38.99 -51.41 28.39
CA GLY A 51 39.78 -50.39 29.07
C GLY A 51 41.28 -50.61 28.92
N ASP A 52 41.67 -51.77 28.39
CA ASP A 52 43.08 -52.09 28.20
C ASP A 52 43.49 -52.05 26.72
N SER A 53 42.53 -51.80 25.81
CA SER A 53 42.76 -51.79 24.36
C SER A 53 43.70 -50.66 23.94
N ILE A 54 43.60 -49.48 24.58
CA ILE A 54 44.44 -48.32 24.23
C ILE A 54 45.59 -48.20 25.22
N GLN A 55 46.81 -48.47 24.75
CA GLN A 55 48.06 -48.36 25.52
C GLN A 55 48.99 -47.34 24.87
N SER A 56 48.76 -47.06 23.58
CA SER A 56 49.49 -46.08 22.74
C SER A 56 48.51 -45.37 21.81
N LEU A 57 48.95 -44.26 21.20
CA LEU A 57 48.14 -43.50 20.27
C LEU A 57 47.83 -44.31 18.99
N ASP A 58 48.72 -45.25 18.60
CA ASP A 58 48.52 -46.11 17.42
C ASP A 58 47.39 -47.12 17.62
N ASP A 59 47.07 -47.46 18.89
CA ASP A 59 46.00 -48.37 19.25
C ASP A 59 44.61 -47.82 18.86
N ILE A 60 44.51 -46.53 18.50
CA ILE A 60 43.24 -45.94 18.07
C ILE A 60 42.75 -46.63 16.78
N ARG A 61 43.69 -47.16 15.97
CA ARG A 61 43.42 -47.82 14.70
C ARG A 61 42.72 -49.17 14.92
N LYS A 62 42.56 -49.60 16.19
CA LYS A 62 41.78 -50.79 16.54
C LYS A 62 40.29 -50.51 16.44
N ILE A 63 39.90 -49.21 16.56
CA ILE A 63 38.51 -48.76 16.56
C ILE A 63 38.05 -48.43 15.12
N PRO A 64 36.86 -48.90 14.69
CA PRO A 64 36.38 -48.54 13.35
C PRO A 64 36.08 -47.04 13.21
N PHE A 65 35.90 -46.57 11.97
CA PHE A 65 35.59 -45.16 11.75
C PHE A 65 34.16 -44.88 12.07
N THR A 66 33.86 -43.63 12.46
CA THR A 66 32.49 -43.14 12.63
C THR A 66 32.18 -42.33 11.39
N THR A 67 31.09 -42.67 10.72
CA THR A 67 30.66 -41.98 9.51
C THR A 67 29.41 -41.18 9.80
N LYS A 68 29.13 -40.24 8.91
CA LYS A 68 27.95 -39.41 8.90
C LYS A 68 26.70 -40.32 8.82
N SER A 69 26.77 -41.37 8.01
CA SER A 69 25.72 -42.37 7.82
C SER A 69 25.38 -43.05 9.16
N ASP A 70 26.41 -43.40 9.96
CA ASP A 70 26.26 -44.01 11.28
C ASP A 70 25.55 -43.04 12.20
N ARG A 72 23.58 -40.42 11.30
CA ARG A 72 22.18 -40.23 10.84
C ARG A 72 21.32 -41.37 11.31
N ALA A 73 21.86 -42.58 11.30
CA ALA A 73 21.19 -43.81 11.71
C ALA A 73 20.92 -43.81 13.21
N ASN A 74 21.67 -43.01 13.99
CA ASN A 74 21.55 -42.95 15.44
C ASN A 74 20.94 -41.63 15.91
N TYR A 75 20.26 -40.94 15.00
CA TYR A 75 19.61 -39.67 15.25
C TYR A 75 18.40 -39.84 16.18
N PRO A 76 18.22 -38.93 17.18
CA PRO A 76 19.08 -37.78 17.52
C PRO A 76 20.14 -37.99 18.62
N PHE A 77 19.94 -38.94 19.58
CA PHE A 77 20.84 -38.96 20.73
C PHE A 77 21.60 -40.29 20.95
N GLY A 78 21.72 -41.13 19.93
CA GLY A 78 22.43 -42.39 19.99
C GLY A 78 23.91 -42.34 20.39
N LEU A 79 24.58 -41.19 20.18
CA LEU A 79 25.99 -41.02 20.51
C LEU A 79 26.17 -40.14 21.76
N VAL A 80 25.09 -39.83 22.48
CA VAL A 80 25.20 -39.05 23.73
C VAL A 80 25.75 -39.98 24.80
N ALA A 81 26.95 -39.64 25.34
CA ALA A 81 27.62 -40.47 26.35
C ALA A 81 27.37 -39.97 27.79
N GLY A 82 27.22 -38.66 28.00
CA GLY A 82 26.98 -38.10 29.33
C GLY A 82 25.53 -38.16 29.79
N ASP A 83 25.23 -37.46 30.91
CA ASP A 83 23.85 -37.39 31.44
C ASP A 83 23.23 -36.14 30.88
N LYS A 85 20.09 -35.09 30.63
CA LYS A 85 19.04 -34.45 31.42
C LYS A 85 19.62 -33.61 32.56
N ARG A 86 20.71 -34.08 33.17
CA ARG A 86 21.34 -33.38 34.29
CA ARG A 86 21.35 -33.40 34.29
C ARG A 86 22.34 -32.31 33.83
N ASP A 87 23.13 -32.59 32.73
CA ASP A 87 24.23 -31.70 32.33
C ASP A 87 24.20 -31.14 30.89
N GLY A 88 23.27 -31.56 30.04
CA GLY A 88 23.21 -31.03 28.68
C GLY A 88 22.74 -29.58 28.65
N VAL A 89 23.44 -28.68 27.95
CA VAL A 89 23.06 -27.24 27.97
C VAL A 89 22.85 -26.71 26.52
N ARG A 90 23.29 -27.43 25.46
CA ARG A 90 23.02 -26.97 24.12
C ARG A 90 23.00 -28.09 23.10
N ILE A 91 22.10 -27.98 22.11
CA ILE A 91 21.99 -28.85 20.95
C ILE A 91 22.26 -28.05 19.67
N HIS A 92 23.22 -28.47 18.82
CA HIS A 92 23.48 -27.91 17.50
C HIS A 92 23.04 -28.90 16.46
N SER A 93 22.22 -28.44 15.52
CA SER A 93 21.63 -29.31 14.51
C SER A 93 21.96 -28.86 13.12
N SER A 94 22.14 -29.83 12.19
CA SER A 94 22.39 -29.48 10.80
C SER A 94 21.01 -29.26 10.11
N SER A 95 21.02 -28.71 8.87
CA SER A 95 19.83 -28.34 8.12
C SER A 95 18.95 -29.55 7.71
N GLY A 96 17.68 -29.25 7.42
CA GLY A 96 16.74 -30.21 6.88
C GLY A 96 15.67 -30.84 7.75
N THR A 97 14.67 -31.41 7.03
CA THR A 97 13.50 -32.14 7.51
C THR A 97 13.25 -33.35 6.58
N THR A 98 13.94 -33.40 5.42
CA THR A 98 13.79 -34.47 4.41
C THR A 98 14.48 -35.76 4.90
N GLY A 99 15.64 -35.63 5.55
CA GLY A 99 16.41 -36.74 6.12
C GLY A 99 16.70 -36.52 7.59
N ASN A 100 17.53 -37.39 8.19
CA ASN A 100 17.91 -37.22 9.60
C ASN A 100 19.10 -36.28 9.71
N PRO A 101 18.95 -35.09 10.32
CA PRO A 101 20.12 -34.20 10.46
C PRO A 101 21.13 -34.70 11.50
N THR A 102 22.23 -33.97 11.64
CA THR A 102 23.33 -34.18 12.57
C THR A 102 23.08 -33.33 13.80
N VAL A 103 23.17 -33.95 14.96
CA VAL A 103 22.96 -33.29 16.24
C VAL A 103 24.22 -33.46 17.10
N ILE A 104 24.76 -32.35 17.65
CA ILE A 104 25.88 -32.34 18.60
C ILE A 104 25.33 -31.78 19.90
N VAL A 105 25.43 -32.56 20.99
CA VAL A 105 24.95 -32.15 22.31
C VAL A 105 26.18 -31.76 23.13
N HIS A 106 26.09 -30.61 23.78
CA HIS A 106 27.16 -30.04 24.61
C HIS A 106 26.73 -29.86 26.03
N SER A 107 27.69 -30.04 26.95
CA SER A 107 27.59 -29.70 28.36
C SER A 107 28.26 -28.35 28.58
N GLN A 108 28.21 -27.80 29.79
CA GLN A 108 28.88 -26.52 30.07
C GLN A 108 30.42 -26.67 29.84
N HIS A 109 31.02 -27.80 30.27
CA HIS A 109 32.42 -28.10 30.05
C HIS A 109 32.78 -27.96 28.55
N ASP A 110 31.98 -28.61 27.69
CA ASP A 110 32.16 -28.63 26.24
C ASP A 110 32.07 -27.21 25.65
N LEU A 111 31.10 -26.37 26.10
CA LEU A 111 30.98 -24.99 25.63
C LEU A 111 32.18 -24.14 26.06
N ASP A 112 32.68 -24.35 27.29
CA ASP A 112 33.84 -23.63 27.82
C ASP A 112 35.13 -24.01 27.08
N SER A 113 35.29 -25.32 26.75
CA SER A 113 36.43 -25.85 25.99
C SER A 113 36.44 -25.25 24.57
N TRP A 114 35.23 -25.19 23.98
CA TRP A 114 34.99 -24.66 22.64
C TRP A 114 35.34 -23.19 22.59
N ALA A 115 34.83 -22.40 23.54
CA ALA A 115 35.03 -20.94 23.59
C ALA A 115 36.52 -20.61 23.85
N ASN A 116 37.22 -21.46 24.63
CA ASN A 116 38.64 -21.25 24.91
C ASN A 116 39.47 -21.48 23.64
N LEU A 117 39.10 -22.46 22.80
CA LEU A 117 39.80 -22.71 21.53
C LEU A 117 39.62 -21.56 20.56
N VAL A 118 38.40 -20.95 20.49
CA VAL A 118 38.14 -19.83 19.57
C VAL A 118 38.95 -18.62 20.05
N ALA A 119 38.96 -18.36 21.36
CA ALA A 119 39.74 -17.27 21.96
C ALA A 119 41.23 -17.47 21.67
N ARG A 120 41.72 -18.71 21.77
CA ARG A 120 43.12 -19.09 21.48
C ARG A 120 43.47 -18.75 20.02
N CYS A 121 42.56 -19.06 19.08
CA CYS A 121 42.70 -18.80 17.63
C CYS A 121 42.79 -17.32 17.38
N LEU A 122 41.81 -16.54 17.88
CA LEU A 122 41.72 -15.09 17.69
C LEU A 122 42.94 -14.38 18.27
N TYR A 123 43.40 -14.81 19.44
CA TYR A 123 44.58 -14.22 20.10
C TYR A 123 45.85 -14.44 19.27
N VAL A 125 46.25 -14.62 16.04
CA VAL A 125 46.38 -13.79 14.86
C VAL A 125 46.41 -12.29 15.25
N GLY A 126 46.55 -12.00 16.54
CA GLY A 126 46.76 -10.66 17.07
C GLY A 126 45.56 -9.86 17.57
N ILE A 127 44.38 -10.48 17.63
CA ILE A 127 43.16 -9.84 18.12
C ILE A 127 43.29 -9.79 19.65
N ARG A 128 42.92 -8.62 20.23
CA ARG A 128 42.99 -8.31 21.66
C ARG A 128 41.62 -7.82 22.15
N LYS A 129 41.46 -7.62 23.49
CA LYS A 129 40.16 -7.19 24.04
C LYS A 129 39.80 -5.76 23.55
N THR A 130 40.80 -4.97 23.09
CA THR A 130 40.59 -3.60 22.60
C THR A 130 40.03 -3.58 21.18
N ASP A 131 39.93 -4.77 20.56
CA ASP A 131 39.40 -4.85 19.22
C ASP A 131 37.86 -4.84 19.26
N VAL A 132 37.29 -4.36 18.17
CA VAL A 132 35.86 -4.35 17.90
C VAL A 132 35.67 -5.48 16.87
N PHE A 133 35.13 -6.61 17.34
CA PHE A 133 34.96 -7.81 16.54
C PHE A 133 33.52 -7.91 16.01
N GLN A 134 33.37 -7.94 14.68
CA GLN A 134 32.07 -8.07 14.03
C GLN A 134 31.92 -9.48 13.42
N ASN A 135 30.83 -10.18 13.78
CA ASN A 135 30.55 -11.52 13.28
C ASN A 135 29.41 -11.47 12.23
N SER A 136 29.77 -11.55 10.93
CA SER A 136 28.76 -11.52 9.84
C SER A 136 28.25 -12.95 9.49
N SER A 137 28.52 -13.95 10.35
CA SER A 137 28.01 -15.31 10.20
C SER A 137 26.57 -15.39 10.70
N GLY A 138 25.81 -16.34 10.16
CA GLY A 138 24.46 -16.63 10.63
C GLY A 138 24.53 -17.19 12.05
N TYR A 139 23.53 -16.83 12.88
CA TYR A 139 23.45 -17.28 14.28
C TYR A 139 22.47 -18.47 14.33
N GLY A 140 21.71 -18.63 15.42
CA GLY A 140 20.80 -19.77 15.57
C GLY A 140 21.55 -21.09 15.60
N PHE A 142 23.59 -22.26 13.40
CA PHE A 142 24.92 -22.10 12.81
C PHE A 142 25.95 -21.96 13.93
N THR A 143 26.93 -22.86 13.91
CA THR A 143 27.95 -22.92 14.94
C THR A 143 28.91 -21.73 14.81
N GLY A 144 29.02 -21.12 13.61
CA GLY A 144 29.85 -19.94 13.37
C GLY A 144 29.38 -18.73 14.17
N GLY A 145 28.06 -18.69 14.43
CA GLY A 145 27.38 -17.62 15.16
C GLY A 145 27.77 -17.63 16.61
N LEU A 146 27.18 -18.54 17.38
CA LEU A 146 27.43 -18.67 18.82
C LEU A 146 28.90 -19.05 19.11
N GLY A 147 29.55 -19.76 18.22
CA GLY A 147 30.98 -20.12 18.36
C GLY A 147 31.94 -18.96 18.39
N PHE A 148 31.85 -18.04 17.40
CA PHE A 148 32.70 -16.85 17.43
C PHE A 148 32.23 -15.86 18.49
N GLN A 149 30.89 -15.78 18.73
CA GLN A 149 30.32 -14.88 19.74
C GLN A 149 30.91 -15.19 21.14
N TYR A 150 30.93 -16.46 21.54
CA TYR A 150 31.45 -16.90 22.85
C TYR A 150 32.98 -16.78 22.92
N GLY A 151 33.68 -17.20 21.85
CA GLY A 151 35.14 -17.10 21.78
C GLY A 151 35.65 -15.67 21.89
N ALA A 152 35.03 -14.75 21.13
CA ALA A 152 35.39 -13.32 21.12
C ALA A 152 35.07 -12.67 22.46
N GLU A 153 33.95 -13.09 23.12
CA GLU A 153 33.62 -12.55 24.45
C GLU A 153 34.60 -13.08 25.48
N ARG A 154 35.02 -14.36 25.34
CA ARG A 154 36.00 -14.98 26.25
C ARG A 154 37.34 -14.22 26.14
N LEU A 155 37.72 -13.84 24.92
CA LEU A 155 38.93 -13.04 24.69
C LEU A 155 38.76 -11.63 25.30
N GLY A 156 37.55 -11.06 25.15
CA GLY A 156 37.20 -9.74 25.68
C GLY A 156 36.88 -8.67 24.64
N CYS A 157 36.84 -9.01 23.33
CA CYS A 157 36.53 -8.05 22.28
C CYS A 157 35.20 -7.36 22.53
N LEU A 158 35.06 -6.12 22.02
CA LEU A 158 33.78 -5.45 21.97
C LEU A 158 33.09 -6.06 20.74
N THR A 159 32.19 -7.04 20.95
CA THR A 159 31.57 -7.77 19.85
C THR A 159 30.32 -7.06 19.32
N VAL A 160 30.16 -7.16 18.00
CA VAL A 160 29.06 -6.64 17.18
C VAL A 160 28.36 -7.86 16.55
N PRO A 161 27.31 -8.42 17.18
CA PRO A 161 26.68 -9.64 16.61
C PRO A 161 25.77 -9.29 15.41
N ALA A 162 26.38 -8.80 14.31
CA ALA A 162 25.73 -8.37 13.06
C ALA A 162 24.86 -9.48 12.43
N ALA A 163 25.36 -10.72 12.47
CA ALA A 163 24.78 -11.91 11.84
C ALA A 163 24.85 -11.75 10.28
N ALA A 164 24.25 -12.70 9.53
CA ALA A 164 24.28 -12.75 8.06
C ALA A 164 23.51 -11.58 7.39
N GLY A 165 23.92 -11.30 6.16
CA GLY A 165 23.34 -10.34 5.22
C GLY A 165 23.26 -8.89 5.62
N ASN A 166 22.47 -8.14 4.82
CA ASN A 166 22.21 -6.70 4.90
C ASN A 166 23.55 -5.95 4.88
N SER A 167 24.23 -5.99 3.72
CA SER A 167 25.57 -5.41 3.49
C SER A 167 25.64 -3.92 3.84
N LYS A 168 24.58 -3.13 3.54
CA LYS A 168 24.58 -1.71 3.90
C LYS A 168 24.65 -1.53 5.43
N ARG A 169 23.97 -2.39 6.19
CA ARG A 169 24.01 -2.33 7.67
C ARG A 169 25.40 -2.83 8.18
N GLN A 170 26.05 -3.77 7.46
CA GLN A 170 27.39 -4.27 7.83
C GLN A 170 28.45 -3.15 7.76
N ILE A 171 28.36 -2.33 6.72
CA ILE A 171 29.24 -1.19 6.42
C ILE A 171 28.94 -0.06 7.42
N LYS A 172 27.67 0.11 7.81
CA LYS A 172 27.25 1.11 8.79
C LYS A 172 27.88 0.76 10.15
N PHE A 173 27.81 -0.52 10.58
CA PHE A 173 28.41 -0.99 11.83
C PHE A 173 29.92 -0.75 11.85
N ILE A 174 30.63 -1.07 10.74
CA ILE A 174 32.08 -0.90 10.63
C ILE A 174 32.43 0.59 10.76
N SER A 175 31.68 1.46 10.08
CA SER A 175 31.89 2.91 10.06
C SER A 175 31.57 3.54 11.42
N ASP A 176 30.39 3.25 12.00
CA ASP A 176 29.92 3.85 13.25
C ASP A 176 30.52 3.22 14.51
N PHE A 177 30.82 1.90 14.52
CA PHE A 177 31.33 1.26 15.75
C PHE A 177 32.85 1.10 15.70
N LYS A 178 33.48 1.47 14.57
CA LYS A 178 34.93 1.42 14.32
C LYS A 178 35.45 -0.01 14.50
N THR A 179 34.85 -0.95 13.74
CA THR A 179 35.20 -2.38 13.72
C THR A 179 36.63 -2.54 13.27
N THR A 180 37.40 -3.44 13.92
CA THR A 180 38.81 -3.66 13.60
C THR A 180 39.04 -5.11 13.17
N ALA A 181 38.21 -6.05 13.66
CA ALA A 181 38.29 -7.48 13.33
C ALA A 181 36.94 -7.98 12.79
N LEU A 182 36.96 -8.62 11.63
CA LEU A 182 35.73 -9.06 11.00
C LEU A 182 35.78 -10.54 10.62
N HIS A 183 34.70 -11.25 10.93
CA HIS A 183 34.53 -12.63 10.52
C HIS A 183 33.51 -12.67 9.37
N ALA A 184 33.97 -13.14 8.21
CA ALA A 184 33.14 -13.29 7.03
C ALA A 184 33.58 -14.43 6.17
N ILE A 185 32.67 -15.00 5.36
CA ILE A 185 33.05 -16.00 4.38
C ILE A 185 33.79 -15.22 3.24
N PRO A 186 34.84 -15.79 2.64
CA PRO A 186 35.64 -15.06 1.64
C PRO A 186 34.82 -14.33 0.55
N SER A 187 33.79 -14.98 -0.03
CA SER A 187 32.99 -14.33 -1.08
C SER A 187 32.21 -13.13 -0.53
N TYR A 188 31.78 -13.16 0.74
CA TYR A 188 31.06 -12.04 1.34
C TYR A 188 32.02 -10.89 1.69
N ALA A 189 33.28 -11.21 2.00
CA ALA A 189 34.30 -10.21 2.28
C ALA A 189 34.53 -9.32 1.02
N ILE A 190 34.50 -9.92 -0.18
CA ILE A 190 34.65 -9.22 -1.46
C ILE A 190 33.41 -8.33 -1.71
N ARG A 191 32.19 -8.88 -1.50
CA ARG A 191 30.92 -8.15 -1.67
C ARG A 191 30.91 -6.87 -0.84
N LEU A 192 31.36 -6.93 0.45
CA LEU A 192 31.41 -5.79 1.38
C LEU A 192 32.34 -4.68 0.84
N ALA A 193 33.50 -5.04 0.23
CA ALA A 193 34.42 -4.06 -0.37
C ALA A 193 33.74 -3.32 -1.55
N GLU A 194 32.90 -4.05 -2.32
CA GLU A 194 32.16 -3.50 -3.46
C GLU A 194 31.08 -2.57 -2.98
N VAL A 195 30.34 -2.97 -1.91
CA VAL A 195 29.25 -2.19 -1.34
C VAL A 195 29.84 -0.88 -0.78
N PHE A 196 31.04 -0.92 -0.13
CA PHE A 196 31.75 0.29 0.34
C PHE A 196 31.95 1.31 -0.80
N GLN A 197 32.45 0.86 -1.97
CA GLN A 197 32.68 1.71 -3.18
C GLN A 197 31.35 2.27 -3.72
N GLU A 198 30.27 1.43 -3.75
CA GLU A 198 28.91 1.82 -4.16
C GLU A 198 28.38 2.95 -3.28
N GLU A 199 28.74 2.95 -1.99
CA GLU A 199 28.33 3.95 -1.00
C GLU A 199 29.36 5.11 -0.91
N GLY A 200 30.31 5.16 -1.87
CA GLY A 200 31.35 6.18 -1.93
C GLY A 200 32.37 6.19 -0.81
N ILE A 201 32.71 5.01 -0.25
CA ILE A 201 33.71 4.86 0.81
C ILE A 201 34.92 4.08 0.25
N ASP A 202 36.17 4.52 0.57
CA ASP A 202 37.38 3.82 0.14
C ASP A 202 37.53 2.57 1.03
N PRO A 203 37.41 1.33 0.46
CA PRO A 203 37.48 0.13 1.31
C PRO A 203 38.85 -0.09 1.97
N ARG A 204 39.90 0.60 1.47
CA ARG A 204 41.25 0.53 2.04
C ARG A 204 41.45 1.55 3.16
N GLU A 205 40.49 2.48 3.38
CA GLU A 205 40.67 3.53 4.38
C GLU A 205 39.68 3.42 5.55
N THR A 206 39.27 2.20 5.92
CA THR A 206 38.37 1.98 7.06
C THR A 206 39.21 1.63 8.30
N THR A 207 38.53 1.38 9.43
CA THR A 207 39.14 0.99 10.70
C THR A 207 39.51 -0.51 10.73
N LEU A 208 39.12 -1.28 9.69
CA LEU A 208 39.41 -2.72 9.63
C LEU A 208 40.90 -3.00 9.59
N LYS A 209 41.35 -3.98 10.38
CA LYS A 209 42.75 -4.39 10.41
C LYS A 209 42.90 -5.90 10.16
N THR A 210 42.03 -6.73 10.78
CA THR A 210 42.13 -8.19 10.68
C THR A 210 40.83 -8.82 10.19
N LEU A 211 40.94 -9.76 9.27
CA LEU A 211 39.82 -10.53 8.76
C LEU A 211 40.01 -12.01 9.05
N VAL A 212 38.95 -12.65 9.50
CA VAL A 212 38.91 -14.10 9.76
C VAL A 212 38.00 -14.67 8.71
N ILE A 213 38.55 -15.51 7.83
CA ILE A 213 37.74 -16.10 6.76
C ILE A 213 37.78 -17.63 6.86
N GLY A 214 36.65 -18.25 6.57
CA GLY A 214 36.56 -19.71 6.53
C GLY A 214 35.27 -20.17 5.89
N ALA A 215 34.76 -21.35 6.31
CA ALA A 215 33.51 -22.00 5.89
C ALA A 215 33.55 -22.45 4.44
N GLU A 216 34.32 -21.78 3.55
CA GLU A 216 34.32 -22.22 2.17
C GLU A 216 35.75 -22.33 1.60
N PRO A 217 35.97 -23.35 0.74
CA PRO A 217 37.29 -23.48 0.09
C PRO A 217 37.56 -22.29 -0.81
N HIS A 218 38.78 -21.77 -0.73
CA HIS A 218 39.22 -20.61 -1.50
C HIS A 218 40.70 -20.71 -1.69
N THR A 219 41.22 -20.06 -2.74
CA THR A 219 42.64 -20.12 -3.03
C THR A 219 43.40 -19.06 -2.23
N ASP A 220 44.74 -19.13 -2.23
CA ASP A 220 45.59 -18.14 -1.56
C ASP A 220 45.49 -16.80 -2.27
N GLU A 221 45.38 -16.83 -3.63
CA GLU A 221 45.27 -15.62 -4.43
C GLU A 221 43.96 -14.91 -4.10
N GLN A 222 42.87 -15.67 -3.82
CA GLN A 222 41.58 -15.09 -3.42
C GLN A 222 41.73 -14.35 -2.08
N ARG A 223 42.48 -14.94 -1.12
CA ARG A 223 42.71 -14.32 0.19
C ARG A 223 43.56 -13.04 0.03
N ARG A 224 44.61 -13.11 -0.77
CA ARG A 224 45.50 -11.96 -1.03
C ARG A 224 44.72 -10.82 -1.74
N LYS A 225 43.73 -11.17 -2.61
CA LYS A 225 42.84 -10.21 -3.28
C LYS A 225 42.03 -9.44 -2.22
N ILE A 226 41.49 -10.16 -1.24
CA ILE A 226 40.72 -9.60 -0.13
C ILE A 226 41.63 -8.66 0.68
N GLU A 227 42.87 -9.09 0.97
CA GLU A 227 43.82 -8.26 1.71
C GLU A 227 44.10 -6.93 1.00
N ARG A 228 44.20 -6.94 -0.35
CA ARG A 228 44.48 -5.74 -1.15
C ARG A 228 43.26 -4.84 -1.18
N LEU A 230 40.68 -4.50 0.94
CA LEU A 230 40.29 -3.91 2.22
C LEU A 230 41.50 -3.43 3.05
N ASN A 231 42.75 -3.60 2.54
CA ASN A 231 44.01 -3.22 3.24
C ASN A 231 44.00 -3.83 4.67
N VAL A 232 43.87 -5.17 4.72
CA VAL A 232 43.80 -5.96 5.96
C VAL A 232 44.71 -7.17 5.86
N LYS A 233 44.91 -7.85 6.99
CA LYS A 233 45.52 -9.17 7.11
C LYS A 233 44.36 -10.15 7.27
N ALA A 234 44.24 -11.13 6.36
CA ALA A 234 43.16 -12.11 6.38
C ALA A 234 43.72 -13.48 6.78
N TYR A 235 43.03 -14.19 7.69
CA TYR A 235 43.49 -15.49 8.19
C TYR A 235 42.50 -16.61 7.97
N ASN A 236 43.01 -17.78 7.53
CA ASN A 236 42.16 -18.93 7.29
C ASN A 236 41.86 -19.64 8.62
N SER A 237 40.57 -19.94 8.75
CA SER A 237 39.86 -20.56 9.86
C SER A 237 39.22 -21.85 9.42
N PHE A 238 39.55 -22.96 10.07
CA PHE A 238 38.90 -24.23 9.78
C PHE A 238 38.03 -24.69 10.97
N GLY A 239 36.89 -25.28 10.65
CA GLY A 239 35.97 -25.83 11.64
C GLY A 239 34.84 -26.63 11.03
N THR A 241 30.77 -28.45 12.60
CA THR A 241 29.84 -28.65 13.74
C THR A 241 30.21 -29.87 14.58
N GLU A 242 30.57 -31.02 13.94
CA GLU A 242 30.92 -32.28 14.61
C GLU A 242 32.10 -32.09 15.55
N ASN A 244 32.79 -29.10 16.91
CA ASN A 244 32.25 -27.91 17.63
C ASN A 244 31.73 -26.88 16.67
N GLY A 245 32.61 -26.45 15.77
CA GLY A 245 32.39 -25.43 14.77
C GLY A 245 33.71 -24.71 14.60
N PRO A 246 33.76 -23.36 14.73
CA PRO A 246 35.07 -22.68 14.64
C PRO A 246 36.02 -23.10 15.79
N GLY A 247 37.31 -22.81 15.61
CA GLY A 247 38.36 -23.08 16.60
C GLY A 247 39.13 -24.39 16.49
N VAL A 248 38.90 -25.18 15.42
CA VAL A 248 39.51 -26.50 15.26
C VAL A 248 40.99 -26.34 14.77
N ALA A 249 41.20 -25.60 13.66
CA ALA A 249 42.48 -25.27 13.05
C ALA A 249 42.43 -23.85 12.50
N PHE A 250 43.55 -23.16 12.57
CA PHE A 250 43.62 -21.76 12.23
C PHE A 250 45.04 -21.37 11.89
N GLU A 251 45.21 -20.48 10.92
CA GLU A 251 46.53 -19.97 10.53
C GLU A 251 47.13 -19.15 11.63
N CYS A 252 48.46 -19.14 11.72
CA CYS A 252 49.16 -18.25 12.65
C CYS A 252 49.53 -17.00 11.86
N GLN A 253 50.32 -16.08 12.41
CA GLN A 253 50.68 -14.85 11.70
C GLN A 253 51.66 -15.13 10.53
N GLU A 254 52.15 -16.36 10.38
CA GLU A 254 53.00 -16.80 9.25
C GLU A 254 52.18 -17.06 7.98
N GLN A 255 50.84 -17.25 8.13
CA GLN A 255 49.89 -17.52 7.03
C GLN A 255 50.42 -18.65 6.15
N ASN A 256 50.89 -19.73 6.78
CA ASN A 256 51.44 -20.89 6.08
C ASN A 256 51.04 -22.16 6.81
N GLY A 257 49.85 -22.65 6.48
CA GLY A 257 49.28 -23.84 7.08
C GLY A 257 48.46 -23.50 8.30
N HIS A 259 47.33 -24.38 12.04
CA HIS A 259 47.66 -25.12 13.25
C HIS A 259 46.43 -25.82 13.77
N PHE A 260 46.53 -27.14 13.94
CA PHE A 260 45.46 -27.97 14.49
C PHE A 260 45.68 -28.11 15.98
N TRP A 261 44.69 -27.79 16.83
CA TRP A 261 44.91 -27.87 18.28
C TRP A 261 44.84 -29.34 18.73
N GLU A 262 46.01 -29.92 18.86
CA GLU A 262 46.21 -31.35 19.16
C GLU A 262 45.95 -31.71 20.62
N ASP A 263 45.80 -30.72 21.51
CA ASP A 263 45.42 -31.01 22.88
C ASP A 263 43.90 -31.34 22.95
N CYS A 264 43.10 -30.94 21.90
CA CYS A 264 41.67 -31.17 21.89
C CYS A 264 41.24 -32.09 20.72
N TYR A 265 42.16 -32.40 19.76
CA TYR A 265 41.85 -33.26 18.62
C TYR A 265 42.99 -34.19 18.30
N LEU A 266 42.67 -35.45 17.94
CA LEU A 266 43.66 -36.42 17.46
C LEU A 266 43.43 -36.49 15.97
N VAL A 267 44.42 -36.04 15.20
CA VAL A 267 44.38 -35.90 13.74
C VAL A 267 45.00 -37.13 13.06
N GLU A 268 44.24 -37.74 12.13
CA GLU A 268 44.70 -38.83 11.25
C GLU A 268 44.43 -38.46 9.78
N ILE A 269 45.34 -38.83 8.87
CA ILE A 269 45.17 -38.64 7.42
C ILE A 269 45.12 -40.05 6.82
N ILE A 270 43.98 -40.43 6.22
CA ILE A 270 43.85 -41.79 5.70
C ILE A 270 43.67 -41.78 4.20
N ASP A 271 43.95 -42.92 3.56
CA ASP A 271 43.66 -43.17 2.15
C ASP A 271 42.14 -43.31 2.06
N PRO A 272 41.44 -42.48 1.27
CA PRO A 272 39.97 -42.57 1.27
C PRO A 272 39.45 -43.92 0.79
N GLU A 273 40.26 -44.67 0.02
CA GLU A 273 39.88 -45.97 -0.48
C GLU A 273 40.17 -47.06 0.56
N THR A 274 41.46 -47.27 0.90
CA THR A 274 41.93 -48.33 1.79
C THR A 274 41.58 -48.11 3.29
N GLY A 275 41.56 -46.87 3.78
CA GLY A 275 41.33 -46.54 5.19
C GLY A 275 42.62 -46.60 6.02
N GLU A 276 43.75 -46.82 5.35
CA GLU A 276 45.07 -46.91 5.97
C GLU A 276 45.72 -45.55 6.07
N PRO A 277 46.63 -45.32 7.06
CA PRO A 277 47.29 -43.98 7.15
C PRO A 277 48.08 -43.66 5.90
N VAL A 278 48.02 -42.40 5.41
CA VAL A 278 48.83 -42.07 4.23
C VAL A 278 50.31 -41.82 4.66
N PRO A 279 51.31 -41.97 3.75
CA PRO A 279 52.69 -41.58 4.12
C PRO A 279 52.73 -40.10 4.53
N GLU A 280 53.57 -39.79 5.54
CA GLU A 280 53.68 -38.43 6.11
C GLU A 280 53.83 -37.36 5.01
N GLY A 281 52.87 -36.46 4.95
CA GLY A 281 52.87 -35.33 4.02
C GLY A 281 52.10 -35.46 2.72
N GLU A 282 51.44 -36.60 2.50
CA GLU A 282 50.66 -36.82 1.29
CA GLU A 282 50.65 -36.84 1.29
C GLU A 282 49.19 -36.48 1.53
N ILE A 283 48.44 -36.24 0.48
CA ILE A 283 47.02 -35.87 0.57
C ILE A 283 46.19 -37.12 0.91
N GLY A 284 45.28 -36.94 1.84
CA GLY A 284 44.35 -37.97 2.25
C GLY A 284 43.14 -37.37 2.94
N GLU A 285 42.27 -38.23 3.46
CA GLU A 285 41.07 -37.81 4.14
C GLU A 285 41.36 -37.56 5.63
N LEU A 286 40.86 -36.44 6.13
CA LEU A 286 41.02 -36.01 7.52
C LEU A 286 40.04 -36.80 8.41
N VAL A 287 40.58 -37.53 9.38
CA VAL A 287 39.83 -38.37 10.32
C VAL A 287 40.16 -37.83 11.69
N LEU A 288 39.12 -37.41 12.43
CA LEU A 288 39.31 -36.71 13.70
C LEU A 288 38.63 -37.39 14.89
N THR A 289 39.25 -37.23 16.06
CA THR A 289 38.81 -37.71 17.37
C THR A 289 38.85 -36.56 18.35
N THR A 290 37.74 -36.32 19.07
CA THR A 290 37.67 -35.29 20.10
C THR A 290 38.46 -35.78 21.31
N LEU A 291 39.20 -34.89 21.96
CA LEU A 291 39.98 -35.26 23.13
C LEU A 291 39.53 -34.47 24.38
N ASP A 292 38.67 -33.45 24.26
CA ASP A 292 38.24 -32.67 25.42
C ASP A 292 36.68 -32.55 25.49
N ARG A 293 35.93 -33.27 24.65
CA ARG A 293 34.45 -33.27 24.70
C ARG A 293 33.96 -34.39 25.63
N GLU A 294 32.98 -34.10 26.47
CA GLU A 294 32.48 -35.07 27.45
C GLU A 294 31.04 -35.52 27.19
N PRO A 297 31.43 -37.37 22.80
CA PRO A 297 32.70 -37.47 22.08
C PRO A 297 32.53 -38.14 20.71
N LEU A 298 33.39 -37.83 19.75
CA LEU A 298 33.41 -38.43 18.43
C LEU A 298 34.75 -39.08 18.22
N ILE A 299 34.75 -40.38 17.83
CA ILE A 299 35.97 -41.16 17.68
C ILE A 299 36.13 -41.53 16.22
N ARG A 300 37.30 -41.17 15.67
CA ARG A 300 37.73 -41.43 14.30
C ARG A 300 36.61 -41.06 13.32
N TYR A 301 36.13 -39.84 13.42
CA TYR A 301 35.10 -39.34 12.55
C TYR A 301 35.69 -39.02 11.16
N ARG A 302 35.13 -39.66 10.13
CA ARG A 302 35.50 -39.42 8.73
C ARG A 302 34.84 -38.13 8.23
N THR A 303 35.62 -37.04 8.20
CA THR A 303 35.21 -35.68 7.79
C THR A 303 34.88 -35.56 6.30
N ARG A 304 35.52 -36.40 5.48
CA ARG A 304 35.46 -36.45 4.00
C ARG A 304 36.29 -35.28 3.42
N ASP A 305 36.95 -34.46 4.28
CA ASP A 305 37.81 -33.35 3.85
C ASP A 305 39.20 -33.87 3.46
N LEU A 306 39.67 -33.47 2.28
CA LEU A 306 40.98 -33.89 1.78
C LEU A 306 42.02 -32.81 2.03
N THR A 307 43.13 -33.20 2.66
CA THR A 307 44.22 -32.27 2.96
C THR A 307 45.46 -33.11 3.26
N ARG A 308 46.53 -32.45 3.69
CA ARG A 308 47.81 -33.06 4.05
C ARG A 308 48.40 -32.32 5.22
N ILE A 309 49.32 -32.97 5.94
CA ILE A 309 50.06 -32.37 7.03
C ILE A 309 51.30 -31.73 6.43
N LEU A 310 51.51 -30.46 6.69
CA LEU A 310 52.66 -29.71 6.20
C LEU A 310 53.86 -29.98 7.11
N PRO A 311 55.00 -30.48 6.57
CA PRO A 311 56.13 -30.81 7.45
C PRO A 311 56.94 -29.57 7.88
N GLY A 312 57.82 -29.80 8.84
CA GLY A 312 58.72 -28.78 9.38
C GLY A 312 58.15 -28.00 10.53
N LYS A 313 59.06 -27.43 11.34
CA LYS A 313 58.70 -26.59 12.48
C LYS A 313 58.18 -25.26 11.97
N CYS A 314 57.25 -24.62 12.69
CA CYS A 314 56.75 -23.32 12.26
C CYS A 314 57.55 -22.22 12.94
N PRO A 315 57.90 -21.11 12.24
CA PRO A 315 58.62 -20.01 12.92
C PRO A 315 57.83 -19.36 14.07
N CYS A 316 56.49 -19.58 14.20
CA CYS A 316 55.76 -18.93 15.30
C CYS A 316 56.13 -19.62 16.64
N GLY A 317 56.75 -20.79 16.55
CA GLY A 317 57.19 -21.57 17.71
C GLY A 317 56.17 -22.58 18.22
N ARG A 318 54.96 -22.62 17.63
CA ARG A 318 53.95 -23.59 18.06
C ARG A 318 54.29 -24.97 17.50
N THR A 319 54.10 -25.99 18.35
CA THR A 319 54.44 -27.39 18.12
C THR A 319 53.25 -28.21 17.59
N HIS A 320 52.07 -27.61 17.54
CA HIS A 320 50.86 -28.25 17.03
C HIS A 320 50.96 -28.31 15.53
N LEU A 321 50.68 -29.50 14.94
CA LEU A 321 50.81 -29.73 13.50
C LEU A 321 49.97 -28.72 12.67
N ARG A 322 50.43 -28.47 11.45
CA ARG A 322 49.76 -27.60 10.46
C ARG A 322 49.21 -28.43 9.32
N ILE A 323 47.99 -28.10 8.87
CA ILE A 323 47.38 -28.74 7.71
C ILE A 323 47.34 -27.76 6.54
N ASP A 324 47.40 -28.29 5.31
CA ASP A 324 47.27 -27.46 4.12
C ASP A 324 45.78 -27.01 3.98
N ARG A 325 45.48 -26.06 3.07
CA ARG A 325 44.09 -25.66 2.87
C ARG A 325 43.31 -26.86 2.26
N ILE A 326 42.00 -27.00 2.57
CA ILE A 326 41.17 -28.12 2.07
C ILE A 326 40.94 -27.92 0.58
N LYS A 327 41.52 -28.73 -0.31
CA LYS A 327 41.22 -28.40 -1.71
C LYS A 327 40.05 -29.26 -2.22
N GLY A 328 39.54 -30.18 -1.40
CA GLY A 328 38.35 -30.90 -1.83
C GLY A 328 37.76 -31.88 -0.86
N ARG A 329 36.73 -32.60 -1.31
CA ARG A 329 36.04 -33.60 -0.51
C ARG A 329 35.94 -34.96 -1.22
N SER A 330 35.95 -36.05 -0.43
CA SER A 330 35.80 -37.42 -0.91
C SER A 330 34.32 -37.80 -0.98
N ASP A 331 33.38 -36.85 -0.75
CA ASP A 331 31.94 -37.08 -0.87
C ASP A 331 31.33 -36.08 -1.91
N ASP A 332 30.00 -36.00 -2.00
CA ASP A 332 29.28 -35.18 -2.98
C ASP A 332 28.84 -33.80 -2.43
N PHE A 334 28.73 -29.85 -1.36
CA PHE A 334 29.21 -28.58 -1.93
C PHE A 334 28.85 -27.46 -0.96
N ILE A 335 29.66 -26.38 -0.99
CA ILE A 335 29.46 -25.23 -0.11
C ILE A 335 29.18 -24.00 -0.96
N ILE A 336 28.06 -23.31 -0.69
CA ILE A 336 27.72 -22.06 -1.37
C ILE A 336 27.18 -21.10 -0.30
N LYS A 337 27.71 -19.87 -0.32
CA LYS A 337 27.43 -18.76 0.61
C LYS A 337 27.72 -19.20 2.06
N GLY A 338 28.73 -20.07 2.23
CA GLY A 338 29.18 -20.60 3.52
C GLY A 338 28.32 -21.70 4.10
N VAL A 339 27.29 -22.14 3.36
CA VAL A 339 26.35 -23.17 3.81
C VAL A 339 26.66 -24.52 3.11
N ASN A 340 26.73 -25.59 3.90
CA ASN A 340 26.97 -26.95 3.42
C ASN A 340 25.67 -27.57 2.90
N ILE A 341 25.70 -28.05 1.64
CA ILE A 341 24.52 -28.63 1.01
C ILE A 341 24.87 -29.97 0.34
N PHE A 342 23.97 -30.94 0.47
CA PHE A 342 24.05 -32.22 -0.22
C PHE A 342 23.06 -32.28 -1.38
N PRO A 343 23.47 -32.75 -2.58
CA PRO A 343 22.53 -32.81 -3.73
C PRO A 343 21.24 -33.59 -3.44
N GLN A 345 19.46 -33.42 -0.70
CA GLN A 345 18.54 -32.49 -0.03
C GLN A 345 17.63 -31.85 -1.07
N VAL A 346 18.21 -31.42 -2.21
CA VAL A 346 17.53 -30.79 -3.35
C VAL A 346 16.54 -31.79 -3.96
N GLU A 347 17.04 -32.99 -4.25
CA GLU A 347 16.33 -34.09 -4.88
C GLU A 347 15.10 -34.48 -4.04
N LYS A 348 15.23 -34.57 -2.71
CA LYS A 348 14.13 -34.93 -1.80
C LYS A 348 13.02 -33.83 -1.81
N ILE A 349 13.33 -32.59 -2.23
CA ILE A 349 12.32 -31.53 -2.37
C ILE A 349 11.66 -31.64 -3.76
N LEU A 350 12.47 -31.72 -4.83
CA LEU A 350 12.01 -31.77 -6.23
C LEU A 350 11.10 -32.98 -6.50
N VAL A 351 11.37 -34.17 -5.91
CA VAL A 351 10.57 -35.39 -6.18
C VAL A 351 9.10 -35.24 -5.67
N GLN A 352 8.86 -34.30 -4.72
CA GLN A 352 7.54 -34.05 -4.11
C GLN A 352 6.56 -33.40 -5.11
N PHE A 353 7.09 -32.75 -6.18
CA PHE A 353 6.29 -32.07 -7.21
C PHE A 353 6.03 -33.00 -8.40
N PRO A 354 4.74 -33.37 -8.68
CA PRO A 354 4.46 -34.29 -9.79
C PRO A 354 4.59 -33.60 -11.17
N GLU A 355 4.58 -32.26 -11.17
CA GLU A 355 4.73 -31.39 -12.33
C GLU A 355 6.17 -31.45 -12.92
N LEU A 356 7.14 -32.03 -12.17
CA LEU A 356 8.55 -32.12 -12.53
C LEU A 356 8.99 -33.53 -12.95
N GLY A 357 10.00 -33.56 -13.81
CA GLY A 357 10.64 -34.78 -14.30
C GLY A 357 11.73 -35.27 -13.36
N SER A 358 12.47 -36.30 -13.80
CA SER A 358 13.53 -36.93 -13.00
C SER A 358 14.90 -36.26 -13.21
N ASN A 359 15.14 -35.62 -14.38
CA ASN A 359 16.43 -34.99 -14.69
C ASN A 359 16.51 -33.56 -14.16
N TYR A 360 17.60 -33.28 -13.41
CA TYR A 360 17.89 -31.97 -12.84
C TYR A 360 19.40 -31.74 -12.82
N LEU A 361 19.83 -30.48 -12.76
CA LEU A 361 21.23 -30.09 -12.70
C LEU A 361 21.42 -28.86 -11.82
N ILE A 362 22.35 -28.97 -10.86
CA ILE A 362 22.75 -27.91 -9.95
C ILE A 362 24.03 -27.31 -10.51
N THR A 363 24.02 -26.00 -10.77
CA THR A 363 25.17 -25.30 -11.32
C THR A 363 25.57 -24.21 -10.33
N LEU A 364 26.86 -24.16 -9.99
CA LEU A 364 27.43 -23.18 -9.09
C LEU A 364 28.31 -22.24 -9.91
N GLU A 365 27.99 -20.94 -9.90
CA GLU A 365 28.69 -19.91 -10.67
C GLU A 365 29.04 -18.68 -9.86
N THR A 366 29.95 -17.83 -10.39
CA THR A 366 30.33 -16.56 -9.81
C THR A 366 29.88 -15.48 -10.83
N VAL A 367 28.84 -14.72 -10.47
CA VAL A 367 28.25 -13.65 -11.28
C VAL A 367 28.49 -12.32 -10.53
N ASN A 368 29.32 -11.43 -11.12
CA ASN A 368 29.72 -10.12 -10.61
C ASN A 368 30.28 -10.27 -9.16
N ASN A 369 31.29 -11.16 -9.01
CA ASN A 369 32.02 -11.53 -7.78
C ASN A 369 31.12 -12.30 -6.73
N GLN A 370 29.78 -12.29 -6.89
CA GLN A 370 28.82 -12.98 -5.99
C GLN A 370 28.59 -14.44 -6.43
N ASP A 371 28.58 -15.44 -5.49
CA ASP A 371 28.28 -16.84 -5.85
C ASP A 371 26.78 -17.07 -5.98
N GLU A 372 26.37 -17.85 -7.00
CA GLU A 372 24.97 -18.16 -7.27
C GLU A 372 24.79 -19.67 -7.52
N ILE A 374 22.16 -22.38 -9.25
CA ILE A 374 21.07 -22.53 -10.20
C ILE A 374 20.62 -24.00 -10.22
N VAL A 375 19.31 -24.23 -10.01
CA VAL A 375 18.72 -25.57 -10.07
C VAL A 375 17.86 -25.63 -11.34
N GLU A 376 18.35 -26.35 -12.36
CA GLU A 376 17.61 -26.61 -13.61
C GLU A 376 16.90 -27.92 -13.46
N VAL A 377 15.57 -27.93 -13.65
CA VAL A 377 14.81 -29.17 -13.51
C VAL A 377 13.86 -29.25 -14.71
N GLU A 378 13.87 -30.41 -15.39
CA GLU A 378 13.02 -30.68 -16.56
C GLU A 378 11.58 -30.82 -16.15
N LEU A 379 10.71 -30.36 -17.03
CA LEU A 379 9.28 -30.42 -16.84
C LEU A 379 8.72 -31.77 -17.23
N SER A 380 7.83 -32.29 -16.37
CA SER A 380 7.05 -33.50 -16.64
C SER A 380 5.96 -33.10 -17.62
N ASP A 381 5.56 -33.99 -18.53
CA ASP A 381 4.52 -33.63 -19.49
C ASP A 381 3.13 -33.95 -18.90
N LEU A 382 3.09 -34.48 -17.64
CA LEU A 382 1.84 -34.75 -16.90
C LEU A 382 1.40 -33.42 -16.21
N SER A 383 1.68 -32.31 -16.93
CA SER A 383 1.42 -30.89 -16.63
C SER A 383 1.37 -30.11 -17.94
N THR A 384 0.44 -29.15 -18.03
CA THR A 384 0.25 -28.30 -19.21
C THR A 384 0.98 -26.96 -19.00
N ASP A 385 1.09 -26.16 -20.08
CA ASP A 385 1.78 -24.89 -20.07
C ASP A 385 0.82 -23.75 -19.65
N ASN A 386 0.45 -23.78 -18.36
CA ASN A 386 -0.30 -22.71 -17.71
C ASN A 386 0.76 -21.90 -17.00
N TYR A 387 1.36 -20.91 -17.73
CA TYR A 387 2.46 -20.07 -17.24
C TYR A 387 2.21 -19.64 -15.78
N ILE A 388 1.06 -19.03 -15.49
CA ILE A 388 0.68 -18.50 -14.16
C ILE A 388 0.75 -19.63 -13.10
N GLU A 389 0.26 -20.85 -13.42
CA GLU A 389 0.28 -21.97 -12.48
C GLU A 389 1.68 -22.54 -12.33
N LEU A 390 2.45 -22.64 -13.43
CA LEU A 390 3.83 -23.16 -13.40
C LEU A 390 4.74 -22.23 -12.61
N GLU A 391 4.63 -20.91 -12.84
CA GLU A 391 5.43 -19.90 -12.16
C GLU A 391 5.10 -19.91 -10.65
N LYS A 392 3.83 -20.21 -10.28
CA LYS A 392 3.38 -20.32 -8.89
C LYS A 392 4.08 -21.51 -8.20
N ILE A 393 4.17 -22.65 -8.92
CA ILE A 393 4.83 -23.88 -8.48
C ILE A 393 6.33 -23.61 -8.34
N ARG A 394 6.93 -22.89 -9.32
CA ARG A 394 8.36 -22.55 -9.34
C ARG A 394 8.74 -21.72 -8.10
N ARG A 395 7.85 -20.85 -7.66
CA ARG A 395 8.01 -20.02 -6.46
C ARG A 395 7.94 -20.90 -5.22
N ASP A 396 7.05 -21.92 -5.22
CA ASP A 396 6.88 -22.87 -4.12
C ASP A 396 8.15 -23.76 -4.00
N ILE A 397 8.82 -24.08 -5.14
CA ILE A 397 10.04 -24.87 -5.20
C ILE A 397 11.16 -24.08 -4.51
N ILE A 398 11.35 -22.80 -4.91
CA ILE A 398 12.36 -21.90 -4.34
C ILE A 398 12.15 -21.82 -2.81
N ARG A 399 10.88 -21.63 -2.37
CA ARG A 399 10.45 -21.50 -0.97
C ARG A 399 10.82 -22.75 -0.15
N GLN A 400 10.43 -23.95 -0.65
CA GLN A 400 10.70 -25.24 -0.01
C GLN A 400 12.18 -25.57 0.00
N LEU A 401 12.95 -25.17 -1.05
CA LEU A 401 14.40 -25.39 -1.08
C LEU A 401 15.05 -24.51 -0.03
N LYS A 402 14.73 -23.20 -0.01
CA LYS A 402 15.26 -22.21 0.94
C LYS A 402 15.11 -22.73 2.39
N ASP A 403 13.93 -23.28 2.75
CA ASP A 403 13.65 -23.84 4.08
C ASP A 403 14.53 -25.07 4.38
N GLU A 404 14.83 -25.90 3.36
CA GLU A 404 15.63 -27.12 3.51
C GLU A 404 17.15 -26.85 3.50
N ILE A 405 17.68 -26.26 2.41
CA ILE A 405 19.12 -26.10 2.27
C ILE A 405 19.62 -24.77 2.88
N LEU A 406 18.70 -23.92 3.37
CA LEU A 406 18.96 -22.67 4.08
C LEU A 406 19.68 -21.61 3.21
N VAL A 407 19.62 -21.77 1.86
CA VAL A 407 20.12 -20.77 0.90
C VAL A 407 19.02 -20.60 -0.14
N THR A 408 18.93 -19.41 -0.76
CA THR A 408 17.91 -19.16 -1.78
C THR A 408 18.50 -19.43 -3.16
N PRO A 409 18.09 -20.51 -3.85
CA PRO A 409 18.68 -20.78 -5.17
C PRO A 409 17.84 -20.20 -6.29
N LYS A 410 18.43 -20.13 -7.49
CA LYS A 410 17.72 -19.77 -8.71
C LYS A 410 17.15 -21.07 -9.24
N VAL A 411 15.86 -21.10 -9.63
CA VAL A 411 15.23 -22.31 -10.13
C VAL A 411 14.75 -22.04 -11.54
N LYS A 412 15.20 -22.87 -12.50
CA LYS A 412 14.84 -22.76 -13.91
C LYS A 412 14.12 -24.02 -14.37
N LEU A 413 12.88 -23.86 -14.85
CA LEU A 413 12.09 -24.99 -15.38
C LEU A 413 12.44 -25.13 -16.85
N VAL A 414 13.09 -26.24 -17.25
CA VAL A 414 13.55 -26.44 -18.63
C VAL A 414 12.71 -27.53 -19.34
N LYS A 415 12.77 -27.55 -20.69
CA LYS A 415 12.05 -28.51 -21.53
C LYS A 415 12.51 -29.96 -21.27
N LYS A 416 11.58 -30.93 -21.38
CA LYS A 416 11.89 -32.35 -21.21
C LYS A 416 12.94 -32.78 -22.27
N GLY A 417 14.04 -33.37 -21.80
CA GLY A 417 15.15 -33.81 -22.63
C GLY A 417 16.19 -32.76 -22.98
N SER A 418 16.02 -31.52 -22.50
CA SER A 418 16.94 -30.42 -22.79
C SER A 418 18.23 -30.51 -21.97
N LEU A 419 18.19 -31.16 -20.79
CA LEU A 419 19.38 -31.31 -19.94
C LEU A 419 20.28 -32.44 -20.47
N PRO A 420 21.62 -32.31 -20.35
CA PRO A 420 22.50 -33.38 -20.87
C PRO A 420 22.51 -34.62 -19.96
N GLN A 421 22.97 -35.75 -20.53
CA GLN A 421 23.13 -37.03 -19.82
C GLN A 421 24.34 -37.76 -20.40
N SER A 422 25.01 -38.57 -19.58
CA SER A 422 26.19 -39.35 -20.02
C SER A 422 26.31 -40.69 -19.29
N GLU A 423 25.60 -40.82 -18.15
CA GLU A 423 25.60 -42.00 -17.28
C GLU A 423 24.57 -41.85 -16.15
N GLY A 424 24.35 -42.92 -15.41
CA GLY A 424 23.50 -42.93 -14.22
C GLY A 424 24.30 -42.33 -13.08
N LYS A 425 25.65 -42.54 -13.13
CA LYS A 425 26.64 -42.01 -12.19
C LYS A 425 26.95 -40.53 -12.51
N ALA A 426 25.97 -39.82 -13.15
CA ALA A 426 26.04 -38.43 -13.56
C ALA A 426 26.10 -37.49 -12.37
N VAL A 427 27.07 -36.55 -12.41
CA VAL A 427 27.27 -35.56 -11.35
C VAL A 427 26.15 -34.52 -11.46
N ARG A 428 25.24 -34.54 -10.47
CA ARG A 428 24.10 -33.63 -10.39
C ARG A 428 24.58 -32.20 -10.06
N VAL A 429 25.90 -32.02 -9.82
CA VAL A 429 26.50 -30.72 -9.48
C VAL A 429 27.64 -30.40 -10.46
N LYS A 430 27.56 -29.22 -11.06
CA LYS A 430 28.54 -28.65 -11.97
C LYS A 430 29.03 -27.33 -11.34
N ASP A 431 30.25 -27.34 -10.75
CA ASP A 431 30.81 -26.15 -10.10
C ASP A 431 31.74 -25.42 -11.09
N LEU A 432 31.35 -24.19 -11.47
CA LEU A 432 32.10 -23.39 -12.45
C LEU A 432 32.80 -22.17 -11.81
N ARG A 433 32.96 -22.18 -10.47
CA ARG A 433 33.61 -21.10 -9.72
C ARG A 433 35.15 -21.26 -9.73
N ASP A 434 35.91 -20.12 -9.64
CA ASP A 434 37.38 -20.13 -9.63
C ASP A 434 37.89 -20.57 -8.23
N ASN A 435 37.83 -21.90 -7.95
CA ASN A 435 38.25 -22.55 -6.69
C ASN A 435 38.77 -23.97 -6.95
N THR B 4 6.49 -22.14 47.11
CA THR B 4 7.14 -21.31 46.07
C THR B 4 8.68 -21.48 46.18
N GLN B 5 9.34 -21.60 45.01
CA GLN B 5 10.81 -21.72 44.91
C GLN B 5 11.37 -20.49 44.18
N TYR B 6 12.45 -19.94 44.73
CA TYR B 6 13.11 -18.74 44.22
C TYR B 6 14.51 -19.02 43.75
N TRP B 7 14.93 -18.30 42.70
CA TRP B 7 16.27 -18.33 42.13
C TRP B 7 17.24 -17.66 43.11
N GLU B 8 16.83 -16.50 43.67
CA GLU B 8 17.54 -15.65 44.63
C GLU B 8 16.57 -15.16 45.68
N GLU B 9 16.21 -16.06 46.61
CA GLU B 9 15.24 -15.83 47.68
C GLU B 9 15.52 -14.55 48.46
N GLU B 10 16.79 -14.29 48.85
CA GLU B 10 17.14 -13.11 49.67
C GLU B 10 16.74 -11.80 48.97
N ILE B 11 16.79 -11.76 47.63
CA ILE B 11 16.40 -10.58 46.83
C ILE B 11 14.90 -10.60 46.52
N GLU B 12 14.39 -11.72 46.00
CA GLU B 12 13.02 -11.84 45.53
C GLU B 12 11.99 -11.58 46.67
N ILE B 13 12.27 -11.96 47.93
CA ILE B 13 11.30 -11.75 49.02
C ILE B 13 11.83 -10.70 50.03
N SER B 15 12.38 -7.40 52.18
CA SER B 15 11.39 -6.44 52.69
C SER B 15 11.45 -5.15 51.90
N ARG B 16 10.29 -4.47 51.76
CA ARG B 16 10.17 -3.21 51.04
C ARG B 16 11.21 -2.20 51.58
N GLU B 17 11.42 -2.17 52.90
CA GLU B 17 12.36 -1.30 53.59
C GLU B 17 13.80 -1.55 53.12
N LYS B 18 14.26 -2.82 53.13
CA LYS B 18 15.61 -3.21 52.70
C LYS B 18 15.79 -3.04 51.18
N LEU B 19 14.71 -3.26 50.41
CA LEU B 19 14.72 -3.15 48.95
C LEU B 19 14.94 -1.69 48.55
N GLN B 20 14.27 -0.75 49.26
CA GLN B 20 14.41 0.70 49.05
C GLN B 20 15.84 1.16 49.35
N GLU B 21 16.46 0.67 50.47
CA GLU B 21 17.84 1.06 50.81
C GLU B 21 18.80 0.54 49.74
N LEU B 22 18.52 -0.65 49.17
CA LEU B 22 19.31 -1.23 48.09
C LEU B 22 19.17 -0.37 46.84
N GLN B 23 17.94 0.08 46.50
CA GLN B 23 17.68 0.93 45.33
C GLN B 23 18.40 2.26 45.45
N LEU B 24 18.37 2.88 46.64
CA LEU B 24 19.01 4.15 46.89
C LEU B 24 20.53 4.03 46.76
N GLN B 25 21.12 2.96 47.32
CA GLN B 25 22.57 2.68 47.23
C GLN B 25 22.97 2.56 45.73
N ARG B 26 22.20 1.79 44.94
CA ARG B 26 22.46 1.56 43.53
C ARG B 26 22.12 2.80 42.68
N LEU B 27 21.10 3.61 43.07
CA LEU B 27 20.73 4.85 42.35
C LEU B 27 21.87 5.86 42.42
N LYS B 28 22.48 6.03 43.62
CA LYS B 28 23.61 6.93 43.83
C LYS B 28 24.82 6.49 42.97
N LYS B 29 25.13 5.19 42.94
CA LYS B 29 26.23 4.61 42.19
C LYS B 29 26.00 4.84 40.68
N THR B 30 24.77 4.61 40.20
CA THR B 30 24.38 4.81 38.80
C THR B 30 24.62 6.26 38.36
N ILE B 31 24.20 7.23 39.19
CA ILE B 31 24.33 8.65 38.88
C ILE B 31 25.83 9.03 38.86
N ASN B 32 26.64 8.47 39.77
CA ASN B 32 28.08 8.76 39.80
C ASN B 32 28.77 8.18 38.56
N ILE B 33 28.36 6.97 38.11
CA ILE B 33 28.88 6.33 36.90
C ILE B 33 28.46 7.16 35.67
N ALA B 34 27.14 7.47 35.53
CA ALA B 34 26.54 8.23 34.42
C ALA B 34 27.21 9.59 34.20
N ALA B 35 27.70 10.20 35.26
CA ALA B 35 28.35 11.50 35.24
C ALA B 35 29.62 11.48 34.35
N ASN B 36 30.21 10.29 34.10
CA ASN B 36 31.38 10.12 33.24
C ASN B 36 30.98 10.13 31.75
N SER B 37 29.69 9.88 31.39
CA SER B 37 29.28 9.93 29.98
C SER B 37 29.16 11.38 29.49
N PRO B 38 29.52 11.69 28.21
CA PRO B 38 29.37 13.06 27.71
C PRO B 38 27.96 13.62 27.91
N TYR B 39 26.91 12.80 27.66
CA TYR B 39 25.52 13.18 27.78
C TYR B 39 25.12 13.58 29.23
N TYR B 40 25.29 12.70 30.25
CA TYR B 40 24.83 13.06 31.61
C TYR B 40 25.80 14.04 32.26
N LYS B 41 27.06 14.12 31.79
CA LYS B 41 28.00 15.12 32.34
C LYS B 41 27.42 16.50 32.10
N GLU B 42 26.88 16.73 30.89
CA GLU B 42 26.26 17.95 30.45
C GLU B 42 24.87 18.14 31.12
N VAL B 43 24.04 17.09 31.17
CA VAL B 43 22.70 17.15 31.78
C VAL B 43 22.80 17.50 33.28
N PHE B 44 23.64 16.77 34.03
CA PHE B 44 23.83 16.95 35.46
C PHE B 44 24.41 18.33 35.76
N SER B 45 25.36 18.81 34.93
CA SER B 45 25.99 20.13 35.06
C SER B 45 24.97 21.27 34.87
N LYS B 46 24.11 21.14 33.87
CA LYS B 46 23.08 22.14 33.53
C LYS B 46 21.90 22.09 34.53
N ASN B 47 21.74 21.00 35.29
CA ASN B 47 20.63 20.90 36.24
C ASN B 47 21.13 20.84 37.71
N GLY B 48 22.41 21.13 37.93
CA GLY B 48 23.02 21.17 39.25
C GLY B 48 22.94 19.86 40.01
N ILE B 49 23.16 18.74 39.32
CA ILE B 49 23.14 17.41 39.91
C ILE B 49 24.58 17.09 40.34
N THR B 50 24.78 16.95 41.66
CA THR B 50 26.06 16.64 42.29
C THR B 50 25.94 15.32 43.05
N GLY B 51 27.00 14.97 43.79
CA GLY B 51 27.06 13.75 44.59
C GLY B 51 26.17 13.81 45.82
N ASP B 52 25.67 15.01 46.14
CA ASP B 52 24.83 15.22 47.31
C ASP B 52 23.36 15.44 46.93
N SER B 53 23.04 15.51 45.62
CA SER B 53 21.69 15.77 45.13
C SER B 53 20.71 14.64 45.48
N ILE B 54 21.17 13.38 45.45
CA ILE B 54 20.32 12.24 45.74
C ILE B 54 20.56 11.77 47.17
N GLN B 55 19.56 11.99 48.04
CA GLN B 55 19.58 11.59 49.46
C GLN B 55 18.44 10.61 49.74
N SER B 56 17.42 10.61 48.85
CA SER B 56 16.25 9.76 48.88
C SER B 56 15.88 9.36 47.46
N LEU B 57 15.01 8.35 47.31
CA LEU B 57 14.57 7.87 46.01
C LEU B 57 13.72 8.93 45.29
N ASP B 58 13.03 9.82 46.04
CA ASP B 58 12.20 10.90 45.48
C ASP B 58 13.06 11.98 44.82
N ASP B 59 14.34 12.11 45.22
CA ASP B 59 15.29 13.08 44.67
C ASP B 59 15.62 12.78 43.19
N ILE B 60 15.21 11.59 42.66
CA ILE B 60 15.42 11.24 41.25
C ILE B 60 14.64 12.22 40.37
N ARG B 61 13.52 12.79 40.89
CA ARG B 61 12.64 13.71 40.19
C ARG B 61 13.33 15.06 39.96
N LYS B 62 14.55 15.26 40.52
CA LYS B 62 15.37 16.45 40.26
C LYS B 62 16.04 16.34 38.88
N ILE B 63 16.18 15.12 38.36
CA ILE B 63 16.83 14.84 37.07
C ILE B 63 15.78 14.85 35.91
N PRO B 64 16.08 15.51 34.77
CA PRO B 64 15.17 15.46 33.63
C PRO B 64 14.99 14.06 33.05
N PHE B 65 13.95 13.86 32.22
CA PHE B 65 13.77 12.56 31.55
C PHE B 65 14.73 12.39 30.40
N THR B 66 15.07 11.11 30.09
CA THR B 66 15.88 10.77 28.91
C THR B 66 14.89 10.25 27.90
N THR B 67 14.89 10.79 26.70
CA THR B 67 13.97 10.38 25.65
C THR B 67 14.72 9.66 24.55
N LYS B 68 13.96 8.99 23.69
CA LYS B 68 14.45 8.30 22.50
C LYS B 68 15.14 9.31 21.59
N SER B 69 14.58 10.53 21.50
CA SER B 69 15.13 11.64 20.73
C SER B 69 16.50 12.04 21.26
N ASP B 70 16.66 12.12 22.60
CA ASP B 70 17.94 12.43 23.24
C ASP B 70 18.99 11.37 22.91
N ARG B 72 18.85 9.33 20.13
CA ARG B 72 19.14 9.36 18.68
C ARG B 72 20.14 10.47 18.37
N ALA B 73 20.00 11.60 19.09
CA ALA B 73 20.87 12.77 18.96
C ALA B 73 22.30 12.48 19.43
N ASN B 74 22.46 11.48 20.34
CA ASN B 74 23.76 11.13 20.90
C ASN B 74 24.24 9.79 20.38
N TYR B 75 23.68 9.32 19.25
CA TYR B 75 24.11 8.10 18.57
C TYR B 75 25.54 8.23 17.99
N PRO B 76 26.41 7.21 18.17
CA PRO B 76 26.16 5.91 18.85
C PRO B 76 26.61 5.83 20.32
N PHE B 77 27.62 6.62 20.78
CA PHE B 77 28.19 6.36 22.08
C PHE B 77 28.19 7.56 23.06
N GLY B 78 27.32 8.56 22.84
CA GLY B 78 27.19 9.73 23.72
C GLY B 78 26.78 9.46 25.17
N LEU B 79 26.13 8.30 25.42
CA LEU B 79 25.70 7.90 26.77
C LEU B 79 26.59 6.79 27.35
N VAL B 80 27.72 6.44 26.69
CA VAL B 80 28.63 5.44 27.23
C VAL B 80 29.39 6.11 28.40
N ALA B 81 29.23 5.53 29.61
CA ALA B 81 29.84 6.07 30.83
C ALA B 81 31.15 5.35 31.21
N GLY B 82 31.26 4.03 30.93
CA GLY B 82 32.44 3.26 31.25
C GLY B 82 33.57 3.38 30.24
N ASP B 83 34.61 2.53 30.39
CA ASP B 83 35.77 2.49 29.49
C ASP B 83 35.45 1.43 28.44
N LYS B 85 36.72 0.82 25.43
CA LYS B 85 37.88 0.16 24.81
C LYS B 85 38.48 -0.90 25.74
N ARG B 86 38.50 -0.60 27.05
CA ARG B 86 39.05 -1.47 28.08
C ARG B 86 38.09 -2.60 28.53
N ASP B 87 36.76 -2.34 28.63
CA ASP B 87 35.78 -3.23 29.26
C ASP B 87 34.51 -3.55 28.43
N GLY B 88 34.29 -2.89 27.30
CA GLY B 88 33.11 -3.17 26.47
C GLY B 88 33.19 -4.55 25.85
N VAL B 89 32.11 -5.38 25.95
CA VAL B 89 32.18 -6.74 25.38
C VAL B 89 31.04 -6.98 24.36
N ARG B 90 29.99 -6.15 24.35
CA ARG B 90 28.92 -6.33 23.39
C ARG B 90 28.16 -5.04 23.09
N ILE B 91 27.78 -4.88 21.81
CA ILE B 91 26.92 -3.80 21.32
C ILE B 91 25.61 -4.41 20.82
N HIS B 92 24.46 -4.04 21.40
CA HIS B 92 23.17 -4.50 20.88
C HIS B 92 22.45 -3.41 20.13
N SER B 93 21.49 -3.81 19.28
CA SER B 93 20.68 -2.85 18.52
C SER B 93 19.14 -3.15 18.55
N SER B 94 18.30 -2.14 18.18
CA SER B 94 16.84 -2.22 17.98
C SER B 94 16.41 -1.30 16.81
N GLY B 99 14.80 5.15 11.76
CA GLY B 99 15.93 5.93 11.27
C GLY B 99 17.27 5.35 11.68
N ASN B 100 17.93 5.99 12.69
CA ASN B 100 19.18 5.49 13.27
C ASN B 100 18.83 4.50 14.36
N PRO B 101 19.54 3.35 14.44
CA PRO B 101 19.19 2.35 15.46
C PRO B 101 19.60 2.80 16.86
N THR B 102 19.10 2.09 17.88
CA THR B 102 19.55 2.45 19.21
C THR B 102 20.55 1.40 19.63
N VAL B 103 21.68 1.90 20.14
CA VAL B 103 22.82 1.13 20.55
C VAL B 103 22.90 1.13 22.08
N ILE B 104 23.07 -0.06 22.65
CA ILE B 104 23.30 -0.31 24.08
C ILE B 104 24.63 -1.03 24.17
N VAL B 105 25.59 -0.48 24.90
CA VAL B 105 26.91 -1.08 25.07
C VAL B 105 26.95 -1.74 26.44
N HIS B 106 27.41 -3.01 26.48
CA HIS B 106 27.49 -3.82 27.69
C HIS B 106 28.90 -4.21 28.00
N SER B 107 29.20 -4.28 29.30
CA SER B 107 30.43 -4.83 29.86
C SER B 107 30.12 -6.28 30.27
N GLN B 108 31.13 -7.10 30.70
CA GLN B 108 30.87 -8.48 31.15
C GLN B 108 29.90 -8.47 32.36
N HIS B 109 30.10 -7.51 33.30
CA HIS B 109 29.22 -7.34 34.46
C HIS B 109 27.76 -7.20 34.00
N ASP B 110 27.50 -6.30 33.03
CA ASP B 110 26.17 -6.02 32.49
C ASP B 110 25.55 -7.28 31.88
N LEU B 111 26.32 -8.07 31.10
CA LEU B 111 25.84 -9.33 30.49
C LEU B 111 25.49 -10.37 31.55
N ASP B 112 26.32 -10.47 32.61
CA ASP B 112 26.11 -11.40 33.72
C ASP B 112 24.85 -11.02 34.52
N SER B 113 24.67 -9.72 34.79
CA SER B 113 23.49 -9.21 35.48
C SER B 113 22.21 -9.50 34.67
N TRP B 114 22.28 -9.31 33.34
CA TRP B 114 21.18 -9.57 32.42
C TRP B 114 20.85 -11.09 32.38
N ALA B 115 21.86 -11.97 32.20
CA ALA B 115 21.69 -13.44 32.17
C ALA B 115 21.08 -13.95 33.49
N ASN B 116 21.50 -13.35 34.62
CA ASN B 116 20.97 -13.73 35.93
C ASN B 116 19.49 -13.36 36.04
N LEU B 117 19.08 -12.19 35.52
CA LEU B 117 17.68 -11.77 35.54
C LEU B 117 16.81 -12.68 34.67
N VAL B 118 17.31 -13.13 33.52
CA VAL B 118 16.54 -14.01 32.62
C VAL B 118 16.39 -15.39 33.29
N ALA B 119 17.48 -15.94 33.87
CA ALA B 119 17.45 -17.17 34.64
C ALA B 119 16.44 -17.06 35.78
N ARG B 120 16.45 -15.92 36.52
CA ARG B 120 15.52 -15.63 37.65
C ARG B 120 14.06 -15.71 37.17
N CYS B 121 13.75 -15.10 36.00
CA CYS B 121 12.42 -15.09 35.36
C CYS B 121 11.98 -16.50 35.01
N LEU B 122 12.81 -17.25 34.26
CA LEU B 122 12.54 -18.62 33.82
C LEU B 122 12.34 -19.56 34.99
N TYR B 123 13.13 -19.41 36.06
CA TYR B 123 13.03 -20.25 37.25
C TYR B 123 11.69 -20.02 37.97
N VAL B 125 8.77 -19.21 36.78
CA VAL B 125 7.60 -19.81 36.12
C VAL B 125 7.75 -21.35 36.06
N GLY B 126 8.75 -21.92 36.76
CA GLY B 126 8.96 -23.36 36.91
C GLY B 126 9.94 -24.09 36.01
N ILE B 127 10.64 -23.38 35.14
CA ILE B 127 11.61 -23.98 34.23
C ILE B 127 12.87 -24.34 35.07
N ARG B 128 13.41 -25.57 34.84
CA ARG B 128 14.57 -26.14 35.53
C ARG B 128 15.63 -26.56 34.52
N LYS B 129 16.82 -27.01 34.98
CA LYS B 129 17.92 -27.41 34.08
C LYS B 129 17.54 -28.68 33.27
N THR B 130 16.54 -29.45 33.74
CA THR B 130 16.07 -30.67 33.07
C THR B 130 15.13 -30.32 31.88
N ASP B 131 14.76 -29.02 31.72
CA ASP B 131 13.91 -28.60 30.64
C ASP B 131 14.69 -28.44 29.34
N VAL B 132 13.98 -28.66 28.23
CA VAL B 132 14.49 -28.46 26.88
C VAL B 132 13.87 -27.13 26.43
N PHE B 133 14.70 -26.07 26.40
CA PHE B 133 14.28 -24.71 26.11
C PHE B 133 14.58 -24.35 24.64
N GLN B 134 13.54 -24.02 23.87
CA GLN B 134 13.69 -23.64 22.46
C GLN B 134 13.44 -22.15 22.30
N ASN B 135 14.39 -21.46 21.65
CA ASN B 135 14.24 -20.03 21.45
C ASN B 135 13.98 -19.71 19.95
N SER B 136 12.71 -19.40 19.62
CA SER B 136 12.32 -19.08 18.25
C SER B 136 12.43 -17.57 17.93
N SER B 137 13.10 -16.81 18.81
CA SER B 137 13.40 -15.40 18.61
C SER B 137 14.59 -15.24 17.65
N GLY B 138 14.64 -14.13 16.91
CA GLY B 138 15.76 -13.79 16.04
C GLY B 138 17.01 -13.56 16.88
N TYR B 139 18.17 -13.98 16.36
CA TYR B 139 19.46 -13.84 17.05
C TYR B 139 20.18 -12.58 16.47
N GLY B 140 21.51 -12.59 16.36
CA GLY B 140 22.23 -11.43 15.88
C GLY B 140 22.08 -10.22 16.80
N PHE B 142 19.35 -8.81 17.71
CA PHE B 142 18.14 -8.96 18.53
C PHE B 142 18.52 -9.43 19.92
N THR B 143 18.09 -8.66 20.94
CA THR B 143 18.41 -8.92 22.34
C THR B 143 17.70 -10.20 22.85
N GLY B 144 16.57 -10.56 22.23
CA GLY B 144 15.80 -11.77 22.58
C GLY B 144 16.58 -13.05 22.30
N GLY B 145 17.36 -13.02 21.22
CA GLY B 145 18.20 -14.13 20.81
C GLY B 145 19.22 -14.47 21.86
N LEU B 146 20.29 -13.67 21.97
CA LEU B 146 21.39 -13.91 22.91
C LEU B 146 20.93 -13.74 24.38
N GLY B 147 19.91 -12.92 24.65
CA GLY B 147 19.39 -12.71 26.00
C GLY B 147 18.76 -13.92 26.64
N PHE B 148 17.87 -14.64 25.91
CA PHE B 148 17.30 -15.91 26.39
C PHE B 148 18.34 -17.04 26.31
N GLN B 149 19.22 -17.03 25.29
CA GLN B 149 20.25 -18.05 25.11
C GLN B 149 21.15 -18.10 26.33
N TYR B 150 21.68 -16.96 26.79
CA TYR B 150 22.55 -16.87 27.98
C TYR B 150 21.79 -17.13 29.28
N GLY B 151 20.60 -16.57 29.39
CA GLY B 151 19.75 -16.76 30.56
C GLY B 151 19.41 -18.21 30.82
N ALA B 152 18.92 -18.92 29.77
CA ALA B 152 18.56 -20.35 29.80
C ALA B 152 19.79 -21.22 30.07
N GLU B 153 20.96 -20.86 29.50
CA GLU B 153 22.20 -21.61 29.78
C GLU B 153 22.63 -21.41 31.23
N ARG B 154 22.45 -20.19 31.78
CA ARG B 154 22.80 -19.87 33.18
C ARG B 154 21.97 -20.76 34.12
N LEU B 155 20.69 -21.02 33.78
CA LEU B 155 19.79 -21.90 34.54
C LEU B 155 20.24 -23.35 34.34
N GLY B 156 20.68 -23.66 33.12
CA GLY B 156 21.17 -24.99 32.75
C GLY B 156 20.27 -25.78 31.83
N CYS B 157 19.21 -25.17 31.25
CA CYS B 157 18.34 -25.87 30.29
C CYS B 157 19.14 -26.43 29.14
N LEU B 158 18.63 -27.49 28.54
CA LEU B 158 19.16 -28.01 27.29
C LEU B 158 18.56 -27.12 26.21
N THR B 159 19.33 -26.15 25.74
CA THR B 159 18.82 -25.15 24.82
C THR B 159 18.92 -25.60 23.37
N VAL B 160 17.92 -25.17 22.60
CA VAL B 160 17.73 -25.42 21.17
C VAL B 160 17.71 -24.02 20.49
N PRO B 161 18.86 -23.50 20.01
CA PRO B 161 18.85 -22.14 19.43
C PRO B 161 18.26 -22.10 18.01
N ALA B 162 16.97 -22.42 17.89
CA ALA B 162 16.21 -22.52 16.62
C ALA B 162 16.26 -21.21 15.79
N ALA B 163 16.20 -20.06 16.48
CA ALA B 163 16.10 -18.70 15.93
C ALA B 163 14.73 -18.54 15.19
N ALA B 164 14.53 -17.38 14.51
CA ALA B 164 13.27 -17.04 13.83
C ALA B 164 12.95 -17.95 12.59
N GLY B 165 11.65 -18.01 12.28
CA GLY B 165 11.06 -18.70 11.14
C GLY B 165 11.30 -20.19 10.97
N ASN B 166 10.97 -20.68 9.76
CA ASN B 166 11.07 -22.09 9.31
C ASN B 166 10.27 -22.97 10.28
N SER B 167 8.94 -22.80 10.27
CA SER B 167 7.96 -23.46 11.13
C SER B 167 8.08 -24.99 11.11
N LYS B 168 8.33 -25.58 9.92
CA LYS B 168 8.48 -27.03 9.80
C LYS B 168 9.67 -27.53 10.64
N ARG B 169 10.79 -26.79 10.62
CA ARG B 169 11.98 -27.13 11.39
C ARG B 169 11.71 -26.96 12.90
N GLN B 170 10.92 -25.95 13.27
CA GLN B 170 10.54 -25.62 14.66
C GLN B 170 9.81 -26.79 15.32
N ILE B 171 8.84 -27.36 14.58
CA ILE B 171 7.98 -28.48 14.96
C ILE B 171 8.82 -29.76 15.01
N LYS B 172 9.77 -29.93 14.08
CA LYS B 172 10.68 -31.08 14.05
C LYS B 172 11.54 -31.09 15.33
N PHE B 173 12.12 -29.94 15.71
CA PHE B 173 12.92 -29.80 16.93
C PHE B 173 12.08 -30.15 18.17
N ILE B 174 10.84 -29.63 18.29
CA ILE B 174 9.95 -29.91 19.42
C ILE B 174 9.67 -31.43 19.50
N SER B 175 9.35 -32.06 18.36
CA SER B 175 9.01 -33.46 18.28
C SER B 175 10.21 -34.37 18.59
N ASP B 176 11.37 -34.12 17.94
CA ASP B 176 12.56 -34.96 18.04
C ASP B 176 13.41 -34.65 19.29
N PHE B 177 13.49 -33.39 19.76
CA PHE B 177 14.33 -33.07 20.93
C PHE B 177 13.52 -33.03 22.22
N LYS B 178 12.20 -33.22 22.13
CA LYS B 178 11.24 -33.24 23.25
C LYS B 178 11.30 -31.91 24.03
N THR B 179 11.13 -30.79 23.32
CA THR B 179 11.10 -29.42 23.88
C THR B 179 9.97 -29.31 24.90
N THR B 180 10.24 -28.65 26.05
CA THR B 180 9.25 -28.51 27.13
C THR B 180 8.93 -27.02 27.37
N ALA B 181 9.89 -26.13 27.09
CA ALA B 181 9.74 -24.69 27.27
C ALA B 181 10.06 -23.96 25.95
N LEU B 182 9.16 -23.08 25.51
CA LEU B 182 9.34 -22.39 24.23
C LEU B 182 9.17 -20.88 24.39
N HIS B 183 10.08 -20.13 23.77
CA HIS B 183 10.01 -18.68 23.67
C HIS B 183 9.57 -18.29 22.25
N ALA B 184 8.41 -17.66 22.16
CA ALA B 184 7.90 -17.18 20.88
C ALA B 184 7.09 -15.90 21.05
N ILE B 185 6.98 -15.08 19.99
CA ILE B 185 6.10 -13.91 20.02
C ILE B 185 4.66 -14.48 19.94
N PRO B 186 3.67 -13.89 20.65
CA PRO B 186 2.32 -14.48 20.67
C PRO B 186 1.73 -14.87 19.30
N SER B 187 1.86 -14.01 18.27
CA SER B 187 1.32 -14.30 16.95
C SER B 187 2.02 -15.51 16.30
N TYR B 188 3.33 -15.72 16.58
CA TYR B 188 4.06 -16.87 16.02
C TYR B 188 3.69 -18.14 16.77
N ALA B 189 3.32 -18.03 18.07
CA ALA B 189 2.89 -19.18 18.86
C ALA B 189 1.60 -19.79 18.26
N ILE B 190 0.69 -18.94 17.72
CA ILE B 190 -0.55 -19.38 17.07
C ILE B 190 -0.21 -20.07 15.72
N ARG B 191 0.67 -19.47 14.92
CA ARG B 191 1.11 -20.06 13.64
C ARG B 191 1.66 -21.50 13.85
N LEU B 192 2.42 -21.74 14.95
CA LEU B 192 3.03 -23.04 15.28
C LEU B 192 1.97 -24.12 15.51
N ALA B 193 0.90 -23.79 16.25
CA ALA B 193 -0.19 -24.73 16.51
C ALA B 193 -0.85 -25.16 15.21
N GLU B 194 -0.97 -24.23 14.25
CA GLU B 194 -1.54 -24.47 12.93
C GLU B 194 -0.62 -25.38 12.11
N VAL B 195 0.70 -25.13 12.17
CA VAL B 195 1.70 -25.91 11.43
C VAL B 195 1.72 -27.37 11.98
N PHE B 196 1.55 -27.57 13.30
CA PHE B 196 1.45 -28.93 13.89
C PHE B 196 0.33 -29.71 13.24
N GLN B 197 -0.86 -29.10 13.11
CA GLN B 197 -2.04 -29.72 12.50
C GLN B 197 -1.79 -30.04 11.03
N GLU B 198 -1.15 -29.10 10.28
CA GLU B 198 -0.79 -29.27 8.87
C GLU B 198 0.13 -30.48 8.67
N GLU B 199 1.02 -30.74 9.67
CA GLU B 199 1.98 -31.84 9.65
C GLU B 199 1.42 -33.10 10.36
N GLY B 200 0.12 -33.08 10.67
CA GLY B 200 -0.58 -34.20 11.30
C GLY B 200 -0.18 -34.54 12.72
N ILE B 201 0.13 -33.52 13.53
CA ILE B 201 0.46 -33.71 14.95
C ILE B 201 -0.61 -32.96 15.76
N ASP B 202 -1.11 -33.57 16.86
CA ASP B 202 -2.10 -32.89 17.72
C ASP B 202 -1.35 -31.83 18.52
N PRO B 203 -1.62 -30.51 18.35
CA PRO B 203 -0.80 -29.50 19.07
C PRO B 203 -0.98 -29.56 20.61
N ARG B 204 -2.03 -30.24 21.10
CA ARG B 204 -2.27 -30.40 22.52
C ARG B 204 -1.57 -31.66 23.08
N GLU B 205 -0.98 -32.50 22.21
CA GLU B 205 -0.34 -33.75 22.68
C GLU B 205 1.18 -33.77 22.41
N THR B 206 1.84 -32.62 22.50
CA THR B 206 3.29 -32.55 22.34
C THR B 206 3.94 -32.57 23.72
N THR B 207 5.28 -32.46 23.76
CA THR B 207 6.05 -32.45 25.00
C THR B 207 6.08 -31.04 25.65
N LEU B 208 5.51 -30.02 24.95
CA LEU B 208 5.48 -28.64 25.45
C LEU B 208 4.68 -28.51 26.74
N LYS B 209 5.25 -27.78 27.70
CA LYS B 209 4.57 -27.54 28.99
C LYS B 209 4.46 -26.03 29.26
N THR B 210 5.54 -25.26 29.01
CA THR B 210 5.59 -23.83 29.32
C THR B 210 5.92 -22.99 28.09
N LEU B 211 5.18 -21.89 27.93
CA LEU B 211 5.44 -20.92 26.87
C LEU B 211 5.77 -19.57 27.47
N VAL B 212 6.81 -18.93 26.92
CA VAL B 212 7.20 -17.58 27.32
C VAL B 212 6.84 -16.68 26.14
N ILE B 213 5.88 -15.75 26.34
CA ILE B 213 5.42 -14.84 25.27
C ILE B 213 5.55 -13.40 25.75
N GLY B 214 6.06 -12.55 24.89
CA GLY B 214 6.23 -11.13 25.15
C GLY B 214 6.31 -10.41 23.83
N ALA B 215 7.25 -9.45 23.71
CA ALA B 215 7.60 -8.62 22.53
C ALA B 215 6.48 -7.69 22.08
N GLU B 216 5.22 -8.14 22.07
CA GLU B 216 4.16 -7.32 21.53
C GLU B 216 2.92 -7.29 22.43
N PRO B 217 2.15 -6.16 22.42
CA PRO B 217 0.93 -6.10 23.24
C PRO B 217 -0.10 -7.12 22.76
N HIS B 218 -0.71 -7.79 23.71
CA HIS B 218 -1.68 -8.84 23.46
C HIS B 218 -2.58 -8.94 24.63
N THR B 219 -3.83 -9.34 24.43
CA THR B 219 -4.80 -9.45 25.52
C THR B 219 -4.60 -10.76 26.30
N ASP B 220 -5.21 -10.86 27.48
CA ASP B 220 -5.19 -12.06 28.30
C ASP B 220 -5.88 -13.19 27.55
N GLU B 221 -7.01 -12.90 26.87
CA GLU B 221 -7.77 -13.90 26.11
C GLU B 221 -6.92 -14.46 24.96
N GLN B 222 -6.04 -13.65 24.36
CA GLN B 222 -5.14 -14.10 23.31
C GLN B 222 -4.16 -15.14 23.90
N ARG B 223 -3.65 -14.89 25.12
CA ARG B 223 -2.76 -15.80 25.86
C ARG B 223 -3.53 -17.09 26.22
N ARG B 224 -4.81 -16.97 26.63
CA ARG B 224 -5.65 -18.12 27.00
C ARG B 224 -5.95 -18.96 25.75
N LYS B 225 -6.05 -18.33 24.57
CA LYS B 225 -6.26 -19.02 23.29
C LYS B 225 -5.04 -19.88 22.98
N ILE B 226 -3.83 -19.32 23.16
CA ILE B 226 -2.54 -19.99 22.95
C ILE B 226 -2.43 -21.18 23.92
N GLU B 227 -2.76 -20.97 25.21
CA GLU B 227 -2.78 -22.00 26.24
C GLU B 227 -3.69 -23.18 25.87
N ARG B 228 -4.84 -22.92 25.23
CA ARG B 228 -5.80 -23.96 24.84
C ARG B 228 -5.33 -24.69 23.60
N LEU B 230 -2.25 -25.23 22.44
CA LEU B 230 -1.06 -26.03 22.64
C LEU B 230 -1.06 -26.78 23.99
N ASN B 231 -2.12 -26.63 24.82
CA ASN B 231 -2.25 -27.28 26.14
C ASN B 231 -0.96 -26.99 26.99
N VAL B 232 -0.70 -25.70 27.17
CA VAL B 232 0.46 -25.21 27.92
C VAL B 232 0.05 -24.12 28.89
N LYS B 233 0.98 -23.72 29.77
CA LYS B 233 0.92 -22.53 30.62
C LYS B 233 1.78 -21.49 29.92
N ALA B 234 1.21 -20.34 29.54
CA ALA B 234 1.92 -19.26 28.84
C ALA B 234 2.11 -18.08 29.79
N TYR B 235 3.32 -17.46 29.78
CA TYR B 235 3.65 -16.39 30.70
C TYR B 235 4.08 -15.15 29.98
N ASN B 236 3.55 -13.98 30.45
CA ASN B 236 3.86 -12.66 29.91
C ASN B 236 5.28 -12.26 30.35
N SER B 237 6.07 -11.89 29.37
CA SER B 237 7.48 -11.50 29.46
C SER B 237 7.70 -10.09 28.97
N PHE B 238 8.19 -9.18 29.84
CA PHE B 238 8.42 -7.79 29.37
C PHE B 238 9.91 -7.46 29.23
N GLY B 239 10.24 -6.83 28.15
CA GLY B 239 11.60 -6.36 27.93
C GLY B 239 11.70 -5.30 26.85
N THR B 241 15.32 -3.31 24.56
CA THR B 241 16.76 -3.23 24.30
C THR B 241 17.42 -2.27 25.27
N GLU B 242 16.80 -1.07 25.50
CA GLU B 242 17.31 -0.03 26.38
C GLU B 242 17.50 -0.54 27.78
N ASN B 244 18.14 -3.84 28.54
CA ASN B 244 18.90 -5.11 28.28
C ASN B 244 18.24 -5.89 27.15
N GLY B 245 16.96 -6.17 27.36
CA GLY B 245 16.09 -6.93 26.48
C GLY B 245 15.15 -7.70 27.39
N PRO B 246 15.00 -9.04 27.21
CA PRO B 246 14.18 -9.80 28.17
C PRO B 246 14.75 -9.78 29.60
N GLY B 247 13.91 -10.18 30.55
CA GLY B 247 14.27 -10.27 31.96
C GLY B 247 13.94 -9.08 32.84
N VAL B 248 13.28 -8.08 32.27
CA VAL B 248 12.98 -6.82 32.97
C VAL B 248 11.78 -7.01 33.93
N ALA B 249 10.68 -7.56 33.41
CA ALA B 249 9.46 -7.84 34.14
C ALA B 249 8.87 -9.12 33.57
N PHE B 250 8.23 -9.88 34.42
CA PHE B 250 7.74 -11.20 34.05
C PHE B 250 6.66 -11.65 35.00
N GLU B 251 5.63 -12.32 34.50
CA GLU B 251 4.58 -12.90 35.35
C GLU B 251 5.12 -14.01 36.24
N CYS B 252 4.52 -14.17 37.42
CA CYS B 252 4.82 -15.31 38.30
C CYS B 252 3.78 -16.37 37.98
N GLN B 253 3.74 -17.48 38.75
CA GLN B 253 2.82 -18.56 38.45
C GLN B 253 1.34 -18.15 38.75
N GLU B 254 1.10 -16.97 39.35
CA GLU B 254 -0.23 -16.41 39.60
C GLU B 254 -0.86 -15.83 38.32
N GLN B 255 -0.01 -15.54 37.28
CA GLN B 255 -0.42 -14.94 35.98
C GLN B 255 -1.30 -13.72 36.21
N ASN B 256 -0.88 -12.85 37.14
CA ASN B 256 -1.63 -11.64 37.49
C ASN B 256 -0.66 -10.50 37.77
N GLY B 257 -0.26 -9.84 36.69
CA GLY B 257 0.70 -8.76 36.77
C GLY B 257 2.12 -9.24 36.59
N HIS B 259 5.96 -9.02 37.60
CA HIS B 259 6.90 -8.58 38.64
C HIS B 259 8.05 -7.85 37.99
N PHE B 260 8.30 -6.63 38.45
CA PHE B 260 9.40 -5.81 37.97
C PHE B 260 10.58 -5.99 38.90
N TRP B 261 11.77 -6.37 38.40
CA TRP B 261 12.89 -6.61 39.31
C TRP B 261 13.47 -5.26 39.75
N GLU B 262 13.05 -4.83 40.94
CA GLU B 262 13.35 -3.53 41.53
C GLU B 262 14.77 -3.43 42.07
N ASP B 263 15.49 -4.55 42.17
CA ASP B 263 16.89 -4.49 42.56
C ASP B 263 17.74 -4.02 41.35
N CYS B 264 17.21 -4.12 40.10
CA CYS B 264 17.95 -3.73 38.90
C CYS B 264 17.24 -2.57 38.14
N TYR B 265 16.01 -2.19 38.52
CA TYR B 265 15.28 -1.09 37.88
C TYR B 265 14.50 -0.25 38.87
N LEU B 266 14.49 1.08 38.67
CA LEU B 266 13.68 2.01 39.45
C LEU B 266 12.52 2.40 38.55
N VAL B 267 11.30 2.01 38.93
CA VAL B 267 10.08 2.16 38.14
C VAL B 267 9.31 3.41 38.56
N GLU B 268 8.93 4.25 37.57
CA GLU B 268 8.06 5.42 37.74
C GLU B 268 6.91 5.35 36.72
N ILE B 269 5.71 5.78 37.11
CA ILE B 269 4.56 5.91 36.20
C ILE B 269 4.19 7.40 36.13
N ILE B 270 4.47 8.08 35.00
CA ILE B 270 4.20 9.52 34.89
C ILE B 270 3.04 9.82 33.94
N ASP B 271 2.40 10.97 34.20
CA ASP B 271 1.37 11.59 33.37
C ASP B 271 2.07 12.06 32.10
N PRO B 272 1.72 11.53 30.91
CA PRO B 272 2.47 11.89 29.70
C PRO B 272 2.44 13.38 29.38
N GLU B 273 1.41 14.11 29.85
CA GLU B 273 1.22 15.52 29.60
C GLU B 273 2.06 16.37 30.60
N THR B 274 1.71 16.33 31.90
CA THR B 274 2.36 17.10 32.97
C THR B 274 3.81 16.68 33.28
N GLY B 275 4.12 15.38 33.20
CA GLY B 275 5.44 14.84 33.56
C GLY B 275 5.57 14.58 35.06
N GLU B 276 4.44 14.63 35.77
CA GLU B 276 4.36 14.40 37.20
C GLU B 276 3.97 12.96 37.49
N PRO B 277 4.31 12.40 38.68
CA PRO B 277 3.88 11.00 38.97
C PRO B 277 2.35 10.89 38.99
N VAL B 278 1.81 9.82 38.39
CA VAL B 278 0.35 9.62 38.35
C VAL B 278 -0.14 9.17 39.75
N PRO B 279 -1.42 9.40 40.12
CA PRO B 279 -1.93 8.86 41.40
C PRO B 279 -1.74 7.35 41.44
N GLU B 280 -1.41 6.80 42.63
CA GLU B 280 -1.15 5.38 42.87
C GLU B 280 -2.18 4.46 42.18
N GLY B 281 -1.72 3.66 41.21
CA GLY B 281 -2.54 2.69 40.48
C GLY B 281 -3.23 3.15 39.20
N GLU B 282 -2.97 4.39 38.75
CA GLU B 282 -3.52 4.95 37.50
C GLU B 282 -2.60 4.65 36.30
N ILE B 283 -3.18 4.68 35.08
CA ILE B 283 -2.43 4.44 33.85
C ILE B 283 -1.59 5.67 33.52
N GLY B 284 -0.34 5.43 33.15
CA GLY B 284 0.59 6.47 32.73
C GLY B 284 1.72 5.87 31.95
N GLU B 285 2.69 6.70 31.55
CA GLU B 285 3.86 6.26 30.80
C GLU B 285 4.88 5.64 31.77
N LEU B 286 5.40 4.48 31.41
CA LEU B 286 6.43 3.77 32.19
C LEU B 286 7.78 4.47 31.99
N VAL B 287 8.42 4.93 33.09
CA VAL B 287 9.70 5.67 33.09
C VAL B 287 10.66 4.85 33.92
N LEU B 288 11.79 4.42 33.32
CA LEU B 288 12.71 3.49 33.98
C LEU B 288 14.14 3.99 34.11
N THR B 289 14.79 3.54 35.18
CA THR B 289 16.19 3.83 35.53
C THR B 289 16.90 2.51 35.80
N THR B 290 18.04 2.28 35.15
CA THR B 290 18.86 1.07 35.39
C THR B 290 19.56 1.23 36.74
N LEU B 291 19.65 0.14 37.51
CA LEU B 291 20.29 0.19 38.82
C LEU B 291 21.50 -0.76 38.90
N ASP B 292 21.71 -1.65 37.90
CA ASP B 292 22.84 -2.58 37.95
C ASP B 292 23.65 -2.55 36.63
N ARG B 293 23.41 -1.59 35.74
CA ARG B 293 24.18 -1.41 34.50
C ARG B 293 25.35 -0.44 34.73
N GLU B 294 26.53 -0.78 34.24
CA GLU B 294 27.71 0.04 34.48
C GLU B 294 28.27 0.70 33.22
N PRO B 297 24.54 3.26 31.76
CA PRO B 297 23.29 3.36 32.51
C PRO B 297 22.29 4.31 31.84
N LEU B 298 21.00 4.11 32.07
CA LEU B 298 19.92 4.97 31.56
C LEU B 298 19.12 5.51 32.73
N ILE B 299 18.93 6.84 32.79
CA ILE B 299 18.26 7.48 33.91
C ILE B 299 16.95 8.09 33.43
N ARG B 300 15.86 7.70 34.10
CA ARG B 300 14.49 8.18 33.86
C ARG B 300 14.17 8.14 32.37
N TYR B 301 14.38 6.97 31.78
CA TYR B 301 14.13 6.77 30.36
C TYR B 301 12.61 6.64 30.13
N ARG B 302 12.06 7.52 29.29
CA ARG B 302 10.65 7.52 28.87
C ARG B 302 10.43 6.44 27.81
N THR B 303 9.84 5.32 28.21
CA THR B 303 9.69 4.13 27.34
C THR B 303 8.62 4.27 26.27
N ARG B 304 7.66 5.20 26.45
CA ARG B 304 6.51 5.44 25.56
C ARG B 304 5.48 4.29 25.71
N ASP B 305 5.69 3.36 26.68
CA ASP B 305 4.76 2.27 27.00
C ASP B 305 3.83 2.73 28.10
N LEU B 306 2.54 2.46 27.94
CA LEU B 306 1.53 2.87 28.92
C LEU B 306 1.09 1.68 29.73
N THR B 307 1.10 1.81 31.06
CA THR B 307 0.68 0.76 31.98
C THR B 307 0.40 1.40 33.35
N ARG B 308 0.15 0.58 34.37
CA ARG B 308 -0.10 0.99 35.74
C ARG B 308 0.53 -0.02 36.69
N ILE B 309 0.73 0.40 37.95
CA ILE B 309 1.23 -0.46 39.02
C ILE B 309 0.00 -1.08 39.68
N LEU B 310 -0.03 -2.42 39.75
CA LEU B 310 -1.10 -3.19 40.38
C LEU B 310 -0.88 -3.22 41.90
N PRO B 311 -1.86 -2.77 42.70
CA PRO B 311 -1.66 -2.74 44.16
C PRO B 311 -1.68 -4.10 44.84
N GLY B 312 -1.20 -4.11 46.08
CA GLY B 312 -1.20 -5.25 46.97
C GLY B 312 -0.05 -6.20 46.83
N LYS B 313 0.20 -7.01 47.88
CA LYS B 313 1.27 -7.99 47.78
C LYS B 313 0.74 -9.19 46.99
N CYS B 314 1.66 -9.92 46.38
CA CYS B 314 1.31 -11.05 45.54
C CYS B 314 1.34 -12.34 46.36
N PRO B 315 0.41 -13.29 46.12
CA PRO B 315 0.45 -14.58 46.85
C PRO B 315 1.73 -15.40 46.60
N CYS B 316 2.57 -15.11 45.56
CA CYS B 316 3.80 -15.89 45.34
C CYS B 316 4.84 -15.54 46.45
N GLY B 317 4.59 -14.46 47.17
CA GLY B 317 5.46 -13.99 48.25
C GLY B 317 6.54 -13.00 47.84
N ARG B 318 6.66 -12.70 46.52
CA ARG B 318 7.66 -11.75 46.04
C ARG B 318 7.18 -10.34 46.33
N THR B 319 8.11 -9.50 46.79
CA THR B 319 7.88 -8.14 47.26
C THR B 319 8.11 -7.08 46.15
N HIS B 320 8.62 -7.52 44.98
CA HIS B 320 8.85 -6.66 43.83
C HIS B 320 7.51 -6.32 43.19
N LEU B 321 7.26 -5.02 42.93
CA LEU B 321 6.01 -4.51 42.37
C LEU B 321 5.64 -5.23 41.05
N ARG B 322 4.34 -5.26 40.76
CA ARG B 322 3.74 -5.82 39.56
C ARG B 322 3.15 -4.72 38.69
N ILE B 323 3.35 -4.82 37.38
CA ILE B 323 2.76 -3.89 36.41
C ILE B 323 1.68 -4.64 35.64
N ASP B 324 0.65 -3.88 35.20
CA ASP B 324 -0.41 -4.46 34.37
C ASP B 324 0.16 -4.70 32.96
N ARG B 325 -0.56 -5.44 32.12
CA ARG B 325 -0.06 -5.67 30.77
C ARG B 325 -0.05 -4.34 30.02
N ILE B 326 0.88 -4.21 29.06
CA ILE B 326 1.06 -2.95 28.35
C ILE B 326 -0.21 -2.68 27.50
N LYS B 327 -0.86 -1.55 27.80
CA LYS B 327 -2.07 -1.00 27.15
C LYS B 327 -1.81 -0.69 25.67
N GLY B 328 -0.59 -0.27 25.39
CA GLY B 328 -0.09 0.07 24.07
C GLY B 328 1.04 1.07 24.20
N ARG B 329 1.80 1.24 23.11
CA ARG B 329 2.88 2.22 23.05
C ARG B 329 2.25 3.54 22.59
N SER B 330 2.84 4.70 22.93
CA SER B 330 2.33 6.04 22.56
C SER B 330 2.26 6.24 21.06
N ASP B 331 3.23 5.66 20.33
CA ASP B 331 3.38 5.73 18.88
C ASP B 331 2.38 4.77 18.17
N ASP B 332 1.78 3.84 18.93
CA ASP B 332 0.79 2.89 18.41
C ASP B 332 -0.60 3.56 18.30
N PHE B 334 -3.58 6.21 17.32
CA PHE B 334 -3.97 6.90 16.09
C PHE B 334 -5.23 7.73 16.34
N ILE B 335 -5.29 8.90 15.71
CA ILE B 335 -6.45 9.76 15.87
C ILE B 335 -7.29 9.70 14.57
N ILE B 336 -8.60 9.41 14.73
CA ILE B 336 -9.58 9.34 13.66
C ILE B 336 -10.84 10.06 14.15
N LYS B 337 -11.32 11.07 13.36
CA LYS B 337 -12.48 11.94 13.62
C LYS B 337 -12.35 12.65 15.00
N GLY B 338 -11.12 13.01 15.35
CA GLY B 338 -10.79 13.69 16.61
C GLY B 338 -10.71 12.81 17.85
N VAL B 339 -10.93 11.48 17.70
CA VAL B 339 -10.92 10.52 18.81
C VAL B 339 -9.62 9.71 18.82
N ASN B 340 -8.99 9.60 20.01
CA ASN B 340 -7.77 8.83 20.22
C ASN B 340 -8.08 7.34 20.39
N ILE B 341 -7.44 6.47 19.60
CA ILE B 341 -7.72 5.03 19.66
C ILE B 341 -6.41 4.21 19.75
N PHE B 342 -6.43 3.15 20.58
CA PHE B 342 -5.34 2.18 20.72
C PHE B 342 -5.74 0.83 20.12
N PRO B 343 -4.84 0.19 19.33
CA PRO B 343 -5.17 -1.11 18.72
C PRO B 343 -5.62 -2.20 19.74
N GLN B 345 -7.69 -1.78 22.19
CA GLN B 345 -9.11 -1.56 22.44
C GLN B 345 -9.94 -2.38 21.45
N VAL B 346 -9.44 -2.49 20.21
CA VAL B 346 -10.04 -3.26 19.13
C VAL B 346 -9.85 -4.76 19.45
N GLU B 347 -8.61 -5.19 19.82
CA GLU B 347 -8.30 -6.58 20.13
C GLU B 347 -9.12 -7.05 21.33
N LYS B 348 -9.22 -6.27 22.44
CA LYS B 348 -9.98 -6.66 23.63
C LYS B 348 -11.46 -6.96 23.29
N ILE B 349 -12.00 -6.39 22.21
CA ILE B 349 -13.38 -6.63 21.77
C ILE B 349 -13.41 -7.90 20.91
N LEU B 350 -12.56 -7.97 19.86
CA LEU B 350 -12.50 -9.09 18.92
C LEU B 350 -12.22 -10.45 19.58
N VAL B 351 -11.34 -10.51 20.61
CA VAL B 351 -10.95 -11.78 21.27
C VAL B 351 -12.14 -12.47 21.98
N GLN B 352 -13.17 -11.71 22.42
CA GLN B 352 -14.26 -12.35 23.16
CA GLN B 352 -14.37 -12.22 23.11
C GLN B 352 -15.23 -13.11 22.20
N PHE B 353 -15.15 -12.90 20.86
CA PHE B 353 -15.95 -13.66 19.90
C PHE B 353 -15.25 -14.97 19.50
N PRO B 354 -15.85 -16.15 19.83
CA PRO B 354 -15.21 -17.44 19.49
C PRO B 354 -15.29 -17.79 17.99
N GLU B 355 -16.19 -17.13 17.24
CA GLU B 355 -16.36 -17.36 15.80
C GLU B 355 -15.22 -16.72 14.98
N LEU B 356 -14.36 -15.89 15.64
CA LEU B 356 -13.26 -15.18 15.00
C LEU B 356 -11.91 -15.83 15.28
N GLY B 357 -10.98 -15.60 14.35
CA GLY B 357 -9.59 -16.05 14.42
C GLY B 357 -8.72 -15.06 15.18
N SER B 358 -7.41 -15.29 15.18
CA SER B 358 -6.47 -14.45 15.92
C SER B 358 -5.88 -13.29 15.09
N ASN B 359 -5.90 -13.40 13.75
CA ASN B 359 -5.31 -12.36 12.91
C ASN B 359 -6.33 -11.31 12.51
N TYR B 360 -5.95 -10.03 12.68
CA TYR B 360 -6.78 -8.88 12.34
C TYR B 360 -5.89 -7.73 11.82
N LEU B 361 -6.50 -6.78 11.08
CA LEU B 361 -5.81 -5.61 10.54
C LEU B 361 -6.74 -4.40 10.52
N ILE B 362 -6.24 -3.29 11.08
CA ILE B 362 -6.92 -1.99 11.11
C ILE B 362 -6.32 -1.16 9.99
N THR B 363 -7.16 -0.69 9.06
CA THR B 363 -6.71 0.12 7.92
C THR B 363 -7.40 1.48 8.02
N LEU B 364 -6.58 2.53 7.89
CA LEU B 364 -7.02 3.90 7.96
C LEU B 364 -6.90 4.54 6.57
N GLU B 365 -8.01 5.06 6.05
CA GLU B 365 -8.04 5.66 4.71
C GLU B 365 -8.83 6.98 4.67
N THR B 366 -8.66 7.75 3.58
CA THR B 366 -9.41 8.99 3.34
C THR B 366 -10.30 8.76 2.11
N VAL B 367 -11.63 8.81 2.32
CA VAL B 367 -12.69 8.71 1.30
C VAL B 367 -13.28 10.11 1.13
N ASN B 368 -12.93 10.77 0.00
CA ASN B 368 -13.21 12.18 -0.36
C ASN B 368 -12.30 13.05 0.53
N ASN B 369 -12.85 13.65 1.62
CA ASN B 369 -12.06 14.44 2.57
C ASN B 369 -12.23 13.88 4.00
N GLN B 370 -13.11 12.85 4.15
CA GLN B 370 -13.43 12.21 5.43
C GLN B 370 -12.62 10.92 5.66
N ASP B 371 -12.14 10.75 6.90
CA ASP B 371 -11.37 9.58 7.31
C ASP B 371 -12.28 8.39 7.65
N GLU B 372 -11.87 7.18 7.25
CA GLU B 372 -12.60 5.94 7.51
C GLU B 372 -11.67 4.86 8.09
N ILE B 374 -11.25 0.74 8.82
CA ILE B 374 -11.69 -0.60 8.44
C ILE B 374 -11.00 -1.64 9.33
N VAL B 375 -11.78 -2.52 9.97
CA VAL B 375 -11.25 -3.60 10.81
C VAL B 375 -11.49 -4.93 10.09
N GLU B 376 -10.43 -5.52 9.53
CA GLU B 376 -10.46 -6.84 8.89
C GLU B 376 -10.10 -7.90 9.91
N VAL B 377 -10.93 -8.91 10.11
CA VAL B 377 -10.64 -9.96 11.09
C VAL B 377 -10.95 -11.31 10.42
N GLU B 378 -10.01 -12.25 10.55
CA GLU B 378 -10.14 -13.59 10.00
C GLU B 378 -11.20 -14.41 10.74
N LEU B 379 -11.90 -15.28 10.02
CA LEU B 379 -12.90 -16.17 10.59
C LEU B 379 -12.26 -17.44 11.16
N SER B 380 -12.80 -17.95 12.28
CA SER B 380 -12.30 -19.18 12.90
C SER B 380 -12.60 -20.41 12.05
N ASP B 381 -11.68 -21.38 12.12
CA ASP B 381 -11.75 -22.68 11.45
C ASP B 381 -12.94 -23.48 11.98
N LEU B 382 -13.40 -23.17 13.23
CA LEU B 382 -14.53 -23.81 13.90
C LEU B 382 -15.85 -23.41 13.23
N SER B 383 -16.17 -24.12 12.11
CA SER B 383 -17.34 -24.02 11.22
C SER B 383 -18.02 -22.64 11.28
N THR B 384 -19.30 -22.59 11.79
CA THR B 384 -20.24 -21.45 11.96
C THR B 384 -20.45 -20.70 10.60
N ASP B 385 -20.29 -21.42 9.46
CA ASP B 385 -20.42 -20.89 8.11
C ASP B 385 -21.91 -20.68 7.75
N ASN B 386 -22.61 -19.83 8.53
CA ASN B 386 -23.99 -19.44 8.29
C ASN B 386 -24.01 -17.93 8.10
N TYR B 387 -24.38 -17.45 6.89
CA TYR B 387 -24.37 -16.03 6.55
C TYR B 387 -25.19 -15.20 7.55
N ILE B 388 -26.47 -15.54 7.76
CA ILE B 388 -27.41 -14.82 8.64
C ILE B 388 -26.84 -14.72 10.08
N GLU B 389 -26.25 -15.81 10.62
CA GLU B 389 -25.68 -15.81 11.96
C GLU B 389 -24.37 -15.02 12.01
N LEU B 390 -23.51 -15.15 10.99
CA LEU B 390 -22.23 -14.43 10.90
C LEU B 390 -22.45 -12.94 10.77
N GLU B 391 -23.39 -12.51 9.90
CA GLU B 391 -23.72 -11.12 9.68
C GLU B 391 -24.30 -10.50 10.98
N LYS B 392 -25.04 -11.31 11.78
CA LYS B 392 -25.61 -10.88 13.07
C LYS B 392 -24.47 -10.59 14.07
N ILE B 393 -23.44 -11.46 14.08
CA ILE B 393 -22.25 -11.33 14.91
C ILE B 393 -21.45 -10.11 14.46
N ARG B 394 -21.31 -9.90 13.12
CA ARG B 394 -20.57 -8.78 12.53
C ARG B 394 -21.17 -7.44 12.98
N ARG B 395 -22.51 -7.38 13.09
CA ARG B 395 -23.26 -6.22 13.56
C ARG B 395 -22.98 -5.99 15.05
N ASP B 396 -22.88 -7.09 15.83
CA ASP B 396 -22.58 -7.02 17.27
C ASP B 396 -21.14 -6.53 17.51
N ILE B 397 -20.22 -6.85 16.56
CA ILE B 397 -18.80 -6.44 16.61
C ILE B 397 -18.76 -4.90 16.40
N ILE B 398 -19.44 -4.37 15.34
CA ILE B 398 -19.47 -2.92 15.07
C ILE B 398 -20.04 -2.18 16.30
N ARG B 399 -21.14 -2.71 16.87
CA ARG B 399 -21.84 -2.18 18.04
C ARG B 399 -20.88 -2.08 19.25
N GLN B 400 -20.21 -3.19 19.60
CA GLN B 400 -19.29 -3.26 20.74
C GLN B 400 -18.04 -2.40 20.51
N LEU B 401 -17.60 -2.26 19.24
CA LEU B 401 -16.47 -1.39 18.90
C LEU B 401 -16.86 0.05 19.12
N LYS B 402 -18.00 0.49 18.53
CA LYS B 402 -18.56 1.86 18.63
C LYS B 402 -18.65 2.31 20.10
N ASP B 403 -19.11 1.42 21.00
CA ASP B 403 -19.23 1.69 22.44
C ASP B 403 -17.87 1.89 23.10
N GLU B 404 -16.83 1.16 22.64
CA GLU B 404 -15.48 1.24 23.20
C GLU B 404 -14.65 2.38 22.58
N ILE B 405 -14.49 2.40 21.24
CA ILE B 405 -13.60 3.34 20.55
C ILE B 405 -14.36 4.66 20.22
N LEU B 406 -15.66 4.76 20.55
CA LEU B 406 -16.53 5.94 20.41
C LEU B 406 -16.58 6.47 18.95
N VAL B 407 -16.21 5.64 17.97
CA VAL B 407 -16.30 5.94 16.52
C VAL B 407 -16.88 4.65 15.88
N THR B 408 -17.63 4.79 14.79
CA THR B 408 -18.22 3.64 14.12
C THR B 408 -17.26 3.16 13.01
N PRO B 409 -16.61 1.99 13.18
CA PRO B 409 -15.72 1.50 12.12
C PRO B 409 -16.43 0.56 11.13
N LYS B 410 -15.79 0.33 9.99
CA LYS B 410 -16.23 -0.67 9.02
C LYS B 410 -15.60 -2.00 9.45
N VAL B 411 -16.38 -3.09 9.50
CA VAL B 411 -15.87 -4.40 9.93
C VAL B 411 -16.03 -5.39 8.78
N LYS B 412 -14.92 -6.04 8.37
CA LYS B 412 -14.93 -7.02 7.28
C LYS B 412 -14.43 -8.38 7.81
N LEU B 413 -15.25 -9.43 7.66
CA LEU B 413 -14.89 -10.80 8.04
C LEU B 413 -14.19 -11.44 6.85
N VAL B 414 -12.90 -11.77 6.98
CA VAL B 414 -12.10 -12.31 5.86
C VAL B 414 -11.73 -13.81 6.10
N LYS B 415 -11.33 -14.50 5.01
CA LYS B 415 -10.95 -15.92 5.02
C LYS B 415 -9.73 -16.18 5.91
N LYS B 416 -9.72 -17.34 6.58
CA LYS B 416 -8.60 -17.72 7.46
C LYS B 416 -7.31 -17.81 6.63
N GLY B 417 -6.28 -17.09 7.08
CA GLY B 417 -4.97 -17.03 6.44
C GLY B 417 -4.83 -16.02 5.31
N SER B 418 -5.92 -15.27 4.99
CA SER B 418 -5.92 -14.26 3.92
C SER B 418 -5.15 -12.97 4.32
N LEU B 419 -5.09 -12.65 5.62
CA LEU B 419 -4.38 -11.46 6.10
C LEU B 419 -2.87 -11.71 6.18
N PRO B 420 -2.03 -10.66 6.00
CA PRO B 420 -0.57 -10.88 6.01
C PRO B 420 -0.03 -11.24 7.39
N GLN B 421 1.03 -12.06 7.40
CA GLN B 421 1.72 -12.59 8.56
C GLN B 421 3.19 -12.14 8.51
N SER B 422 3.61 -11.28 9.45
CA SER B 422 4.98 -10.78 9.51
C SER B 422 5.94 -11.82 10.05
N GLU B 423 7.23 -11.68 9.73
CA GLU B 423 8.28 -12.57 10.21
C GLU B 423 8.57 -12.28 11.71
N GLY B 424 8.25 -11.06 12.14
CA GLY B 424 8.42 -10.59 13.52
C GLY B 424 7.11 -10.10 14.10
N LYS B 425 7.16 -9.02 14.93
CA LYS B 425 5.99 -8.43 15.57
C LYS B 425 4.91 -8.07 14.54
N ALA B 426 3.67 -8.42 14.84
CA ALA B 426 2.54 -8.14 13.99
C ALA B 426 2.25 -6.62 13.87
N VAL B 427 1.98 -6.18 12.64
CA VAL B 427 1.57 -4.81 12.33
C VAL B 427 0.05 -4.83 12.30
N ARG B 428 -0.58 -4.21 13.30
CA ARG B 428 -2.03 -4.22 13.42
C ARG B 428 -2.69 -2.97 12.79
N VAL B 429 -1.92 -1.88 12.58
CA VAL B 429 -2.48 -0.66 12.00
C VAL B 429 -1.69 -0.31 10.72
N LYS B 430 -2.43 -0.10 9.62
CA LYS B 430 -1.94 0.34 8.32
C LYS B 430 -2.62 1.67 8.01
N ASP B 431 -1.89 2.80 8.18
CA ASP B 431 -2.44 4.15 7.95
C ASP B 431 -2.07 4.60 6.54
N LEU B 432 -3.09 4.77 5.67
CA LEU B 432 -2.90 5.15 4.27
C LEU B 432 -3.39 6.61 3.98
N ARG B 433 -3.56 7.43 5.03
CA ARG B 433 -4.01 8.82 4.94
C ARG B 433 -2.86 9.74 4.59
N GLY C 1 -44.71 44.64 -6.47
CA GLY C 1 -45.32 45.24 -7.65
C GLY C 1 -44.51 46.39 -8.23
N SER C 3 -41.73 48.04 -6.84
CA SER C 3 -40.30 47.83 -6.65
C SER C 3 -39.78 46.56 -7.37
N THR C 4 -40.70 45.68 -7.86
CA THR C 4 -40.38 44.40 -8.52
C THR C 4 -39.63 44.62 -9.86
N GLN C 5 -38.58 43.80 -10.09
CA GLN C 5 -37.76 43.81 -11.31
C GLN C 5 -37.92 42.49 -12.05
N TYR C 6 -38.09 42.59 -13.39
CA TYR C 6 -38.34 41.45 -14.26
C TYR C 6 -37.23 41.26 -15.27
N TRP C 7 -36.96 40.00 -15.62
CA TRP C 7 -35.99 39.59 -16.64
C TRP C 7 -36.55 39.96 -18.03
N GLU C 8 -37.86 39.66 -18.25
CA GLU C 8 -38.63 39.90 -19.47
C GLU C 8 -39.99 40.43 -19.07
N GLU C 9 -40.06 41.72 -18.69
CA GLU C 9 -41.26 42.39 -18.19
C GLU C 9 -42.45 42.20 -19.14
N GLU C 10 -42.25 42.36 -20.47
CA GLU C 10 -43.36 42.26 -21.43
C GLU C 10 -44.04 40.89 -21.36
N ILE C 11 -43.29 39.82 -21.05
CA ILE C 11 -43.85 38.47 -20.92
C ILE C 11 -44.37 38.22 -19.49
N GLU C 12 -43.56 38.58 -18.49
CA GLU C 12 -43.79 38.25 -17.08
C GLU C 12 -45.02 38.97 -16.52
N ILE C 13 -45.45 40.14 -17.07
CA ILE C 13 -46.66 40.84 -16.58
C ILE C 13 -47.69 40.97 -17.73
N SER C 15 -50.89 40.56 -20.03
CA SER C 15 -52.31 40.33 -19.67
C SER C 15 -52.72 38.91 -20.01
N ARG C 16 -53.63 38.35 -19.21
CA ARG C 16 -54.15 36.99 -19.41
C ARG C 16 -54.67 36.83 -20.86
N GLU C 17 -55.32 37.86 -21.40
CA GLU C 17 -55.88 37.90 -22.76
C GLU C 17 -54.76 37.71 -23.80
N LYS C 18 -53.69 38.52 -23.72
CA LYS C 18 -52.53 38.47 -24.63
C LYS C 18 -51.73 37.16 -24.46
N LEU C 19 -51.61 36.67 -23.22
CA LEU C 19 -50.89 35.44 -22.88
C LEU C 19 -51.62 34.21 -23.45
N GLN C 20 -52.94 34.28 -23.56
CA GLN C 20 -53.80 33.24 -24.12
C GLN C 20 -53.63 33.18 -25.65
N GLU C 21 -53.52 34.36 -26.31
CA GLU C 21 -53.34 34.41 -27.76
C GLU C 21 -51.94 33.91 -28.10
N LEU C 22 -50.93 34.21 -27.24
CA LEU C 22 -49.56 33.74 -27.43
C LEU C 22 -49.50 32.23 -27.31
N GLN C 23 -50.19 31.65 -26.30
CA GLN C 23 -50.23 30.20 -26.07
C GLN C 23 -50.85 29.47 -27.25
N LEU C 24 -51.94 30.01 -27.82
CA LEU C 24 -52.60 29.37 -28.94
C LEU C 24 -51.71 29.43 -30.19
N GLN C 25 -51.09 30.59 -30.47
CA GLN C 25 -50.18 30.77 -31.59
C GLN C 25 -49.06 29.67 -31.49
N ARG C 26 -48.45 29.51 -30.31
CA ARG C 26 -47.37 28.54 -30.06
C ARG C 26 -47.92 27.10 -30.01
N LEU C 27 -49.18 26.86 -29.51
CA LEU C 27 -49.77 25.52 -29.47
C LEU C 27 -49.97 24.97 -30.90
N LYS C 28 -50.46 25.82 -31.82
CA LYS C 28 -50.66 25.44 -33.22
C LYS C 28 -49.31 25.07 -33.88
N LYS C 29 -48.27 25.87 -33.64
CA LYS C 29 -46.92 25.67 -34.19
C LYS C 29 -46.34 24.33 -33.67
N THR C 30 -46.52 24.06 -32.37
CA THR C 30 -46.02 22.86 -31.67
C THR C 30 -46.67 21.59 -32.25
N ILE C 31 -47.97 21.64 -32.58
CA ILE C 31 -48.70 20.52 -33.15
C ILE C 31 -48.25 20.30 -34.61
N ASN C 32 -47.98 21.38 -35.37
CA ASN C 32 -47.53 21.26 -36.76
C ASN C 32 -46.11 20.65 -36.82
N ILE C 33 -45.22 21.04 -35.88
CA ILE C 33 -43.87 20.48 -35.74
C ILE C 33 -43.97 19.00 -35.32
N ALA C 34 -44.72 18.71 -34.23
CA ALA C 34 -44.85 17.35 -33.67
C ALA C 34 -45.36 16.33 -34.70
N ALA C 35 -46.18 16.77 -35.66
CA ALA C 35 -46.77 15.95 -36.71
C ALA C 35 -45.69 15.27 -37.56
N ASN C 36 -44.45 15.81 -37.57
CA ASN C 36 -43.31 15.25 -38.30
C ASN C 36 -42.68 14.06 -37.54
N SER C 37 -42.93 13.90 -36.23
CA SER C 37 -42.37 12.76 -35.49
C SER C 37 -43.15 11.47 -35.80
N PRO C 38 -42.50 10.28 -35.86
CA PRO C 38 -43.23 9.04 -36.11
C PRO C 38 -44.39 8.81 -35.12
N TYR C 39 -44.17 9.11 -33.84
CA TYR C 39 -45.15 8.91 -32.78
C TYR C 39 -46.40 9.76 -32.98
N TYR C 40 -46.24 11.10 -33.03
CA TYR C 40 -47.39 11.99 -33.12
C TYR C 40 -48.02 11.95 -34.50
N LYS C 41 -47.28 11.55 -35.56
CA LYS C 41 -47.86 11.39 -36.91
C LYS C 41 -48.94 10.32 -36.87
N GLU C 42 -48.65 9.21 -36.14
CA GLU C 42 -49.54 8.06 -35.94
C GLU C 42 -50.70 8.43 -35.00
N VAL C 43 -50.41 9.15 -33.87
CA VAL C 43 -51.42 9.58 -32.89
C VAL C 43 -52.45 10.51 -33.57
N PHE C 44 -51.97 11.55 -34.29
CA PHE C 44 -52.81 12.54 -34.97
C PHE C 44 -53.65 11.88 -36.07
N SER C 45 -53.09 10.90 -36.79
CA SER C 45 -53.75 10.15 -37.87
C SER C 45 -54.90 9.32 -37.30
N LYS C 46 -54.65 8.61 -36.18
CA LYS C 46 -55.63 7.75 -35.51
C LYS C 46 -56.70 8.55 -34.77
N ASN C 47 -56.46 9.85 -34.49
CA ASN C 47 -57.43 10.67 -33.74
C ASN C 47 -57.96 11.85 -34.59
N GLY C 48 -57.67 11.85 -35.89
CA GLY C 48 -58.12 12.87 -36.83
C GLY C 48 -57.69 14.29 -36.49
N ILE C 49 -56.42 14.44 -36.05
CA ILE C 49 -55.88 15.75 -35.71
C ILE C 49 -55.21 16.31 -36.98
N THR C 50 -55.74 17.44 -37.45
CA THR C 50 -55.26 18.15 -38.65
C THR C 50 -54.84 19.58 -38.26
N GLY C 51 -54.49 20.39 -39.26
CA GLY C 51 -54.07 21.76 -39.06
C GLY C 51 -55.21 22.68 -38.66
N ASP C 52 -56.45 22.19 -38.77
CA ASP C 52 -57.64 22.95 -38.43
C ASP C 52 -58.29 22.50 -37.12
N SER C 53 -57.75 21.43 -36.49
CA SER C 53 -58.30 20.85 -35.26
C SER C 53 -58.19 21.81 -34.07
N ILE C 54 -57.09 22.60 -33.99
CA ILE C 54 -56.89 23.53 -32.88
C ILE C 54 -57.25 24.94 -33.32
N GLN C 55 -58.37 25.47 -32.77
CA GLN C 55 -58.87 26.82 -33.03
C GLN C 55 -58.91 27.63 -31.73
N SER C 56 -58.87 26.92 -30.59
CA SER C 56 -58.86 27.45 -29.22
C SER C 56 -57.98 26.56 -28.35
N LEU C 57 -57.61 27.06 -27.16
CA LEU C 57 -56.79 26.33 -26.21
C LEU C 57 -57.53 25.08 -25.67
N ASP C 58 -58.88 25.12 -25.62
CA ASP C 58 -59.70 23.98 -25.16
C ASP C 58 -59.65 22.81 -26.14
N ASP C 59 -59.37 23.07 -27.44
CA ASP C 59 -59.28 22.06 -28.48
C ASP C 59 -58.10 21.10 -28.23
N ILE C 60 -57.17 21.42 -27.29
CA ILE C 60 -56.06 20.53 -26.95
C ILE C 60 -56.60 19.20 -26.38
N ARG C 61 -57.80 19.24 -25.75
CA ARG C 61 -58.46 18.08 -25.14
C ARG C 61 -58.92 17.08 -26.22
N LYS C 62 -58.80 17.43 -27.51
CA LYS C 62 -59.07 16.52 -28.63
C LYS C 62 -57.92 15.52 -28.78
N ILE C 63 -56.72 15.87 -28.31
CA ILE C 63 -55.51 15.05 -28.39
C ILE C 63 -55.39 14.13 -27.15
N PRO C 64 -55.10 12.83 -27.32
CA PRO C 64 -54.89 11.94 -26.14
C PRO C 64 -53.66 12.33 -25.32
N PHE C 65 -53.56 11.79 -24.11
CA PHE C 65 -52.39 12.05 -23.25
C PHE C 65 -51.19 11.27 -23.73
N THR C 66 -49.99 11.81 -23.48
CA THR C 66 -48.73 11.12 -23.73
C THR C 66 -48.25 10.62 -22.38
N THR C 67 -47.98 9.33 -22.30
CA THR C 67 -47.52 8.74 -21.03
C THR C 67 -46.06 8.33 -21.15
N LYS C 68 -45.44 8.06 -20.00
CA LYS C 68 -44.09 7.56 -19.89
C LYS C 68 -44.00 6.21 -20.58
N SER C 69 -45.06 5.38 -20.46
CA SER C 69 -45.17 4.08 -21.12
C SER C 69 -45.10 4.23 -22.65
N ASP C 70 -45.83 5.23 -23.21
CA ASP C 70 -45.81 5.56 -24.64
C ASP C 70 -44.39 5.94 -25.09
N ARG C 72 -41.48 5.13 -23.47
CA ARG C 72 -40.58 3.97 -23.34
C ARG C 72 -40.71 3.05 -24.52
N ALA C 73 -41.94 2.90 -25.04
CA ALA C 73 -42.28 2.06 -26.19
C ALA C 73 -41.71 2.63 -27.49
N ASN C 74 -41.40 3.95 -27.53
CA ASN C 74 -40.88 4.62 -28.72
C ASN C 74 -39.41 5.01 -28.55
N TYR C 75 -38.72 4.37 -27.60
CA TYR C 75 -37.32 4.61 -27.31
C TYR C 75 -36.42 4.13 -28.47
N PRO C 76 -35.39 4.92 -28.87
CA PRO C 76 -35.00 6.22 -28.32
C PRO C 76 -35.52 7.47 -29.04
N PHE C 77 -35.84 7.40 -30.36
CA PHE C 77 -36.12 8.65 -31.05
C PHE C 77 -37.49 8.73 -31.75
N GLY C 78 -38.45 7.92 -31.31
CA GLY C 78 -39.80 7.90 -31.87
C GLY C 78 -40.59 9.20 -31.78
N LEU C 79 -40.25 10.11 -30.85
CA LEU C 79 -40.94 11.39 -30.68
C LEU C 79 -40.09 12.57 -31.20
N VAL C 80 -38.95 12.29 -31.85
CA VAL C 80 -38.11 13.36 -32.42
C VAL C 80 -38.82 13.89 -33.67
N ALA C 81 -39.17 15.19 -33.66
CA ALA C 81 -39.91 15.83 -34.76
C ALA C 81 -38.99 16.58 -35.74
N GLY C 82 -37.88 17.16 -35.26
CA GLY C 82 -36.95 17.90 -36.10
C GLY C 82 -35.93 17.05 -36.86
N ASP C 83 -34.92 17.71 -37.47
CA ASP C 83 -33.86 17.03 -38.21
C ASP C 83 -32.69 16.81 -37.24
N LYS C 85 -30.11 14.88 -37.10
CA LYS C 85 -28.83 14.86 -37.81
C LYS C 85 -28.05 16.12 -37.46
N ARG C 86 -28.27 17.13 -38.30
CA ARG C 86 -27.76 18.48 -38.23
C ARG C 86 -28.16 19.25 -37.00
N ASP C 87 -29.48 19.47 -36.83
CA ASP C 87 -29.91 20.42 -35.84
C ASP C 87 -29.89 19.90 -34.40
N GLY C 88 -29.79 18.60 -34.16
CA GLY C 88 -29.71 18.09 -32.79
C GLY C 88 -28.39 18.44 -32.15
N VAL C 89 -28.38 19.01 -30.92
CA VAL C 89 -27.08 19.38 -30.29
C VAL C 89 -26.92 18.68 -28.90
N ARG C 90 -28.01 18.15 -28.30
CA ARG C 90 -27.87 17.47 -27.04
C ARG C 90 -28.95 16.43 -26.80
N ILE C 91 -28.54 15.29 -26.21
CA ILE C 91 -29.43 14.23 -25.72
C ILE C 91 -29.36 14.16 -24.18
N HIS C 92 -30.47 14.26 -23.48
CA HIS C 92 -30.57 14.06 -22.03
C HIS C 92 -31.28 12.75 -21.83
N SER C 93 -30.72 11.90 -20.98
CA SER C 93 -31.25 10.58 -20.74
C SER C 93 -31.51 10.35 -19.28
N SER C 94 -32.60 9.60 -18.97
CA SER C 94 -32.87 9.19 -17.58
C SER C 94 -31.94 7.99 -17.27
N SER C 95 -31.82 7.62 -15.98
CA SER C 95 -30.94 6.55 -15.50
C SER C 95 -31.31 5.16 -16.03
N GLY C 96 -30.33 4.25 -15.93
CA GLY C 96 -30.49 2.83 -16.24
C GLY C 96 -30.04 2.27 -17.56
N THR C 97 -29.98 0.93 -17.59
CA THR C 97 -29.64 0.05 -18.70
C THR C 97 -30.58 -1.18 -18.71
N THR C 98 -31.34 -1.37 -17.61
CA THR C 98 -32.25 -2.53 -17.42
C THR C 98 -33.49 -2.42 -18.32
N GLY C 99 -34.06 -1.22 -18.36
CA GLY C 99 -35.23 -0.93 -19.18
C GLY C 99 -34.92 0.16 -20.18
N ASN C 100 -35.96 0.64 -20.88
CA ASN C 100 -35.81 1.71 -21.85
C ASN C 100 -35.85 3.05 -21.13
N PRO C 101 -34.73 3.80 -21.03
CA PRO C 101 -34.79 5.12 -20.38
C PRO C 101 -35.57 6.13 -21.23
N THR C 102 -35.68 7.34 -20.68
CA THR C 102 -36.32 8.51 -21.25
C THR C 102 -35.24 9.31 -21.94
N VAL C 103 -35.47 9.66 -23.20
CA VAL C 103 -34.52 10.47 -23.95
C VAL C 103 -35.23 11.75 -24.43
N ILE C 104 -34.61 12.92 -24.19
CA ILE C 104 -35.07 14.24 -24.65
C ILE C 104 -33.97 14.77 -25.55
N VAL C 105 -34.33 15.07 -26.81
CA VAL C 105 -33.35 15.58 -27.78
C VAL C 105 -33.61 17.07 -27.95
N HIS C 106 -32.55 17.88 -27.85
CA HIS C 106 -32.60 19.33 -27.96
C HIS C 106 -31.82 19.85 -29.14
N SER C 107 -32.30 20.94 -29.73
CA SER C 107 -31.63 21.75 -30.76
C SER C 107 -31.00 22.96 -30.05
N GLN C 108 -30.26 23.79 -30.78
CA GLN C 108 -29.67 25.00 -30.17
C GLN C 108 -30.80 25.94 -29.67
N HIS C 109 -31.89 26.07 -30.45
CA HIS C 109 -33.05 26.86 -30.07
C HIS C 109 -33.57 26.41 -28.70
N ASP C 110 -33.79 25.10 -28.53
CA ASP C 110 -34.30 24.46 -27.32
C ASP C 110 -33.39 24.76 -26.12
N LEU C 111 -32.04 24.66 -26.29
CA LEU C 111 -31.09 24.95 -25.22
C LEU C 111 -31.13 26.42 -24.82
N ASP C 112 -31.25 27.33 -25.80
CA ASP C 112 -31.32 28.78 -25.59
C ASP C 112 -32.63 29.17 -24.87
N SER C 113 -33.77 28.56 -25.27
CA SER C 113 -35.06 28.76 -24.63
C SER C 113 -35.03 28.30 -23.15
N TRP C 114 -34.38 27.15 -22.89
CA TRP C 114 -34.26 26.56 -21.56
C TRP C 114 -33.37 27.47 -20.68
N ALA C 115 -32.19 27.91 -21.20
CA ALA C 115 -31.25 28.79 -20.47
C ALA C 115 -31.93 30.14 -20.12
N ASN C 116 -32.76 30.66 -21.03
CA ASN C 116 -33.48 31.90 -20.81
C ASN C 116 -34.50 31.74 -19.67
N LEU C 117 -35.19 30.59 -19.60
CA LEU C 117 -36.15 30.31 -18.51
C LEU C 117 -35.45 30.20 -17.16
N VAL C 118 -34.28 29.56 -17.10
CA VAL C 118 -33.54 29.41 -15.84
C VAL C 118 -33.04 30.81 -15.40
N ALA C 119 -32.52 31.63 -16.37
CA ALA C 119 -32.08 33.02 -16.14
C ALA C 119 -33.24 33.87 -15.60
N ARG C 120 -34.44 33.67 -16.17
CA ARG C 120 -35.67 34.36 -15.76
C ARG C 120 -36.02 34.01 -14.31
N CYS C 121 -35.94 32.71 -13.93
CA CYS C 121 -36.21 32.19 -12.58
C CYS C 121 -35.26 32.79 -11.57
N LEU C 122 -33.93 32.68 -11.83
CA LEU C 122 -32.88 33.18 -10.95
C LEU C 122 -32.98 34.69 -10.74
N TYR C 123 -33.30 35.45 -11.81
CA TYR C 123 -33.44 36.90 -11.75
C TYR C 123 -34.62 37.30 -10.85
N VAL C 125 -35.87 35.82 -8.23
CA VAL C 125 -35.64 35.67 -6.79
C VAL C 125 -34.48 36.59 -6.33
N GLY C 126 -34.01 37.50 -7.20
CA GLY C 126 -33.02 38.51 -6.87
C GLY C 126 -31.56 38.29 -7.19
N ILE C 127 -31.24 37.17 -7.85
CA ILE C 127 -29.87 36.86 -8.26
C ILE C 127 -29.53 37.76 -9.46
N ARG C 128 -28.32 38.33 -9.47
CA ARG C 128 -27.80 39.25 -10.50
C ARG C 128 -26.46 38.74 -11.04
N LYS C 129 -25.88 39.42 -12.07
CA LYS C 129 -24.60 38.97 -12.65
C LYS C 129 -23.43 39.14 -11.64
N THR C 130 -23.63 40.00 -10.61
CA THR C 130 -22.62 40.24 -9.57
C THR C 130 -22.62 39.11 -8.50
N ASP C 131 -23.55 38.15 -8.63
CA ASP C 131 -23.63 37.04 -7.70
C ASP C 131 -22.65 35.94 -8.07
N VAL C 132 -22.19 35.23 -7.04
CA VAL C 132 -21.34 34.05 -7.17
C VAL C 132 -22.29 32.88 -6.95
N PHE C 133 -22.63 32.17 -8.05
CA PHE C 133 -23.60 31.08 -8.05
C PHE C 133 -22.87 29.73 -8.02
N GLN C 134 -23.15 28.92 -6.99
CA GLN C 134 -22.54 27.59 -6.82
C GLN C 134 -23.59 26.54 -7.07
N ASN C 135 -23.31 25.65 -8.02
CA ASN C 135 -24.23 24.58 -8.39
C ASN C 135 -23.75 23.21 -7.80
N SER C 136 -24.35 22.77 -6.66
CA SER C 136 -23.95 21.51 -6.00
C SER C 136 -24.75 20.29 -6.55
N SER C 137 -25.38 20.46 -7.70
CA SER C 137 -26.09 19.40 -8.41
C SER C 137 -25.11 18.54 -9.22
N GLY C 138 -25.45 17.28 -9.45
CA GLY C 138 -24.71 16.39 -10.32
C GLY C 138 -24.80 16.90 -11.77
N TYR C 139 -23.71 16.77 -12.54
CA TYR C 139 -23.66 17.23 -13.93
C TYR C 139 -23.89 15.99 -14.85
N GLY C 140 -23.25 15.92 -16.01
CA GLY C 140 -23.47 14.82 -16.95
C GLY C 140 -24.90 14.76 -17.46
N PHE C 142 -27.60 14.63 -15.74
CA PHE C 142 -28.47 15.40 -14.84
C PHE C 142 -28.73 16.76 -15.45
N THR C 143 -30.01 17.03 -15.68
CA THR C 143 -30.50 18.24 -16.32
C THR C 143 -30.29 19.43 -15.38
N GLY C 144 -30.12 19.18 -14.08
CA GLY C 144 -29.87 20.22 -13.06
C GLY C 144 -28.46 20.79 -13.12
N GLY C 145 -27.53 19.97 -13.61
CA GLY C 145 -26.12 20.30 -13.79
C GLY C 145 -25.93 21.33 -14.88
N LEU C 146 -26.14 20.92 -16.15
CA LEU C 146 -26.00 21.79 -17.32
C LEU C 146 -27.16 22.82 -17.40
N GLY C 147 -28.34 22.51 -16.85
CA GLY C 147 -29.48 23.44 -16.84
C GLY C 147 -29.23 24.72 -16.06
N PHE C 148 -28.78 24.59 -14.79
CA PHE C 148 -28.44 25.73 -13.98
C PHE C 148 -27.14 26.39 -14.45
N GLN C 149 -26.17 25.58 -14.94
CA GLN C 149 -24.90 26.09 -15.44
C GLN C 149 -25.12 27.08 -16.58
N TYR C 150 -25.95 26.72 -17.58
CA TYR C 150 -26.23 27.56 -18.74
C TYR C 150 -27.11 28.73 -18.36
N GLY C 151 -28.10 28.50 -17.49
CA GLY C 151 -29.00 29.54 -17.04
C GLY C 151 -28.34 30.64 -16.26
N ALA C 152 -27.44 30.26 -15.33
CA ALA C 152 -26.68 31.18 -14.50
C ALA C 152 -25.65 31.94 -15.38
N GLU C 153 -25.03 31.27 -16.38
CA GLU C 153 -24.10 31.94 -17.29
C GLU C 153 -24.85 32.93 -18.17
N ARG C 154 -26.11 32.57 -18.60
CA ARG C 154 -26.96 33.43 -19.42
CA ARG C 154 -26.94 33.45 -19.44
C ARG C 154 -27.26 34.73 -18.64
N LEU C 155 -27.52 34.61 -17.33
CA LEU C 155 -27.79 35.77 -16.47
C LEU C 155 -26.47 36.57 -16.30
N GLY C 156 -25.36 35.85 -16.19
CA GLY C 156 -24.03 36.44 -16.03
C GLY C 156 -23.34 36.22 -14.69
N CYS C 157 -23.91 35.37 -13.79
CA CYS C 157 -23.29 35.06 -12.50
C CYS C 157 -21.89 34.53 -12.67
N LEU C 158 -21.06 34.72 -11.65
CA LEU C 158 -19.76 34.09 -11.59
C LEU C 158 -20.06 32.68 -11.06
N THR C 159 -20.14 31.69 -11.96
CA THR C 159 -20.54 30.34 -11.58
C THR C 159 -19.36 29.50 -11.11
N VAL C 160 -19.65 28.66 -10.11
CA VAL C 160 -18.76 27.70 -9.44
C VAL C 160 -19.35 26.30 -9.70
N PRO C 161 -18.94 25.60 -10.78
CA PRO C 161 -19.54 24.28 -11.08
C PRO C 161 -19.01 23.17 -10.14
N ALA C 162 -19.30 23.30 -8.83
CA ALA C 162 -18.89 22.39 -7.76
C ALA C 162 -19.29 20.94 -8.01
N ALA C 163 -20.50 20.74 -8.58
CA ALA C 163 -21.16 19.44 -8.81
C ALA C 163 -21.47 18.77 -7.44
N ALA C 164 -21.97 17.51 -7.45
CA ALA C 164 -22.40 16.79 -6.23
C ALA C 164 -21.22 16.47 -5.23
N GLY C 165 -21.61 16.27 -3.97
CA GLY C 165 -20.78 15.85 -2.85
C GLY C 165 -19.54 16.67 -2.47
N ASN C 166 -18.73 16.04 -1.57
CA ASN C 166 -17.49 16.54 -0.96
C ASN C 166 -17.82 17.86 -0.21
N SER C 167 -18.61 17.75 0.88
CA SER C 167 -19.08 18.85 1.71
C SER C 167 -17.94 19.81 2.20
N LYS C 168 -16.74 19.28 2.56
CA LYS C 168 -15.61 20.13 2.97
C LYS C 168 -15.19 21.07 1.84
N ARG C 169 -15.17 20.56 0.59
CA ARG C 169 -14.79 21.34 -0.60
C ARG C 169 -15.87 22.39 -0.92
N GLN C 170 -17.17 22.05 -0.73
CA GLN C 170 -18.29 22.97 -0.96
C GLN C 170 -18.16 24.22 -0.09
N ILE C 171 -17.89 24.01 1.22
CA ILE C 171 -17.72 25.04 2.25
C ILE C 171 -16.48 25.89 1.92
N LYS C 172 -15.38 25.24 1.48
CA LYS C 172 -14.15 25.92 1.08
C LYS C 172 -14.45 26.89 -0.09
N PHE C 173 -15.21 26.43 -1.12
CA PHE C 173 -15.61 27.26 -2.26
C PHE C 173 -16.44 28.47 -1.78
N ILE C 174 -17.44 28.25 -0.88
CA ILE C 174 -18.29 29.30 -0.36
C ILE C 174 -17.42 30.33 0.38
N SER C 175 -16.50 29.86 1.23
CA SER C 175 -15.63 30.72 2.03
C SER C 175 -14.63 31.51 1.18
N ASP C 176 -13.91 30.83 0.26
CA ASP C 176 -12.85 31.40 -0.56
C ASP C 176 -13.36 32.16 -1.78
N PHE C 177 -14.48 31.74 -2.42
CA PHE C 177 -14.95 32.41 -3.63
C PHE C 177 -16.07 33.42 -3.31
N LYS C 178 -16.51 33.48 -2.05
CA LYS C 178 -17.56 34.36 -1.51
C LYS C 178 -18.87 34.12 -2.27
N THR C 179 -19.33 32.84 -2.29
CA THR C 179 -20.59 32.39 -2.90
C THR C 179 -21.76 33.12 -2.26
N THR C 180 -22.73 33.55 -3.06
CA THR C 180 -23.89 34.31 -2.57
C THR C 180 -25.19 33.58 -2.89
N ALA C 181 -25.19 32.76 -3.96
CA ALA C 181 -26.35 31.98 -4.39
C ALA C 181 -25.95 30.52 -4.54
N LEU C 182 -26.75 29.63 -3.94
CA LEU C 182 -26.44 28.19 -3.96
C LEU C 182 -27.63 27.36 -4.39
N HIS C 183 -27.39 26.43 -5.30
CA HIS C 183 -28.39 25.46 -5.69
C HIS C 183 -28.04 24.13 -5.01
N ALA C 184 -28.96 23.59 -4.19
CA ALA C 184 -28.77 22.32 -3.46
C ALA C 184 -30.09 21.67 -3.16
N ILE C 185 -30.09 20.34 -2.97
CA ILE C 185 -31.30 19.64 -2.55
C ILE C 185 -31.49 19.98 -1.06
N PRO C 186 -32.73 20.16 -0.58
CA PRO C 186 -32.96 20.58 0.82
C PRO C 186 -32.17 19.80 1.88
N SER C 187 -32.08 18.46 1.79
CA SER C 187 -31.35 17.67 2.80
C SER C 187 -29.83 17.97 2.74
N TYR C 188 -29.29 18.31 1.56
CA TYR C 188 -27.87 18.64 1.44
C TYR C 188 -27.58 20.05 1.97
N ALA C 189 -28.58 20.95 1.87
CA ALA C 189 -28.48 22.30 2.39
C ALA C 189 -28.28 22.25 3.93
N ILE C 190 -28.97 21.32 4.62
CA ILE C 190 -28.86 21.12 6.07
C ILE C 190 -27.44 20.55 6.39
N ARG C 191 -26.97 19.52 5.62
CA ARG C 191 -25.66 18.91 5.81
CA ARG C 191 -25.66 18.91 5.76
C ARG C 191 -24.54 19.97 5.78
N LEU C 192 -24.58 20.94 4.80
CA LEU C 192 -23.56 22.00 4.67
C LEU C 192 -23.48 22.84 5.94
N ALA C 193 -24.63 23.26 6.49
CA ALA C 193 -24.73 24.03 7.74
C ALA C 193 -24.03 23.31 8.90
N GLU C 194 -24.20 21.98 8.97
CA GLU C 194 -23.62 21.12 9.99
CA GLU C 194 -23.62 21.09 9.96
C GLU C 194 -22.09 21.04 9.79
N VAL C 195 -21.63 20.88 8.53
CA VAL C 195 -20.22 20.81 8.10
C VAL C 195 -19.52 22.15 8.44
N PHE C 196 -20.23 23.30 8.30
CA PHE C 196 -19.71 24.62 8.68
C PHE C 196 -19.34 24.66 10.15
N GLN C 197 -20.25 24.21 11.03
CA GLN C 197 -20.06 24.16 12.47
C GLN C 197 -18.91 23.22 12.84
N GLU C 198 -18.81 22.04 12.16
CA GLU C 198 -17.73 21.05 12.34
C GLU C 198 -16.37 21.68 12.04
N GLU C 199 -16.32 22.59 11.04
CA GLU C 199 -15.10 23.29 10.62
C GLU C 199 -14.92 24.63 11.36
N GLY C 200 -15.71 24.86 12.42
CA GLY C 200 -15.66 26.05 13.26
C GLY C 200 -16.09 27.35 12.61
N ILE C 201 -17.07 27.29 11.68
CA ILE C 201 -17.62 28.46 10.98
C ILE C 201 -19.11 28.62 11.35
N ASP C 202 -19.56 29.87 11.64
CA ASP C 202 -20.97 30.13 11.97
C ASP C 202 -21.78 30.08 10.66
N PRO C 203 -22.71 29.11 10.48
CA PRO C 203 -23.43 29.02 9.18
C PRO C 203 -24.32 30.23 8.88
N ARG C 204 -24.64 31.05 9.90
CA ARG C 204 -25.43 32.28 9.72
C ARG C 204 -24.54 33.50 9.36
N GLU C 205 -23.20 33.36 9.43
CA GLU C 205 -22.30 34.49 9.17
C GLU C 205 -21.43 34.29 7.91
N THR C 206 -21.98 33.60 6.88
CA THR C 206 -21.24 33.41 5.63
C THR C 206 -21.71 34.49 4.62
N THR C 207 -21.19 34.39 3.37
CA THR C 207 -21.52 35.28 2.27
C THR C 207 -22.81 34.83 1.58
N LEU C 208 -23.39 33.66 1.96
CA LEU C 208 -24.61 33.12 1.37
C LEU C 208 -25.81 34.04 1.60
N LYS C 209 -26.59 34.30 0.54
CA LYS C 209 -27.77 35.14 0.67
C LYS C 209 -29.03 34.43 0.12
N THR C 210 -28.89 33.72 -1.02
CA THR C 210 -30.04 33.06 -1.65
C THR C 210 -29.77 31.57 -1.88
N LEU C 211 -30.77 30.73 -1.57
CA LEU C 211 -30.71 29.31 -1.82
C LEU C 211 -31.83 28.90 -2.75
N VAL C 212 -31.48 28.06 -3.73
CA VAL C 212 -32.43 27.50 -4.69
C VAL C 212 -32.54 26.03 -4.35
N ILE C 213 -33.68 25.61 -3.86
CA ILE C 213 -33.89 24.23 -3.47
C ILE C 213 -34.93 23.61 -4.39
N GLY C 214 -34.77 22.33 -4.66
CA GLY C 214 -35.70 21.56 -5.45
C GLY C 214 -35.36 20.09 -5.42
N ALA C 215 -35.74 19.37 -6.49
CA ALA C 215 -35.51 17.93 -6.77
C ALA C 215 -36.21 17.01 -5.76
N GLU C 216 -36.20 17.33 -4.45
CA GLU C 216 -36.84 16.46 -3.47
C GLU C 216 -38.06 17.14 -2.80
N PRO C 217 -39.15 16.38 -2.46
CA PRO C 217 -40.29 17.00 -1.77
C PRO C 217 -39.96 17.30 -0.30
N HIS C 218 -40.49 18.42 0.17
CA HIS C 218 -40.27 18.91 1.53
C HIS C 218 -41.42 19.81 1.94
N THR C 219 -41.55 20.04 3.23
CA THR C 219 -42.57 20.92 3.80
C THR C 219 -42.06 22.36 3.81
N ASP C 220 -42.96 23.32 4.02
CA ASP C 220 -42.58 24.72 4.12
C ASP C 220 -41.69 24.93 5.34
N GLU C 221 -42.01 24.25 6.47
CA GLU C 221 -41.26 24.34 7.74
C GLU C 221 -39.83 23.84 7.53
N GLN C 222 -39.62 22.82 6.66
CA GLN C 222 -38.28 22.32 6.32
C GLN C 222 -37.46 23.44 5.68
N ARG C 223 -38.08 24.20 4.74
CA ARG C 223 -37.48 25.32 4.03
C ARG C 223 -37.18 26.45 5.03
N ARG C 224 -38.09 26.71 5.97
CA ARG C 224 -37.93 27.77 6.98
C ARG C 224 -36.80 27.42 7.95
N LYS C 225 -36.59 26.11 8.20
CA LYS C 225 -35.50 25.61 9.05
C LYS C 225 -34.16 25.91 8.37
N ILE C 226 -34.07 25.67 7.06
CA ILE C 226 -32.89 25.93 6.24
C ILE C 226 -32.60 27.44 6.23
N GLU C 227 -33.66 28.29 6.06
CA GLU C 227 -33.52 29.75 6.08
C GLU C 227 -32.94 30.25 7.43
N ARG C 228 -33.30 29.60 8.55
CA ARG C 228 -32.82 30.00 9.88
C ARG C 228 -31.39 29.53 10.11
N LEU C 230 -28.93 28.90 7.94
CA LEU C 230 -27.94 29.53 7.09
C LEU C 230 -28.16 31.06 6.92
N ASN C 231 -29.23 31.63 7.54
CA ASN C 231 -29.59 33.05 7.45
C ASN C 231 -29.66 33.47 5.95
N VAL C 232 -30.51 32.75 5.19
CA VAL C 232 -30.73 32.96 3.77
C VAL C 232 -32.20 33.00 3.46
N LYS C 233 -32.53 33.37 2.23
CA LYS C 233 -33.84 33.24 1.62
C LYS C 233 -33.75 32.02 0.71
N ALA C 234 -34.61 31.01 0.95
CA ALA C 234 -34.61 29.77 0.16
C ALA C 234 -35.84 29.72 -0.73
N TYR C 235 -35.66 29.27 -1.99
CA TYR C 235 -36.74 29.26 -2.98
C TYR C 235 -36.96 27.91 -3.62
N ASN C 236 -38.24 27.57 -3.75
CA ASN C 236 -38.71 26.35 -4.38
C ASN C 236 -38.67 26.45 -5.88
N SER C 237 -37.99 25.46 -6.46
CA SER C 237 -37.67 25.21 -7.86
C SER C 237 -38.29 23.90 -8.31
N PHE C 238 -39.12 23.96 -9.36
CA PHE C 238 -39.78 22.82 -9.96
C PHE C 238 -39.28 22.61 -11.40
N GLY C 239 -39.12 21.35 -11.77
CA GLY C 239 -38.69 20.96 -13.11
C GLY C 239 -38.69 19.47 -13.31
N THR C 241 -37.02 16.47 -16.55
CA THR C 241 -36.23 16.22 -17.76
C THR C 241 -37.10 16.37 -19.00
N GLU C 242 -38.34 15.82 -18.97
CA GLU C 242 -39.31 15.89 -20.08
C GLU C 242 -39.64 17.33 -20.45
N ASN C 244 -37.44 19.89 -19.88
CA ASN C 244 -36.05 20.44 -20.01
C ASN C 244 -35.22 20.08 -18.79
N GLY C 245 -35.76 20.38 -17.61
CA GLY C 245 -35.16 20.13 -16.30
C GLY C 245 -35.52 21.31 -15.44
N PRO C 246 -34.56 22.03 -14.80
CA PRO C 246 -34.93 23.29 -14.07
C PRO C 246 -35.53 24.36 -14.99
N GLY C 247 -36.20 25.36 -14.38
CA GLY C 247 -36.79 26.51 -15.06
C GLY C 247 -38.25 26.44 -15.46
N VAL C 248 -38.99 25.34 -15.12
CA VAL C 248 -40.40 25.14 -15.49
C VAL C 248 -41.34 25.96 -14.60
N ALA C 249 -41.15 25.90 -13.29
CA ALA C 249 -41.93 26.63 -12.29
C ALA C 249 -41.02 26.95 -11.14
N PHE C 250 -41.24 28.13 -10.54
CA PHE C 250 -40.36 28.67 -9.53
C PHE C 250 -41.08 29.70 -8.66
N GLU C 251 -40.81 29.71 -7.34
CA GLU C 251 -41.37 30.72 -6.44
C GLU C 251 -40.85 32.11 -6.76
N CYS C 252 -41.66 33.12 -6.51
CA CYS C 252 -41.22 34.51 -6.61
C CYS C 252 -40.75 34.94 -5.21
N GLN C 253 -40.45 36.23 -4.99
CA GLN C 253 -39.96 36.69 -3.69
C GLN C 253 -41.08 36.64 -2.63
N GLU C 254 -42.35 36.36 -3.02
CA GLU C 254 -43.50 36.20 -2.08
C GLU C 254 -43.50 34.83 -1.41
N GLN C 255 -42.74 33.84 -1.97
CA GLN C 255 -42.63 32.47 -1.47
C GLN C 255 -44.02 31.88 -1.21
N ASN C 256 -44.94 32.06 -2.17
CA ASN C 256 -46.30 31.56 -2.03
C ASN C 256 -46.79 31.05 -3.40
N GLY C 257 -46.48 29.79 -3.67
CA GLY C 257 -46.83 29.16 -4.93
C GLY C 257 -45.73 29.35 -5.97
N HIS C 259 -44.66 30.06 -9.76
CA HIS C 259 -45.08 30.61 -11.04
C HIS C 259 -44.68 29.66 -12.16
N PHE C 260 -45.66 29.24 -12.95
CA PHE C 260 -45.43 28.38 -14.11
C PHE C 260 -45.28 29.24 -15.32
N TRP C 261 -44.18 29.12 -16.10
CA TRP C 261 -43.99 30.00 -17.26
C TRP C 261 -44.89 29.51 -18.40
N GLU C 262 -46.03 30.18 -18.53
CA GLU C 262 -47.11 29.84 -19.46
C GLU C 262 -46.80 30.23 -20.90
N ASP C 263 -45.74 31.01 -21.14
CA ASP C 263 -45.34 31.32 -22.51
C ASP C 263 -44.59 30.10 -23.10
N CYS C 264 -44.09 29.17 -22.26
CA CYS C 264 -43.35 28.00 -22.71
C CYS C 264 -44.05 26.68 -22.34
N TYR C 265 -45.10 26.71 -21.50
CA TYR C 265 -45.84 25.51 -21.09
C TYR C 265 -47.33 25.75 -21.02
N LEU C 266 -48.13 24.77 -21.49
CA LEU C 266 -49.59 24.79 -21.33
C LEU C 266 -49.90 23.83 -20.20
N VAL C 267 -50.43 24.35 -19.10
CA VAL C 267 -50.70 23.61 -17.86
C VAL C 267 -52.15 23.17 -17.78
N GLU C 268 -52.38 21.86 -17.51
CA GLU C 268 -53.70 21.26 -17.25
C GLU C 268 -53.67 20.45 -15.94
N ILE C 269 -54.77 20.45 -15.17
CA ILE C 269 -54.90 19.64 -13.93
C ILE C 269 -56.08 18.70 -14.14
N ILE C 270 -55.82 17.38 -14.33
CA ILE C 270 -56.84 16.35 -14.63
C ILE C 270 -57.15 15.47 -13.43
N ASP C 271 -58.33 14.83 -13.46
CA ASP C 271 -58.72 13.81 -12.48
C ASP C 271 -57.93 12.56 -12.86
N PRO C 272 -57.04 12.02 -12.00
CA PRO C 272 -56.19 10.88 -12.42
C PRO C 272 -56.98 9.64 -12.83
N GLU C 273 -58.24 9.51 -12.34
CA GLU C 273 -59.11 8.38 -12.67
C GLU C 273 -59.84 8.64 -14.01
N THR C 274 -60.69 9.69 -14.07
CA THR C 274 -61.52 10.04 -15.23
C THR C 274 -60.71 10.61 -16.43
N GLY C 275 -59.69 11.43 -16.16
CA GLY C 275 -58.89 12.08 -17.21
C GLY C 275 -59.51 13.38 -17.66
N GLU C 276 -60.50 13.86 -16.91
CA GLU C 276 -61.24 15.09 -17.17
C GLU C 276 -60.66 16.26 -16.37
N PRO C 277 -60.75 17.53 -16.86
CA PRO C 277 -60.19 18.65 -16.08
C PRO C 277 -60.81 18.76 -14.69
N VAL C 278 -59.98 19.01 -13.65
CA VAL C 278 -60.51 19.14 -12.28
C VAL C 278 -61.15 20.52 -12.11
N PRO C 279 -62.13 20.70 -11.19
CA PRO C 279 -62.66 22.05 -10.94
C PRO C 279 -61.53 23.00 -10.51
N GLU C 280 -61.59 24.26 -10.93
CA GLU C 280 -60.55 25.27 -10.68
C GLU C 280 -60.16 25.32 -9.18
N GLY C 281 -58.89 25.02 -8.91
CA GLY C 281 -58.30 25.05 -7.57
C GLY C 281 -58.26 23.74 -6.80
N GLU C 282 -58.71 22.64 -7.41
CA GLU C 282 -58.71 21.29 -6.82
C GLU C 282 -57.41 20.55 -7.14
N ILE C 283 -57.06 19.56 -6.29
CA ILE C 283 -55.88 18.73 -6.47
C ILE C 283 -56.17 17.72 -7.58
N GLY C 284 -55.21 17.57 -8.47
CA GLY C 284 -55.28 16.63 -9.57
C GLY C 284 -53.90 16.37 -10.14
N GLU C 285 -53.84 15.61 -11.23
CA GLU C 285 -52.59 15.27 -11.90
C GLU C 285 -52.19 16.38 -12.90
N LEU C 286 -50.96 16.88 -12.77
CA LEU C 286 -50.37 17.89 -13.64
C LEU C 286 -50.06 17.30 -15.04
N VAL C 287 -50.65 17.88 -16.09
CA VAL C 287 -50.51 17.46 -17.49
C VAL C 287 -49.96 18.64 -18.25
N LEU C 288 -48.79 18.47 -18.91
CA LEU C 288 -48.07 19.56 -19.53
C LEU C 288 -47.80 19.39 -21.03
N THR C 289 -47.76 20.51 -21.73
CA THR C 289 -47.48 20.65 -23.16
C THR C 289 -46.40 21.70 -23.35
N THR C 290 -45.33 21.36 -24.08
CA THR C 290 -44.25 22.31 -24.40
C THR C 290 -44.78 23.29 -25.45
N LEU C 291 -44.42 24.58 -25.33
CA LEU C 291 -44.87 25.57 -26.29
C LEU C 291 -43.70 26.23 -27.01
N ASP C 292 -42.44 26.01 -26.57
CA ASP C 292 -41.29 26.63 -27.22
C ASP C 292 -40.19 25.60 -27.57
N ARG C 293 -40.50 24.28 -27.53
CA ARG C 293 -39.54 23.24 -27.93
C ARG C 293 -39.76 22.86 -29.39
N GLU C 294 -38.68 22.70 -30.16
CA GLU C 294 -38.80 22.41 -31.60
C GLU C 294 -38.29 21.02 -32.00
N PRO C 297 -41.08 18.24 -29.29
CA PRO C 297 -42.17 18.75 -28.42
C PRO C 297 -42.91 17.61 -27.72
N LEU C 298 -43.49 17.90 -26.55
CA LEU C 298 -44.29 16.94 -25.79
C LEU C 298 -45.69 17.50 -25.60
N ILE C 299 -46.71 16.71 -25.98
CA ILE C 299 -48.10 17.17 -25.93
C ILE C 299 -48.87 16.37 -24.90
N ARG C 300 -49.50 17.11 -23.97
CA ARG C 300 -50.33 16.60 -22.88
C ARG C 300 -49.63 15.44 -22.17
N TYR C 301 -48.41 15.70 -21.74
CA TYR C 301 -47.61 14.71 -21.04
C TYR C 301 -48.13 14.58 -19.60
N ARG C 302 -48.51 13.36 -19.22
CA ARG C 302 -48.94 13.00 -17.87
C ARG C 302 -47.72 12.86 -16.95
N THR C 303 -47.42 13.90 -16.18
CA THR C 303 -46.26 14.00 -15.28
C THR C 303 -46.36 13.02 -14.11
N ARG C 304 -47.59 12.73 -13.67
CA ARG C 304 -47.96 11.84 -12.55
C ARG C 304 -47.80 12.60 -11.20
N ASP C 305 -47.45 13.91 -11.26
CA ASP C 305 -47.37 14.79 -10.10
C ASP C 305 -48.73 15.32 -9.72
N LEU C 306 -49.06 15.24 -8.43
CA LEU C 306 -50.32 15.74 -7.94
C LEU C 306 -50.12 17.13 -7.35
N THR C 307 -50.90 18.12 -7.83
CA THR C 307 -50.84 19.49 -7.32
C THR C 307 -52.16 20.20 -7.65
N ARG C 308 -52.23 21.51 -7.36
CA ARG C 308 -53.39 22.36 -7.65
C ARG C 308 -52.90 23.75 -8.07
N ILE C 309 -53.77 24.49 -8.78
CA ILE C 309 -53.54 25.88 -9.18
C ILE C 309 -54.02 26.76 -8.04
N LEU C 310 -53.15 27.63 -7.51
CA LEU C 310 -53.45 28.56 -6.43
C LEU C 310 -54.17 29.78 -6.99
N PRO C 311 -55.39 30.10 -6.53
CA PRO C 311 -56.13 31.23 -7.13
C PRO C 311 -55.62 32.60 -6.70
N GLY C 312 -56.09 33.62 -7.42
CA GLY C 312 -55.81 35.02 -7.15
C GLY C 312 -54.55 35.56 -7.79
N LYS C 313 -54.51 36.89 -7.91
CA LYS C 313 -53.35 37.65 -8.42
C LYS C 313 -52.22 37.58 -7.42
N CYS C 314 -50.97 37.59 -7.89
CA CYS C 314 -49.83 37.58 -6.98
C CYS C 314 -49.35 39.02 -6.76
N PRO C 315 -48.97 39.41 -5.51
CA PRO C 315 -48.44 40.77 -5.29
C PRO C 315 -47.15 41.07 -6.07
N CYS C 316 -46.42 40.07 -6.64
CA CYS C 316 -45.19 40.39 -7.40
C CYS C 316 -45.57 41.03 -8.75
N GLY C 317 -46.84 40.91 -9.14
CA GLY C 317 -47.36 41.47 -10.38
C GLY C 317 -47.33 40.56 -11.57
N ARG C 318 -46.75 39.35 -11.44
CA ARG C 318 -46.68 38.39 -12.55
C ARG C 318 -48.05 37.73 -12.73
N THR C 319 -48.42 37.57 -14.02
CA THR C 319 -49.71 37.08 -14.48
C THR C 319 -49.71 35.57 -14.77
N HIS C 320 -48.54 34.95 -14.72
CA HIS C 320 -48.36 33.51 -14.93
C HIS C 320 -48.87 32.77 -13.69
N LEU C 321 -49.71 31.74 -13.91
CA LEU C 321 -50.34 30.96 -12.83
C LEU C 321 -49.31 30.37 -11.87
N ARG C 322 -49.74 30.18 -10.61
CA ARG C 322 -48.96 29.57 -9.52
C ARG C 322 -49.51 28.22 -9.16
N ILE C 323 -48.62 27.24 -8.92
CA ILE C 323 -49.02 25.90 -8.47
C ILE C 323 -48.59 25.71 -7.01
N ASP C 324 -49.32 24.89 -6.27
CA ASP C 324 -48.97 24.57 -4.89
C ASP C 324 -47.77 23.59 -4.90
N ARG C 325 -47.12 23.35 -3.73
CA ARG C 325 -46.00 22.40 -3.68
C ARG C 325 -46.57 20.98 -4.01
N ILE C 326 -45.76 20.11 -4.63
CA ILE C 326 -46.24 18.78 -5.05
C ILE C 326 -46.56 17.92 -3.81
N LYS C 327 -47.85 17.57 -3.70
CA LYS C 327 -48.50 16.81 -2.62
C LYS C 327 -48.04 15.35 -2.59
N GLY C 328 -47.80 14.79 -3.77
CA GLY C 328 -47.39 13.41 -3.98
C GLY C 328 -47.53 12.99 -5.43
N ARG C 329 -47.38 11.67 -5.70
CA ARG C 329 -47.48 11.16 -7.07
C ARG C 329 -48.55 10.10 -7.28
N SER C 330 -49.06 10.00 -8.54
CA SER C 330 -50.07 9.02 -8.92
C SER C 330 -49.39 7.68 -9.35
N ASP C 331 -48.05 7.58 -9.31
CA ASP C 331 -47.34 6.36 -9.68
C ASP C 331 -46.48 5.85 -8.47
N ASP C 332 -45.59 4.88 -8.71
CA ASP C 332 -44.76 4.24 -7.68
C ASP C 332 -43.34 4.86 -7.58
N PHE C 334 -40.24 7.09 -6.36
CA PHE C 334 -39.80 7.65 -5.08
C PHE C 334 -38.51 8.45 -5.33
N ILE C 335 -38.28 9.49 -4.53
CA ILE C 335 -37.11 10.35 -4.66
C ILE C 335 -36.27 10.22 -3.40
N ILE C 336 -34.99 9.97 -3.59
CA ILE C 336 -34.03 9.86 -2.51
C ILE C 336 -32.73 10.58 -2.96
N LYS C 337 -32.17 11.43 -2.06
CA LYS C 337 -30.98 12.27 -2.27
C LYS C 337 -31.11 13.09 -3.58
N GLY C 338 -32.33 13.50 -3.88
CA GLY C 338 -32.66 14.27 -5.08
C GLY C 338 -32.76 13.48 -6.37
N VAL C 339 -32.61 12.14 -6.31
CA VAL C 339 -32.62 11.29 -7.51
C VAL C 339 -33.94 10.53 -7.59
N ASN C 340 -34.54 10.51 -8.80
CA ASN C 340 -35.80 9.80 -9.10
C ASN C 340 -35.52 8.33 -9.36
N ILE C 341 -36.19 7.45 -8.59
CA ILE C 341 -36.00 6.00 -8.71
C ILE C 341 -37.35 5.29 -8.80
N PHE C 342 -37.40 4.28 -9.70
CA PHE C 342 -38.54 3.38 -9.83
C PHE C 342 -38.21 2.01 -9.21
N PRO C 343 -39.14 1.42 -8.42
CA PRO C 343 -38.86 0.09 -7.81
C PRO C 343 -38.47 -1.00 -8.82
N GLN C 345 -36.44 -0.66 -11.30
CA GLN C 345 -35.00 -0.56 -11.57
C GLN C 345 -34.23 -1.43 -10.62
N VAL C 346 -34.69 -1.51 -9.36
CA VAL C 346 -34.10 -2.32 -8.30
C VAL C 346 -34.34 -3.79 -8.62
N GLU C 347 -35.60 -4.13 -8.89
CA GLU C 347 -36.09 -5.47 -9.20
C GLU C 347 -35.35 -6.08 -10.43
N LYS C 348 -35.13 -5.29 -11.51
CA LYS C 348 -34.47 -5.75 -12.76
C LYS C 348 -32.93 -6.03 -12.55
N ILE C 349 -32.33 -5.48 -11.50
CA ILE C 349 -30.93 -5.77 -11.12
C ILE C 349 -30.92 -7.07 -10.28
N LEU C 350 -31.78 -7.15 -9.23
CA LEU C 350 -31.87 -8.29 -8.31
C LEU C 350 -32.19 -9.60 -9.02
N VAL C 351 -33.08 -9.62 -10.04
CA VAL C 351 -33.47 -10.87 -10.74
C VAL C 351 -32.28 -11.52 -11.49
N GLN C 352 -31.22 -10.74 -11.81
CA GLN C 352 -30.03 -11.20 -12.52
C GLN C 352 -29.18 -12.17 -11.68
N PHE C 353 -29.32 -12.12 -10.34
CA PHE C 353 -28.57 -12.95 -9.40
C PHE C 353 -29.33 -14.23 -9.03
N PRO C 354 -28.78 -15.43 -9.37
CA PRO C 354 -29.50 -16.68 -9.04
C PRO C 354 -29.43 -17.03 -7.54
N GLU C 355 -28.51 -16.40 -6.77
CA GLU C 355 -28.35 -16.61 -5.33
C GLU C 355 -29.44 -15.85 -4.56
N LEU C 356 -30.31 -15.14 -5.30
CA LEU C 356 -31.38 -14.34 -4.74
C LEU C 356 -32.74 -14.86 -5.09
N GLY C 357 -33.65 -14.72 -4.13
CA GLY C 357 -35.05 -15.09 -4.25
C GLY C 357 -35.86 -13.99 -4.91
N SER C 358 -37.18 -14.19 -4.98
CA SER C 358 -38.10 -13.24 -5.62
C SER C 358 -38.61 -12.17 -4.65
N ASN C 359 -38.58 -12.40 -3.32
CA ASN C 359 -39.13 -11.41 -2.38
C ASN C 359 -38.05 -10.42 -1.93
N TYR C 360 -38.39 -9.12 -2.02
CA TYR C 360 -37.53 -8.02 -1.63
C TYR C 360 -38.36 -6.87 -1.07
N LEU C 361 -37.73 -5.98 -0.29
CA LEU C 361 -38.38 -4.81 0.29
C LEU C 361 -37.42 -3.63 0.33
N ILE C 362 -37.87 -2.48 -0.21
CA ILE C 362 -37.16 -1.21 -0.22
C ILE C 362 -37.72 -0.39 0.93
N THR C 363 -36.85 0.05 1.85
CA THR C 363 -37.26 0.85 2.99
C THR C 363 -36.51 2.17 2.93
N LEU C 364 -37.27 3.27 3.05
CA LEU C 364 -36.73 4.64 3.02
C LEU C 364 -36.86 5.23 4.42
N GLU C 365 -35.72 5.64 5.01
CA GLU C 365 -35.65 6.18 6.38
C GLU C 365 -34.80 7.45 6.47
N THR C 366 -34.94 8.18 7.59
CA THR C 366 -34.14 9.37 7.90
C THR C 366 -33.34 9.03 9.17
N VAL C 367 -32.00 8.95 9.08
CA VAL C 367 -31.15 8.59 10.24
C VAL C 367 -30.95 9.90 11.09
N ASN C 368 -30.13 10.85 10.60
CA ASN C 368 -29.92 12.12 11.28
C ASN C 368 -30.86 13.10 10.60
N ASN C 369 -30.40 13.74 9.52
CA ASN C 369 -31.21 14.62 8.66
C ASN C 369 -31.03 14.13 7.22
N GLN C 370 -30.17 13.09 7.08
CA GLN C 370 -29.79 12.44 5.82
C GLN C 370 -30.65 11.19 5.58
N ASP C 371 -31.26 11.13 4.40
CA ASP C 371 -32.10 10.02 3.97
C ASP C 371 -31.26 8.81 3.58
N GLU C 372 -31.77 7.59 3.89
CA GLU C 372 -31.12 6.33 3.57
C GLU C 372 -32.11 5.34 2.94
N ILE C 374 -32.70 1.27 2.09
CA ILE C 374 -32.32 -0.09 2.45
C ILE C 374 -33.05 -1.07 1.51
N VAL C 375 -32.29 -1.96 0.84
CA VAL C 375 -32.88 -2.99 -0.01
C VAL C 375 -32.67 -4.34 0.71
N GLU C 376 -33.76 -4.93 1.23
CA GLU C 376 -33.76 -6.26 1.83
C GLU C 376 -34.16 -7.26 0.78
N VAL C 377 -33.36 -8.30 0.54
CA VAL C 377 -33.69 -9.30 -0.47
C VAL C 377 -33.39 -10.69 0.14
N GLU C 378 -34.33 -11.64 -0.04
CA GLU C 378 -34.24 -13.02 0.44
C GLU C 378 -33.33 -13.87 -0.44
N LEU C 379 -32.60 -14.83 0.16
CA LEU C 379 -31.76 -15.75 -0.60
C LEU C 379 -32.62 -16.87 -1.22
N SER C 380 -32.08 -17.57 -2.24
CA SER C 380 -32.75 -18.66 -2.98
C SER C 380 -32.87 -19.94 -2.17
N ASP C 381 -31.73 -20.45 -1.69
CA ASP C 381 -31.62 -21.68 -0.89
C ASP C 381 -31.26 -21.31 0.57
N LEU C 382 -30.71 -22.27 1.35
CA LEU C 382 -30.34 -22.05 2.75
C LEU C 382 -28.84 -22.33 2.97
N ASP C 385 -24.66 -19.76 3.39
CA ASP C 385 -23.96 -21.01 3.71
C ASP C 385 -22.41 -20.90 3.45
N ASN C 386 -21.96 -19.92 2.62
CA ASN C 386 -20.56 -19.63 2.27
C ASN C 386 -20.39 -18.10 2.23
N TYR C 387 -20.15 -17.51 3.41
CA TYR C 387 -20.07 -16.09 3.76
C TYR C 387 -19.23 -15.28 2.78
N ILE C 388 -17.97 -15.67 2.55
CA ILE C 388 -17.00 -14.95 1.70
C ILE C 388 -17.56 -14.75 0.26
N GLU C 389 -18.21 -15.78 -0.32
CA GLU C 389 -18.77 -15.69 -1.67
C GLU C 389 -20.08 -14.88 -1.66
N LEU C 390 -20.92 -15.03 -0.62
CA LEU C 390 -22.17 -14.27 -0.50
C LEU C 390 -21.91 -12.78 -0.32
N GLU C 391 -20.94 -12.43 0.56
CA GLU C 391 -20.56 -11.05 0.81
C GLU C 391 -19.99 -10.42 -0.48
N LYS C 392 -19.28 -11.21 -1.32
CA LYS C 392 -18.73 -10.75 -2.61
C LYS C 392 -19.88 -10.38 -3.57
N ILE C 393 -20.93 -11.21 -3.59
CA ILE C 393 -22.14 -11.02 -4.40
C ILE C 393 -22.89 -9.80 -3.90
N ARG C 394 -23.05 -9.63 -2.57
CA ARG C 394 -23.77 -8.49 -1.98
C ARG C 394 -23.09 -7.17 -2.38
N ARG C 395 -21.76 -7.16 -2.42
CA ARG C 395 -20.97 -5.99 -2.83
C ARG C 395 -21.21 -5.73 -4.34
N ASP C 396 -21.37 -6.79 -5.15
CA ASP C 396 -21.65 -6.72 -6.59
C ASP C 396 -23.11 -6.24 -6.83
N ILE C 397 -24.02 -6.46 -5.87
CA ILE C 397 -25.41 -5.98 -5.91
C ILE C 397 -25.40 -4.46 -5.67
N ILE C 398 -24.70 -4.00 -4.61
CA ILE C 398 -24.58 -2.57 -4.27
C ILE C 398 -24.01 -1.81 -5.49
N ARG C 399 -22.94 -2.35 -6.09
CA ARG C 399 -22.23 -1.80 -7.25
C ARG C 399 -23.19 -1.64 -8.46
N GLN C 400 -23.90 -2.74 -8.84
CA GLN C 400 -24.82 -2.75 -9.97
C GLN C 400 -26.04 -1.86 -9.73
N LEU C 401 -26.45 -1.71 -8.46
CA LEU C 401 -27.58 -0.85 -8.12
C LEU C 401 -27.15 0.61 -8.23
N LYS C 402 -25.98 0.96 -7.67
CA LYS C 402 -25.42 2.31 -7.75
C LYS C 402 -25.33 2.78 -9.21
N ASP C 403 -24.89 1.91 -10.14
CA ASP C 403 -24.74 2.22 -11.56
C ASP C 403 -26.10 2.46 -12.24
N GLU C 404 -27.14 1.73 -11.81
CA GLU C 404 -28.49 1.79 -12.36
C GLU C 404 -29.35 2.94 -11.79
N ILE C 405 -29.44 3.07 -10.45
CA ILE C 405 -30.33 4.05 -9.82
C ILE C 405 -29.56 5.33 -9.44
N LEU C 406 -28.24 5.34 -9.61
CA LEU C 406 -27.33 6.48 -9.42
C LEU C 406 -27.27 6.95 -7.95
N VAL C 407 -27.70 6.13 -6.99
CA VAL C 407 -27.57 6.36 -5.55
C VAL C 407 -27.00 5.07 -4.95
N THR C 408 -26.26 5.17 -3.83
CA THR C 408 -25.69 4.00 -3.18
C THR C 408 -26.67 3.53 -2.09
N PRO C 409 -27.33 2.37 -2.26
CA PRO C 409 -28.24 1.91 -1.22
C PRO C 409 -27.55 0.94 -0.24
N LYS C 410 -28.18 0.72 0.91
CA LYS C 410 -27.76 -0.32 1.85
C LYS C 410 -28.44 -1.62 1.36
N VAL C 411 -27.69 -2.73 1.27
CA VAL C 411 -28.26 -3.98 0.80
C VAL C 411 -28.10 -5.03 1.89
N LYS C 412 -29.24 -5.65 2.29
CA LYS C 412 -29.26 -6.67 3.34
C LYS C 412 -29.78 -7.99 2.77
N LEU C 413 -28.96 -9.05 2.84
CA LEU C 413 -29.37 -10.39 2.42
C LEU C 413 -30.04 -11.03 3.63
N VAL C 414 -31.37 -11.19 3.55
CA VAL C 414 -32.19 -11.74 4.65
C VAL C 414 -32.52 -13.23 4.34
N LYS C 415 -32.80 -14.05 5.39
CA LYS C 415 -33.14 -15.48 5.28
C LYS C 415 -34.37 -15.71 4.38
N LYS C 416 -34.40 -16.85 3.66
CA LYS C 416 -35.53 -17.24 2.80
C LYS C 416 -36.80 -17.36 3.68
N GLY C 417 -37.85 -16.65 3.27
CA GLY C 417 -39.15 -16.61 3.95
C GLY C 417 -39.26 -15.62 5.11
N SER C 418 -38.18 -14.85 5.39
CA SER C 418 -38.16 -13.89 6.50
C SER C 418 -38.94 -12.60 6.17
N LEU C 419 -39.06 -12.23 4.88
CA LEU C 419 -39.79 -11.02 4.52
C LEU C 419 -41.30 -11.29 4.48
N PRO C 420 -42.14 -10.26 4.76
CA PRO C 420 -43.61 -10.50 4.77
C PRO C 420 -44.18 -10.82 3.39
N GLN C 421 -45.25 -11.63 3.36
CA GLN C 421 -45.93 -12.06 2.13
C GLN C 421 -47.34 -11.45 2.05
N SER C 422 -47.58 -10.62 1.00
CA SER C 422 -48.86 -9.95 0.75
C SER C 422 -49.86 -10.90 0.07
N GLU C 423 -51.16 -10.55 0.13
CA GLU C 423 -52.26 -11.33 -0.44
C GLU C 423 -52.19 -11.34 -1.97
N GLY C 424 -52.29 -10.16 -2.60
CA GLY C 424 -52.23 -10.00 -4.05
C GLY C 424 -51.00 -9.23 -4.48
N LYS C 425 -51.21 -7.93 -4.81
CA LYS C 425 -50.15 -7.02 -5.22
C LYS C 425 -49.18 -6.83 -4.07
N ALA C 426 -47.90 -6.86 -4.38
CA ALA C 426 -46.85 -6.73 -3.39
C ALA C 426 -46.46 -5.27 -3.16
N VAL C 427 -46.21 -4.91 -1.89
CA VAL C 427 -45.74 -3.59 -1.49
C VAL C 427 -44.22 -3.70 -1.42
N ARG C 428 -43.54 -3.07 -2.39
CA ARG C 428 -42.09 -3.13 -2.52
C ARG C 428 -41.41 -1.94 -1.86
N VAL C 429 -42.13 -0.82 -1.65
CA VAL C 429 -41.52 0.37 -1.05
C VAL C 429 -42.30 0.70 0.24
N LYS C 430 -41.55 0.84 1.34
CA LYS C 430 -42.01 1.25 2.67
C LYS C 430 -41.28 2.55 3.02
N ASP C 431 -41.96 3.71 2.90
CA ASP C 431 -41.34 5.02 3.18
C ASP C 431 -41.67 5.43 4.61
N LEU C 432 -40.64 5.53 5.47
CA LEU C 432 -40.81 5.87 6.88
C LEU C 432 -40.26 7.28 7.22
N ARG C 433 -40.05 8.13 6.19
CA ARG C 433 -39.54 9.50 6.35
C ARG C 433 -40.67 10.46 6.75
N SER D 3 -7.69 19.06 -50.74
CA SER D 3 -8.86 18.32 -50.27
C SER D 3 -9.13 18.57 -48.76
N THR D 4 -8.13 19.12 -48.01
CA THR D 4 -8.22 19.43 -46.57
C THR D 4 -9.30 20.52 -46.32
N GLN D 5 -10.10 20.31 -45.23
CA GLN D 5 -11.14 21.26 -44.86
CA GLN D 5 -11.18 21.23 -44.81
C GLN D 5 -10.80 21.87 -43.49
N TYR D 6 -10.94 23.21 -43.38
CA TYR D 6 -10.62 23.98 -42.19
C TYR D 6 -11.85 24.64 -41.61
N TRP D 7 -11.87 24.75 -40.27
CA TRP D 7 -12.89 25.42 -39.48
C TRP D 7 -12.77 26.95 -39.71
N GLU D 8 -11.53 27.47 -39.67
CA GLU D 8 -11.12 28.86 -39.85
C GLU D 8 -9.88 28.92 -40.74
N GLU D 9 -10.08 28.72 -42.05
CA GLU D 9 -9.01 28.64 -43.05
C GLU D 9 -8.03 29.84 -42.98
N GLU D 10 -8.54 31.08 -42.85
CA GLU D 10 -7.71 32.29 -42.81
C GLU D 10 -6.68 32.22 -41.66
N ILE D 11 -7.02 31.58 -40.52
CA ILE D 11 -6.12 31.44 -39.38
C ILE D 11 -5.24 30.18 -39.52
N GLU D 12 -5.85 29.04 -39.85
CA GLU D 12 -5.19 27.73 -39.88
C GLU D 12 -4.08 27.63 -40.93
N ILE D 13 -4.20 28.37 -42.06
CA ILE D 13 -3.16 28.31 -43.10
C ILE D 13 -2.50 29.69 -43.25
N SER D 15 0.14 32.66 -43.16
CA SER D 15 1.59 32.62 -43.36
C SER D 15 2.32 32.85 -42.04
N ARG D 16 3.50 32.23 -41.87
CA ARG D 16 4.32 32.35 -40.67
C ARG D 16 4.55 33.86 -40.35
N GLU D 17 4.78 34.68 -41.41
CA GLU D 17 4.99 36.13 -41.35
CA GLU D 17 4.99 36.12 -41.35
C GLU D 17 3.80 36.82 -40.66
N LYS D 18 2.58 36.59 -41.17
CA LYS D 18 1.33 37.16 -40.66
C LYS D 18 0.97 36.61 -39.28
N LEU D 19 1.28 35.31 -39.02
CA LEU D 19 0.99 34.66 -37.74
C LEU D 19 1.90 35.24 -36.62
N GLN D 20 3.16 35.54 -36.92
CA GLN D 20 4.06 36.15 -35.96
C GLN D 20 3.69 37.62 -35.67
N GLU D 21 3.08 38.34 -36.64
CA GLU D 21 2.68 39.70 -36.33
C GLU D 21 1.40 39.64 -35.47
N LEU D 22 0.52 38.64 -35.71
CA LEU D 22 -0.69 38.40 -34.91
C LEU D 22 -0.32 38.04 -33.47
N GLN D 23 0.69 37.14 -33.29
CA GLN D 23 1.18 36.76 -31.96
C GLN D 23 1.78 37.93 -31.20
N LEU D 24 2.51 38.82 -31.92
CA LEU D 24 3.15 40.00 -31.34
C LEU D 24 2.10 41.01 -30.93
N GLN D 25 1.04 41.21 -31.75
CA GLN D 25 -0.05 42.11 -31.34
C GLN D 25 -0.66 41.63 -30.06
N ARG D 26 -1.04 40.34 -30.04
CA ARG D 26 -1.78 39.71 -28.94
C ARG D 26 -0.87 39.50 -27.72
N LEU D 27 0.45 39.33 -27.89
CA LEU D 27 1.37 39.23 -26.74
C LEU D 27 1.43 40.58 -26.01
N LYS D 28 1.48 41.68 -26.78
CA LYS D 28 1.50 43.04 -26.22
C LYS D 28 0.21 43.32 -25.46
N LYS D 29 -0.95 42.94 -26.05
CA LYS D 29 -2.27 43.14 -25.44
C LYS D 29 -2.37 42.32 -24.12
N THR D 30 -1.89 41.07 -24.14
CA THR D 30 -1.88 40.16 -22.97
C THR D 30 -1.09 40.77 -21.81
N ILE D 31 0.08 41.33 -22.09
CA ILE D 31 0.95 41.90 -21.07
C ILE D 31 0.30 43.18 -20.51
N ASN D 32 -0.39 43.98 -21.35
CA ASN D 32 -1.08 45.18 -20.88
C ASN D 32 -2.26 44.80 -19.96
N ILE D 33 -3.01 43.75 -20.31
CA ILE D 33 -4.13 43.24 -19.50
C ILE D 33 -3.58 42.68 -18.19
N ALA D 34 -2.60 41.74 -18.24
CA ALA D 34 -2.01 41.06 -17.08
C ALA D 34 -1.49 42.05 -16.03
N ALA D 35 -0.99 43.22 -16.47
CA ALA D 35 -0.45 44.29 -15.62
C ALA D 35 -1.49 44.78 -14.59
N ASN D 36 -2.79 44.55 -14.85
CA ASN D 36 -3.87 44.93 -13.95
C ASN D 36 -4.04 43.91 -12.79
N SER D 37 -3.51 42.67 -12.93
CA SER D 37 -3.62 41.68 -11.84
C SER D 37 -2.63 41.99 -10.72
N PRO D 38 -2.98 41.75 -9.42
CA PRO D 38 -2.01 42.00 -8.33
C PRO D 38 -0.67 41.27 -8.54
N TYR D 39 -0.71 40.02 -9.00
CA TYR D 39 0.47 39.19 -9.23
C TYR D 39 1.41 39.78 -10.29
N TYR D 40 0.91 39.99 -11.53
CA TYR D 40 1.80 40.46 -12.58
C TYR D 40 2.14 41.95 -12.41
N LYS D 41 1.32 42.74 -11.71
CA LYS D 41 1.63 44.15 -11.43
C LYS D 41 2.92 44.21 -10.63
N GLU D 42 3.06 43.30 -9.63
CA GLU D 42 4.22 43.18 -8.76
C GLU D 42 5.42 42.58 -9.53
N VAL D 43 5.18 41.50 -10.32
CA VAL D 43 6.23 40.83 -11.11
C VAL D 43 6.86 41.82 -12.12
N PHE D 44 6.00 42.49 -12.91
CA PHE D 44 6.42 43.44 -13.94
C PHE D 44 7.16 44.64 -13.32
N SER D 45 6.68 45.13 -12.16
CA SER D 45 7.28 46.26 -11.45
C SER D 45 8.70 45.90 -10.94
N LYS D 46 8.86 44.71 -10.36
CA LYS D 46 10.13 44.21 -9.82
C LYS D 46 11.11 43.81 -10.94
N ASN D 47 10.64 43.57 -12.17
CA ASN D 47 11.51 43.16 -13.27
C ASN D 47 11.56 44.21 -14.41
N GLY D 48 11.01 45.40 -14.17
CA GLY D 48 10.99 46.49 -15.14
C GLY D 48 10.29 46.19 -16.45
N ILE D 49 9.17 45.46 -16.39
CA ILE D 49 8.35 45.11 -17.55
C ILE D 49 7.30 46.19 -17.73
N THR D 50 7.36 46.89 -18.86
CA THR D 50 6.44 47.96 -19.22
C THR D 50 5.78 47.62 -20.58
N GLY D 51 5.02 48.56 -21.11
CA GLY D 51 4.34 48.41 -22.40
C GLY D 51 5.30 48.51 -23.58
N ASP D 52 6.55 48.89 -23.32
CA ASP D 52 7.58 49.03 -24.35
C ASP D 52 8.60 47.90 -24.30
N SER D 53 8.50 47.01 -23.28
CA SER D 53 9.43 45.89 -23.08
C SER D 53 9.34 44.88 -24.22
N ILE D 54 8.16 44.65 -24.78
CA ILE D 54 7.94 43.69 -25.86
C ILE D 54 7.87 44.40 -27.21
N GLN D 55 8.91 44.22 -28.04
CA GLN D 55 9.03 44.78 -29.39
C GLN D 55 9.13 43.65 -30.42
N SER D 56 9.52 42.45 -29.94
CA SER D 56 9.62 41.21 -30.70
C SER D 56 9.16 40.05 -29.83
N LEU D 57 8.91 38.89 -30.44
CA LEU D 57 8.45 37.71 -29.72
C LEU D 57 9.56 37.17 -28.78
N ASP D 58 10.85 37.42 -29.11
CA ASP D 58 11.99 37.01 -28.27
C ASP D 58 12.06 37.80 -26.97
N ASP D 59 11.48 39.01 -26.93
CA ASP D 59 11.44 39.86 -25.74
C ASP D 59 10.61 39.23 -24.60
N ILE D 60 9.85 38.16 -24.87
CA ILE D 60 9.07 37.47 -23.83
C ILE D 60 10.03 36.89 -22.76
N ARG D 61 11.28 36.57 -23.17
CA ARG D 61 12.32 35.98 -22.33
C ARG D 61 12.81 36.99 -21.27
N LYS D 62 12.35 38.27 -21.34
CA LYS D 62 12.63 39.28 -20.33
C LYS D 62 11.78 39.02 -19.07
N ILE D 63 10.63 38.34 -19.24
CA ILE D 63 9.67 38.07 -18.17
C ILE D 63 10.02 36.75 -17.45
N PRO D 64 9.98 36.71 -16.08
CA PRO D 64 10.18 35.44 -15.36
C PRO D 64 9.10 34.39 -15.64
N PHE D 65 9.35 33.13 -15.30
CA PHE D 65 8.36 32.07 -15.47
C PHE D 65 7.31 32.14 -14.37
N THR D 66 6.10 31.66 -14.68
CA THR D 66 5.03 31.51 -13.71
C THR D 66 4.98 30.03 -13.38
N THR D 67 5.04 29.70 -12.09
CA THR D 67 5.01 28.30 -11.66
C THR D 67 3.70 28.00 -10.94
N LYS D 68 3.42 26.72 -10.75
CA LYS D 68 2.28 26.22 -10.02
C LYS D 68 2.36 26.73 -8.57
N SER D 69 3.57 26.76 -8.00
CA SER D 69 3.84 27.27 -6.66
C SER D 69 3.45 28.75 -6.55
N ASP D 70 3.79 29.57 -7.58
CA ASP D 70 3.42 30.99 -7.65
C ASP D 70 1.91 31.15 -7.66
N ARG D 72 -0.36 28.82 -6.48
CA ARG D 72 -0.93 28.35 -5.20
C ARG D 72 -0.80 29.45 -4.16
N ALA D 73 0.34 30.18 -4.20
CA ALA D 73 0.64 31.27 -3.28
C ALA D 73 -0.30 32.45 -3.46
N ASN D 74 -0.92 32.56 -4.66
CA ASN D 74 -1.80 33.67 -4.98
C ASN D 74 -3.25 33.23 -5.10
N TYR D 75 -3.58 32.08 -4.51
CA TYR D 75 -4.93 31.53 -4.48
C TYR D 75 -5.85 32.38 -3.56
N PRO D 76 -7.10 32.67 -4.00
CA PRO D 76 -7.73 32.26 -5.26
C PRO D 76 -7.68 33.27 -6.41
N PHE D 77 -7.60 34.59 -6.16
CA PHE D 77 -7.76 35.53 -7.27
C PHE D 77 -6.57 36.50 -7.51
N GLY D 78 -5.38 36.17 -7.02
CA GLY D 78 -4.19 37.00 -7.22
C GLY D 78 -3.76 37.25 -8.66
N LEU D 79 -4.15 36.37 -9.60
CA LEU D 79 -3.78 36.52 -11.01
C LEU D 79 -4.97 36.98 -11.86
N VAL D 80 -6.11 37.35 -11.23
CA VAL D 80 -7.26 37.86 -11.99
C VAL D 80 -6.92 39.29 -12.46
N ALA D 81 -6.91 39.53 -13.78
CA ALA D 81 -6.56 40.81 -14.38
C ALA D 81 -7.79 41.64 -14.76
N GLY D 82 -8.88 41.00 -15.15
CA GLY D 82 -10.10 41.71 -15.55
C GLY D 82 -11.01 42.08 -14.41
N ASP D 83 -12.24 42.56 -14.73
CA ASP D 83 -13.24 42.96 -13.75
C ASP D 83 -14.12 41.76 -13.47
N LYS D 85 -16.23 41.00 -11.00
CA LYS D 85 -17.60 41.32 -10.60
C LYS D 85 -18.49 41.71 -11.83
N ARG D 86 -17.94 42.43 -12.83
CA ARG D 86 -18.66 42.87 -14.04
C ARG D 86 -18.69 41.81 -15.16
N ASP D 87 -17.61 41.02 -15.29
CA ASP D 87 -17.46 40.17 -16.46
C ASP D 87 -17.13 38.69 -16.16
N GLY D 88 -16.85 38.30 -14.91
CA GLY D 88 -16.54 36.91 -14.61
C GLY D 88 -17.75 36.02 -14.77
N VAL D 89 -17.63 34.86 -15.48
CA VAL D 89 -18.81 34.00 -15.67
C VAL D 89 -18.52 32.54 -15.19
N ARG D 90 -17.24 32.15 -15.01
CA ARG D 90 -16.94 30.80 -14.55
C ARG D 90 -15.61 30.70 -13.84
N ILE D 91 -15.58 29.90 -12.77
CA ILE D 91 -14.40 29.52 -12.00
C ILE D 91 -14.15 28.01 -12.16
N HIS D 92 -12.98 27.62 -12.63
CA HIS D 92 -12.54 26.23 -12.70
C HIS D 92 -11.49 26.02 -11.65
N SER D 93 -11.62 24.98 -10.86
CA SER D 93 -10.71 24.72 -9.75
C SER D 93 -10.07 23.35 -9.92
N SER D 94 -8.74 23.33 -9.94
CA SER D 94 -7.88 22.16 -10.05
C SER D 94 -7.34 21.77 -8.67
N ASN D 100 -3.57 22.99 -1.16
CA ASN D 100 -3.00 24.15 -1.84
C ASN D 100 -3.56 24.17 -3.30
N PRO D 101 -4.82 24.67 -3.54
CA PRO D 101 -5.39 24.61 -4.91
C PRO D 101 -5.09 25.82 -5.78
N THR D 102 -5.49 25.72 -7.07
CA THR D 102 -5.39 26.79 -8.06
C THR D 102 -6.71 26.89 -8.82
N VAL D 103 -7.05 28.11 -9.21
CA VAL D 103 -8.27 28.51 -9.86
C VAL D 103 -7.98 29.27 -11.17
N ILE D 104 -8.84 29.06 -12.21
CA ILE D 104 -8.84 29.78 -13.47
C ILE D 104 -10.19 30.47 -13.57
N VAL D 105 -10.18 31.81 -13.71
CA VAL D 105 -11.43 32.59 -13.83
C VAL D 105 -11.59 32.98 -15.29
N HIS D 106 -12.77 32.74 -15.84
CA HIS D 106 -13.11 33.02 -17.23
C HIS D 106 -14.22 34.04 -17.36
N SER D 107 -14.14 34.85 -18.43
CA SER D 107 -15.18 35.75 -18.87
C SER D 107 -15.93 35.08 -20.04
N GLN D 108 -17.00 35.68 -20.56
CA GLN D 108 -17.73 35.09 -21.69
C GLN D 108 -16.79 35.00 -22.92
N HIS D 109 -15.97 36.03 -23.16
CA HIS D 109 -14.99 36.06 -24.24
C HIS D 109 -14.09 34.82 -24.17
N ASP D 110 -13.51 34.55 -22.98
CA ASP D 110 -12.63 33.42 -22.70
C ASP D 110 -13.33 32.07 -22.98
N LEU D 111 -14.60 31.90 -22.55
CA LEU D 111 -15.37 30.68 -22.81
C LEU D 111 -15.65 30.48 -24.30
N ASP D 112 -15.96 31.56 -25.02
CA ASP D 112 -16.22 31.55 -26.48
C ASP D 112 -14.93 31.22 -27.25
N SER D 113 -13.79 31.81 -26.85
CA SER D 113 -12.48 31.53 -27.45
C SER D 113 -12.11 30.05 -27.26
N TRP D 114 -12.41 29.50 -26.06
CA TRP D 114 -12.14 28.11 -25.69
C TRP D 114 -12.99 27.17 -26.56
N ALA D 115 -14.32 27.43 -26.60
CA ALA D 115 -15.28 26.62 -27.35
C ALA D 115 -14.95 26.61 -28.84
N ASN D 116 -14.48 27.76 -29.36
CA ASN D 116 -14.09 27.86 -30.77
C ASN D 116 -12.85 27.00 -31.06
N LEU D 117 -11.86 26.97 -30.14
CA LEU D 117 -10.68 26.13 -30.30
C LEU D 117 -11.01 24.64 -30.26
N VAL D 118 -11.94 24.21 -29.40
CA VAL D 118 -12.35 22.80 -29.33
C VAL D 118 -13.08 22.43 -30.63
N ALA D 119 -13.99 23.30 -31.12
CA ALA D 119 -14.71 23.05 -32.41
C ALA D 119 -13.69 22.94 -33.57
N ARG D 120 -12.67 23.84 -33.56
CA ARG D 120 -11.60 23.86 -34.55
C ARG D 120 -10.86 22.52 -34.57
N CYS D 121 -10.53 21.97 -33.38
CA CYS D 121 -9.83 20.68 -33.16
C CYS D 121 -10.67 19.54 -33.71
N LEU D 122 -11.93 19.43 -33.25
CA LEU D 122 -12.85 18.37 -33.64
C LEU D 122 -13.10 18.38 -35.15
N TYR D 123 -13.27 19.57 -35.76
CA TYR D 123 -13.50 19.72 -37.19
C TYR D 123 -12.30 19.22 -37.99
N VAL D 125 -10.16 16.84 -37.36
CA VAL D 125 -10.00 15.39 -37.43
C VAL D 125 -11.24 14.75 -38.12
N GLY D 126 -12.09 15.57 -38.74
CA GLY D 126 -13.23 15.12 -39.52
C GLY D 126 -14.60 15.07 -38.88
N ILE D 127 -14.74 15.61 -37.69
CA ILE D 127 -16.02 15.56 -36.99
C ILE D 127 -16.89 16.71 -37.56
N ARG D 128 -18.17 16.38 -37.78
CA ARG D 128 -19.12 17.31 -38.36
C ARG D 128 -20.35 17.39 -37.45
N LYS D 129 -21.28 18.30 -37.77
CA LYS D 129 -22.49 18.51 -36.96
C LYS D 129 -23.42 17.26 -37.03
N THR D 130 -23.23 16.39 -38.03
CA THR D 130 -24.04 15.18 -38.22
C THR D 130 -23.50 14.05 -37.33
N ASP D 131 -22.36 14.28 -36.64
CA ASP D 131 -21.79 13.26 -35.74
C ASP D 131 -22.48 13.25 -34.39
N VAL D 132 -22.52 12.05 -33.80
CA VAL D 132 -23.05 11.82 -32.46
C VAL D 132 -21.81 11.73 -31.58
N PHE D 133 -21.55 12.80 -30.80
CA PHE D 133 -20.36 12.95 -29.98
C PHE D 133 -20.67 12.60 -28.52
N GLN D 134 -19.98 11.58 -27.98
CA GLN D 134 -20.16 11.16 -26.61
C GLN D 134 -18.95 11.56 -25.77
N ASN D 135 -19.20 12.30 -24.71
CA ASN D 135 -18.15 12.76 -23.80
C ASN D 135 -18.10 11.89 -22.51
N SER D 136 -17.12 10.95 -22.41
CA SER D 136 -16.99 10.10 -21.20
C SER D 136 -16.04 10.77 -20.13
N SER D 137 -15.80 12.09 -20.22
CA SER D 137 -15.01 12.85 -19.24
C SER D 137 -15.89 13.29 -18.08
N GLY D 138 -15.26 13.49 -16.91
CA GLY D 138 -15.94 14.01 -15.74
C GLY D 138 -16.35 15.44 -15.97
N TYR D 139 -17.53 15.85 -15.45
CA TYR D 139 -18.05 17.20 -15.61
C TYR D 139 -17.74 17.99 -14.30
N GLY D 140 -18.60 18.93 -13.90
CA GLY D 140 -18.34 19.75 -12.72
C GLY D 140 -17.10 20.62 -12.89
N PHE D 142 -14.13 19.67 -13.59
CA PHE D 142 -13.28 19.15 -14.67
C PHE D 142 -13.50 19.94 -15.94
N THR D 143 -12.39 20.48 -16.47
CA THR D 143 -12.40 21.29 -17.70
C THR D 143 -12.74 20.40 -18.93
N GLY D 144 -12.52 19.08 -18.82
CA GLY D 144 -12.83 18.12 -19.86
C GLY D 144 -14.30 18.06 -20.19
N GLY D 145 -15.12 18.05 -19.12
CA GLY D 145 -16.57 17.99 -19.20
C GLY D 145 -17.17 19.16 -19.97
N LEU D 146 -17.16 20.37 -19.35
CA LEU D 146 -17.75 21.57 -19.95
C LEU D 146 -16.95 22.02 -21.19
N GLY D 147 -15.64 21.72 -21.25
CA GLY D 147 -14.80 22.08 -22.39
C GLY D 147 -15.24 21.43 -23.70
N PHE D 148 -15.31 20.09 -23.72
CA PHE D 148 -15.78 19.35 -24.90
C PHE D 148 -17.28 19.54 -25.13
N GLN D 149 -18.06 19.72 -24.05
CA GLN D 149 -19.50 19.93 -24.15
C GLN D 149 -19.81 21.20 -24.96
N TYR D 150 -19.16 22.33 -24.63
CA TYR D 150 -19.36 23.60 -25.32
C TYR D 150 -18.79 23.58 -26.73
N GLY D 151 -17.59 23.02 -26.89
CA GLY D 151 -16.91 22.92 -28.18
C GLY D 151 -17.70 22.10 -29.18
N ALA D 152 -18.15 20.90 -28.78
CA ALA D 152 -18.94 20.02 -29.63
C ALA D 152 -20.29 20.66 -29.98
N GLU D 153 -20.90 21.41 -29.03
CA GLU D 153 -22.18 22.10 -29.32
C GLU D 153 -21.96 23.24 -30.30
N ARG D 154 -20.81 23.97 -30.17
CA ARG D 154 -20.43 25.06 -31.09
C ARG D 154 -20.27 24.51 -32.53
N LEU D 155 -19.65 23.31 -32.68
CA LEU D 155 -19.52 22.64 -33.97
C LEU D 155 -20.92 22.24 -34.48
N GLY D 156 -21.77 21.76 -33.55
CA GLY D 156 -23.13 21.34 -33.84
C GLY D 156 -23.40 19.86 -33.71
N CYS D 157 -22.45 19.07 -33.15
CA CYS D 157 -22.65 17.61 -32.94
C CYS D 157 -23.88 17.36 -32.10
N LEU D 158 -24.49 16.19 -32.30
CA LEU D 158 -25.52 15.74 -31.41
C LEU D 158 -24.76 15.13 -30.21
N THR D 159 -24.60 15.91 -29.12
CA THR D 159 -23.80 15.50 -27.98
C THR D 159 -24.59 14.65 -26.98
N VAL D 160 -23.87 13.70 -26.39
CA VAL D 160 -24.29 12.73 -25.39
C VAL D 160 -23.43 12.99 -24.13
N PRO D 161 -23.88 13.84 -23.18
CA PRO D 161 -23.03 14.15 -22.01
C PRO D 161 -22.99 13.00 -20.99
N ALA D 162 -22.46 11.84 -21.38
CA ALA D 162 -22.38 10.59 -20.59
C ALA D 162 -21.65 10.79 -19.24
N ALA D 163 -20.59 11.63 -19.24
CA ALA D 163 -19.69 11.91 -18.12
C ALA D 163 -18.88 10.63 -17.77
N ALA D 164 -18.08 10.67 -16.67
CA ALA D 164 -17.19 9.57 -16.25
C ALA D 164 -17.94 8.28 -15.80
N GLY D 165 -17.25 7.14 -15.92
CA GLY D 165 -17.67 5.81 -15.49
C GLY D 165 -18.96 5.23 -16.06
N ASN D 166 -19.41 4.14 -15.42
CA ASN D 166 -20.62 3.36 -15.73
C ASN D 166 -20.52 2.87 -17.19
N SER D 167 -19.56 1.97 -17.43
CA SER D 167 -19.22 1.38 -18.73
C SER D 167 -20.43 0.76 -19.42
N LYS D 168 -21.33 0.08 -18.67
CA LYS D 168 -22.54 -0.54 -19.24
C LYS D 168 -23.42 0.53 -19.88
N ARG D 169 -23.57 1.69 -19.22
CA ARG D 169 -24.39 2.79 -19.72
C ARG D 169 -23.72 3.43 -20.95
N GLN D 170 -22.37 3.50 -20.95
CA GLN D 170 -21.57 4.06 -22.05
C GLN D 170 -21.84 3.31 -23.34
N ILE D 171 -21.82 1.96 -23.26
CA ILE D 171 -22.01 0.99 -24.35
C ILE D 171 -23.45 1.05 -24.82
N LYS D 172 -24.42 1.22 -23.90
CA LYS D 172 -25.83 1.36 -24.22
C LYS D 172 -26.06 2.62 -25.06
N PHE D 173 -25.46 3.77 -24.65
CA PHE D 173 -25.54 5.02 -25.39
C PHE D 173 -24.97 4.87 -26.81
N ILE D 174 -23.79 4.22 -26.96
CA ILE D 174 -23.14 4.03 -28.26
C ILE D 174 -24.04 3.19 -29.16
N SER D 175 -24.61 2.11 -28.60
CA SER D 175 -25.44 1.17 -29.35
C SER D 175 -26.78 1.78 -29.75
N ASP D 176 -27.49 2.43 -28.79
CA ASP D 176 -28.84 2.98 -28.98
C ASP D 176 -28.84 4.36 -29.63
N PHE D 177 -27.83 5.23 -29.39
CA PHE D 177 -27.85 6.57 -29.98
C PHE D 177 -26.96 6.65 -31.24
N LYS D 178 -26.29 5.55 -31.59
CA LYS D 178 -25.41 5.39 -32.76
C LYS D 178 -24.29 6.44 -32.73
N THR D 179 -23.54 6.47 -31.60
CA THR D 179 -22.39 7.35 -31.39
C THR D 179 -21.34 7.10 -32.48
N THR D 180 -20.73 8.16 -32.99
CA THR D 180 -19.73 8.05 -34.06
C THR D 180 -18.38 8.61 -33.59
N ALA D 181 -18.40 9.57 -32.64
CA ALA D 181 -17.22 10.22 -32.09
C ALA D 181 -17.22 10.12 -30.56
N LEU D 182 -16.12 9.65 -29.99
CA LEU D 182 -16.03 9.42 -28.54
C LEU D 182 -14.81 10.05 -27.96
N HIS D 183 -14.99 10.76 -26.86
CA HIS D 183 -13.87 11.29 -26.10
C HIS D 183 -13.67 10.39 -24.84
N ALA D 184 -12.47 9.82 -24.71
CA ALA D 184 -12.10 8.97 -23.57
C ALA D 184 -10.60 9.02 -23.29
N ILE D 185 -10.18 8.75 -22.03
CA ILE D 185 -8.76 8.63 -21.72
C ILE D 185 -8.31 7.27 -22.31
N PRO D 186 -7.08 7.15 -22.85
CA PRO D 186 -6.68 5.91 -23.53
C PRO D 186 -6.95 4.61 -22.74
N SER D 187 -6.67 4.58 -21.42
CA SER D 187 -6.89 3.37 -20.61
C SER D 187 -8.39 3.05 -20.50
N TYR D 188 -9.27 4.07 -20.50
CA TYR D 188 -10.72 3.82 -20.44
C TYR D 188 -11.24 3.36 -21.80
N ALA D 189 -10.59 3.77 -22.90
CA ALA D 189 -10.96 3.33 -24.25
C ALA D 189 -10.77 1.81 -24.37
N ILE D 190 -9.70 1.26 -23.75
CA ILE D 190 -9.40 -0.18 -23.73
C ILE D 190 -10.48 -0.91 -22.86
N ARG D 191 -10.80 -0.38 -21.66
CA ARG D 191 -11.80 -0.95 -20.75
C ARG D 191 -13.15 -1.08 -21.46
N LEU D 192 -13.57 -0.03 -22.22
CA LEU D 192 -14.84 -0.02 -22.97
C LEU D 192 -14.86 -1.11 -24.06
N ALA D 193 -13.70 -1.39 -24.73
CA ALA D 193 -13.62 -2.43 -25.75
C ALA D 193 -13.89 -3.80 -25.14
N GLU D 194 -13.42 -3.99 -23.88
CA GLU D 194 -13.57 -5.21 -23.09
C GLU D 194 -15.01 -5.36 -22.61
N VAL D 195 -15.65 -4.25 -22.17
CA VAL D 195 -17.04 -4.25 -21.67
C VAL D 195 -17.96 -4.62 -22.85
N PHE D 196 -17.65 -4.21 -24.09
CA PHE D 196 -18.45 -4.58 -25.27
C PHE D 196 -18.50 -6.08 -25.44
N GLN D 197 -17.32 -6.75 -25.37
CA GLN D 197 -17.17 -8.20 -25.49
C GLN D 197 -17.91 -8.92 -24.35
N GLU D 198 -17.82 -8.39 -23.10
CA GLU D 198 -18.52 -8.92 -21.92
C GLU D 198 -20.04 -8.91 -22.12
N GLU D 199 -20.55 -7.89 -22.83
CA GLU D 199 -21.97 -7.70 -23.14
C GLU D 199 -22.35 -8.34 -24.49
N GLY D 200 -21.44 -9.15 -25.05
CA GLY D 200 -21.68 -9.86 -26.30
C GLY D 200 -21.76 -9.03 -27.56
N ILE D 201 -21.04 -7.89 -27.60
CA ILE D 201 -20.99 -6.99 -28.78
C ILE D 201 -19.55 -6.98 -29.35
N ASP D 202 -19.39 -7.07 -30.69
CA ASP D 202 -18.07 -7.01 -31.34
C ASP D 202 -17.60 -5.55 -31.30
N PRO D 203 -16.51 -5.21 -30.58
CA PRO D 203 -16.11 -3.79 -30.47
C PRO D 203 -15.68 -3.18 -31.83
N ARG D 204 -15.38 -4.02 -32.84
CA ARG D 204 -15.01 -3.56 -34.18
C ARG D 204 -16.25 -3.35 -35.08
N GLU D 205 -17.46 -3.75 -34.61
CA GLU D 205 -18.65 -3.65 -35.45
C GLU D 205 -19.69 -2.66 -34.88
N THR D 206 -19.22 -1.59 -34.20
CA THR D 206 -20.13 -0.56 -33.67
C THR D 206 -20.19 0.60 -34.69
N THR D 207 -20.97 1.64 -34.37
CA THR D 207 -21.13 2.85 -35.19
C THR D 207 -19.96 3.84 -34.97
N LEU D 208 -19.04 3.53 -34.02
CA LEU D 208 -17.87 4.37 -33.73
C LEU D 208 -16.95 4.53 -34.95
N LYS D 209 -16.55 5.77 -35.22
CA LYS D 209 -15.61 6.03 -36.30
C LYS D 209 -14.37 6.79 -35.79
N THR D 210 -14.54 7.78 -34.89
CA THR D 210 -13.44 8.62 -34.41
C THR D 210 -13.35 8.62 -32.91
N LEU D 211 -12.12 8.50 -32.40
CA LEU D 211 -11.85 8.58 -30.97
C LEU D 211 -10.90 9.73 -30.69
N VAL D 212 -11.22 10.51 -29.67
CA VAL D 212 -10.40 11.62 -29.19
C VAL D 212 -9.83 11.14 -27.85
N ILE D 213 -8.52 10.88 -27.78
CA ILE D 213 -7.87 10.40 -26.56
C ILE D 213 -6.84 11.43 -26.07
N GLY D 214 -6.79 11.62 -24.76
CA GLY D 214 -5.82 12.51 -24.12
C GLY D 214 -5.74 12.28 -22.62
N ALA D 215 -5.35 13.32 -21.87
CA ALA D 215 -5.21 13.38 -20.41
C ALA D 215 -4.04 12.53 -19.87
N GLU D 216 -3.64 11.44 -20.54
CA GLU D 216 -2.55 10.66 -19.98
C GLU D 216 -1.52 10.32 -21.06
N PRO D 217 -0.23 10.30 -20.66
CA PRO D 217 0.83 9.91 -21.62
C PRO D 217 0.64 8.48 -22.07
N HIS D 218 0.82 8.26 -23.36
CA HIS D 218 0.66 6.96 -23.98
C HIS D 218 1.51 6.92 -25.23
N THR D 219 1.94 5.73 -25.65
CA THR D 219 2.77 5.56 -26.84
C THR D 219 1.89 5.50 -28.09
N ASP D 220 2.51 5.64 -29.27
CA ASP D 220 1.80 5.54 -30.54
C ASP D 220 1.21 4.14 -30.71
N GLU D 221 1.97 3.09 -30.32
CA GLU D 221 1.53 1.71 -30.44
C GLU D 221 0.32 1.46 -29.55
N GLN D 222 0.22 2.14 -28.39
CA GLN D 222 -0.94 2.03 -27.52
C GLN D 222 -2.19 2.59 -28.24
N ARG D 223 -2.04 3.70 -28.97
CA ARG D 223 -3.11 4.32 -29.78
C ARG D 223 -3.48 3.38 -30.94
N ARG D 224 -2.48 2.72 -31.57
CA ARG D 224 -2.72 1.80 -32.69
C ARG D 224 -3.44 0.54 -32.19
N LYS D 225 -3.19 0.14 -30.93
CA LYS D 225 -3.87 -0.99 -30.28
C LYS D 225 -5.37 -0.64 -30.11
N ILE D 226 -5.66 0.60 -29.67
CA ILE D 226 -7.02 1.10 -29.48
C ILE D 226 -7.72 1.17 -30.85
N GLU D 227 -7.00 1.66 -31.89
CA GLU D 227 -7.54 1.77 -33.24
C GLU D 227 -7.97 0.38 -33.77
N ARG D 228 -7.20 -0.69 -33.46
CA ARG D 228 -7.46 -2.07 -33.89
C ARG D 228 -8.61 -2.71 -33.11
N LEU D 230 -11.19 -1.26 -31.56
CA LEU D 230 -12.48 -0.64 -31.81
C LEU D 230 -12.73 -0.28 -33.29
N ASN D 231 -11.76 -0.57 -34.20
CA ASN D 231 -11.83 -0.28 -35.63
C ASN D 231 -12.20 1.22 -35.84
N VAL D 232 -11.38 2.11 -35.26
CA VAL D 232 -11.57 3.57 -35.30
C VAL D 232 -10.27 4.25 -35.65
N LYS D 233 -10.35 5.56 -35.90
CA LYS D 233 -9.24 6.48 -36.02
C LYS D 233 -9.16 7.21 -34.70
N ALA D 234 -8.04 7.11 -33.99
CA ALA D 234 -7.87 7.75 -32.67
C ALA D 234 -6.89 8.92 -32.78
N TYR D 235 -7.20 10.06 -32.16
CA TYR D 235 -6.41 11.28 -32.27
C TYR D 235 -5.99 11.80 -30.91
N ASN D 236 -4.68 12.13 -30.79
CA ASN D 236 -4.08 12.63 -29.55
C ASN D 236 -4.51 14.07 -29.34
N SER D 237 -5.06 14.37 -28.14
CA SER D 237 -5.59 15.66 -27.69
C SER D 237 -4.81 16.17 -26.50
N PHE D 238 -4.28 17.41 -26.58
CA PHE D 238 -3.57 17.99 -25.44
C PHE D 238 -4.35 19.17 -24.82
N GLY D 239 -4.27 19.24 -23.51
CA GLY D 239 -4.88 20.31 -22.75
C GLY D 239 -4.52 20.29 -21.29
N THR D 241 -6.06 22.71 -17.52
CA THR D 241 -6.95 23.67 -16.89
C THR D 241 -6.38 25.10 -17.02
N GLU D 242 -5.07 25.26 -16.81
CA GLU D 242 -4.37 26.54 -16.86
C GLU D 242 -4.46 27.16 -18.24
N ASN D 244 -7.02 26.51 -20.32
CA ASN D 244 -8.50 26.38 -20.47
C ASN D 244 -8.92 24.96 -20.11
N GLY D 245 -8.37 23.99 -20.83
CA GLY D 245 -8.59 22.55 -20.71
C GLY D 245 -8.33 21.96 -22.07
N PRO D 246 -9.31 21.24 -22.68
CA PRO D 246 -9.09 20.77 -24.06
C PRO D 246 -9.00 21.90 -25.08
N GLY D 247 -8.46 21.57 -26.28
CA GLY D 247 -8.37 22.50 -27.41
C GLY D 247 -7.06 23.24 -27.58
N VAL D 248 -6.09 23.04 -26.66
CA VAL D 248 -4.79 23.70 -26.69
C VAL D 248 -3.95 23.17 -27.90
N ALA D 249 -3.78 21.85 -28.01
CA ALA D 249 -3.01 21.20 -29.10
C ALA D 249 -3.70 19.92 -29.55
N PHE D 250 -3.56 19.53 -30.82
CA PHE D 250 -4.29 18.37 -31.35
C PHE D 250 -3.71 17.82 -32.65
N GLU D 251 -3.79 16.49 -32.82
CA GLU D 251 -3.31 15.89 -34.07
C GLU D 251 -4.21 16.24 -35.25
N CYS D 252 -3.63 16.34 -36.44
CA CYS D 252 -4.42 16.51 -37.65
C CYS D 252 -4.66 15.09 -38.22
N GLN D 253 -5.22 14.97 -39.42
CA GLN D 253 -5.51 13.64 -39.96
C GLN D 253 -4.21 12.91 -40.40
N GLU D 254 -3.03 13.58 -40.33
CA GLU D 254 -1.69 12.99 -40.60
C GLU D 254 -1.23 12.14 -39.42
N GLN D 255 -1.81 12.37 -38.20
CA GLN D 255 -1.47 11.66 -36.94
C GLN D 255 0.04 11.69 -36.72
N ASN D 256 0.66 12.86 -36.93
CA ASN D 256 2.11 13.03 -36.76
C ASN D 256 2.40 14.40 -36.14
N GLY D 257 2.31 14.45 -34.82
CA GLY D 257 2.52 15.69 -34.07
C GLY D 257 1.22 16.42 -33.85
N HIS D 259 -0.79 19.86 -33.58
CA HIS D 259 -0.81 21.26 -33.96
C HIS D 259 -1.19 22.10 -32.77
N PHE D 260 -0.33 23.05 -32.43
CA PHE D 260 -0.56 23.98 -31.34
C PHE D 260 -1.17 25.23 -31.91
N TRP D 261 -2.33 25.69 -31.41
CA TRP D 261 -2.97 26.86 -31.99
C TRP D 261 -2.24 28.11 -31.52
N GLU D 262 -1.36 28.61 -32.39
CA GLU D 262 -0.44 29.70 -32.13
C GLU D 262 -1.12 31.07 -32.16
N ASP D 263 -2.36 31.14 -32.64
CA ASP D 263 -3.10 32.40 -32.58
C ASP D 263 -3.61 32.62 -31.13
N CYS D 264 -3.65 31.54 -30.28
CA CYS D 264 -4.14 31.64 -28.90
C CYS D 264 -3.05 31.27 -27.87
N TYR D 265 -1.88 30.74 -28.31
CA TYR D 265 -0.80 30.35 -27.41
C TYR D 265 0.56 30.65 -27.98
N LEU D 266 1.49 31.11 -27.13
CA LEU D 266 2.89 31.30 -27.50
C LEU D 266 3.63 30.14 -26.84
N VAL D 267 4.21 29.28 -27.65
CA VAL D 267 4.89 28.06 -27.22
C VAL D 267 6.40 28.24 -27.10
N GLU D 268 6.98 27.84 -25.96
CA GLU D 268 8.43 27.80 -25.71
C GLU D 268 8.82 26.43 -25.17
N ILE D 269 10.01 25.93 -25.54
CA ILE D 269 10.58 24.69 -25.02
C ILE D 269 11.90 25.07 -24.33
N ILE D 270 11.93 25.02 -22.99
CA ILE D 270 13.12 25.44 -22.23
C ILE D 270 13.86 24.26 -21.65
N ASP D 271 15.16 24.44 -21.38
CA ASP D 271 15.97 23.47 -20.67
C ASP D 271 15.52 23.51 -19.21
N PRO D 272 15.05 22.40 -18.60
CA PRO D 272 14.49 22.48 -17.24
C PRO D 272 15.49 22.96 -16.19
N GLU D 273 16.80 22.77 -16.44
CA GLU D 273 17.84 23.15 -15.50
C GLU D 273 18.23 24.62 -15.69
N THR D 274 18.79 24.99 -16.86
CA THR D 274 19.28 26.34 -17.17
C THR D 274 18.18 27.43 -17.27
N GLY D 275 16.99 27.06 -17.75
CA GLY D 275 15.89 28.00 -17.97
C GLY D 275 16.01 28.72 -19.32
N GLU D 276 16.92 28.23 -20.18
CA GLU D 276 17.19 28.77 -21.52
C GLU D 276 16.46 27.95 -22.59
N PRO D 277 16.11 28.55 -23.75
CA PRO D 277 15.47 27.76 -24.82
C PRO D 277 16.37 26.65 -25.32
N VAL D 278 15.77 25.50 -25.64
CA VAL D 278 16.55 24.37 -26.13
C VAL D 278 16.94 24.60 -27.59
N PRO D 279 18.03 23.97 -28.12
CA PRO D 279 18.28 24.06 -29.57
C PRO D 279 17.04 23.57 -30.32
N GLU D 280 16.75 24.19 -31.47
CA GLU D 280 15.55 23.90 -32.29
C GLU D 280 15.34 22.40 -32.50
N GLY D 281 14.22 21.87 -31.98
CA GLY D 281 13.84 20.47 -32.10
C GLY D 281 14.25 19.50 -31.02
N GLU D 282 14.88 20.00 -29.93
CA GLU D 282 15.32 19.18 -28.81
C GLU D 282 14.24 19.07 -27.74
N ILE D 283 14.29 18.02 -26.89
CA ILE D 283 13.32 17.81 -25.81
C ILE D 283 13.64 18.78 -24.67
N GLY D 284 12.59 19.38 -24.13
CA GLY D 284 12.67 20.31 -23.02
C GLY D 284 11.31 20.47 -22.38
N GLU D 285 11.20 21.36 -21.40
CA GLU D 285 9.93 21.61 -20.72
C GLU D 285 9.07 22.60 -21.54
N LEU D 286 7.78 22.25 -21.74
CA LEU D 286 6.79 23.07 -22.43
C LEU D 286 6.40 24.29 -21.53
N VAL D 287 6.63 25.52 -22.03
CA VAL D 287 6.35 26.78 -21.32
C VAL D 287 5.38 27.56 -22.19
N LEU D 288 4.19 27.88 -21.64
CA LEU D 288 3.13 28.48 -22.44
C LEU D 288 2.64 29.84 -21.93
N THR D 289 2.19 30.67 -22.89
CA THR D 289 1.62 32.01 -22.71
C THR D 289 0.28 32.09 -23.45
N THR D 290 -0.78 32.52 -22.75
CA THR D 290 -2.10 32.70 -23.36
C THR D 290 -2.06 33.97 -24.22
N LEU D 291 -2.71 33.95 -25.38
CA LEU D 291 -2.73 35.12 -26.27
C LEU D 291 -4.17 35.62 -26.51
N ASP D 292 -5.21 34.88 -26.07
CA ASP D 292 -6.59 35.29 -26.31
C ASP D 292 -7.42 35.24 -25.02
N ARG D 293 -6.78 35.04 -23.84
CA ARG D 293 -7.49 35.07 -22.55
C ARG D 293 -7.47 36.49 -21.98
N GLU D 294 -8.60 36.96 -21.45
CA GLU D 294 -8.69 38.33 -20.95
C GLU D 294 -8.88 38.41 -19.44
N PRO D 297 -5.02 36.09 -17.84
CA PRO D 297 -3.95 35.57 -18.73
C PRO D 297 -2.83 34.91 -17.92
N LEU D 298 -2.12 33.96 -18.54
CA LEU D 298 -0.97 33.28 -17.94
C LEU D 298 0.24 33.50 -18.81
N ILE D 299 1.33 33.99 -18.21
CA ILE D 299 2.53 34.33 -18.96
C ILE D 299 3.65 33.39 -18.55
N ARG D 300 4.25 32.73 -19.56
CA ARG D 300 5.38 31.81 -19.45
C ARG D 300 5.13 30.80 -18.31
N TYR D 301 3.97 30.14 -18.39
CA TYR D 301 3.61 29.15 -17.39
C TYR D 301 4.41 27.85 -17.65
N ARG D 302 5.16 27.41 -16.63
CA ARG D 302 5.94 26.17 -16.63
C ARG D 302 5.01 24.98 -16.39
N THR D 303 4.68 24.25 -17.47
CA THR D 303 3.69 23.16 -17.44
C THR D 303 4.19 21.88 -16.74
N ARG D 304 5.51 21.70 -16.65
CA ARG D 304 6.21 20.52 -16.09
C ARG D 304 6.11 19.33 -17.10
N ASP D 305 5.61 19.59 -18.34
CA ASP D 305 5.50 18.61 -19.42
C ASP D 305 6.70 18.67 -20.30
N LEU D 306 7.29 17.51 -20.62
CA LEU D 306 8.47 17.42 -21.49
C LEU D 306 8.07 17.00 -22.89
N THR D 307 8.53 17.75 -23.90
CA THR D 307 8.24 17.45 -25.31
C THR D 307 9.21 18.26 -26.17
N ARG D 308 9.02 18.26 -27.50
CA ARG D 308 9.83 18.99 -28.46
C ARG D 308 8.96 19.52 -29.58
N ILE D 309 9.45 20.53 -30.32
CA ILE D 309 8.80 21.05 -31.52
C ILE D 309 9.28 20.20 -32.70
N LEU D 310 8.33 19.60 -33.41
CA LEU D 310 8.61 18.80 -34.59
C LEU D 310 8.90 19.72 -35.76
N PRO D 311 10.04 19.53 -36.45
CA PRO D 311 10.38 20.43 -37.56
C PRO D 311 9.60 20.17 -38.85
N GLY D 312 9.57 21.21 -39.67
CA GLY D 312 9.00 21.18 -41.01
C GLY D 312 7.52 21.47 -41.09
N LYS D 313 7.07 21.84 -42.30
CA LYS D 313 5.66 22.09 -42.55
C LYS D 313 4.92 20.76 -42.63
N CYS D 314 3.63 20.78 -42.30
CA CYS D 314 2.81 19.58 -42.29
C CYS D 314 2.08 19.42 -43.62
N PRO D 315 1.93 18.17 -44.15
CA PRO D 315 1.15 17.99 -45.38
C PRO D 315 -0.32 18.42 -45.28
N CYS D 316 -0.92 18.64 -44.07
CA CYS D 316 -2.33 19.07 -44.02
C CYS D 316 -2.45 20.55 -44.49
N GLY D 317 -1.33 21.23 -44.56
CA GLY D 317 -1.27 22.62 -44.98
C GLY D 317 -1.35 23.65 -43.87
N ARG D 318 -1.57 23.21 -42.62
CA ARG D 318 -1.64 24.13 -41.48
C ARG D 318 -0.24 24.59 -41.11
N THR D 319 -0.12 25.89 -40.81
CA THR D 319 1.14 26.58 -40.56
C THR D 319 1.47 26.66 -39.06
N HIS D 320 0.57 26.21 -38.21
CA HIS D 320 0.74 26.19 -36.76
C HIS D 320 1.67 25.04 -36.39
N LEU D 321 2.69 25.31 -35.56
CA LEU D 321 3.71 24.34 -35.15
C LEU D 321 3.07 23.09 -34.51
N ARG D 322 3.79 21.97 -34.64
CA ARG D 322 3.45 20.67 -34.09
C ARG D 322 4.41 20.31 -32.98
N ILE D 323 3.85 19.74 -31.90
CA ILE D 323 4.66 19.24 -30.78
C ILE D 323 4.61 17.72 -30.80
N ASP D 324 5.70 17.09 -30.36
CA ASP D 324 5.73 15.64 -30.27
C ASP D 324 4.82 15.21 -29.07
N ARG D 325 4.49 13.91 -28.97
CA ARG D 325 3.67 13.46 -27.85
C ARG D 325 4.47 13.69 -26.54
N ILE D 326 3.77 13.94 -25.41
CA ILE D 326 4.40 14.22 -24.13
C ILE D 326 5.13 12.96 -23.64
N LYS D 327 6.48 13.08 -23.58
CA LYS D 327 7.47 12.07 -23.19
C LYS D 327 7.43 11.78 -21.68
N GLY D 328 6.94 12.73 -20.90
CA GLY D 328 6.81 12.64 -19.46
C GLY D 328 6.56 13.98 -18.80
N ARG D 329 5.92 13.92 -17.63
CA ARG D 329 5.68 15.04 -16.73
C ARG D 329 6.69 14.89 -15.61
N SER D 330 7.44 15.96 -15.28
CA SER D 330 8.51 15.94 -14.27
C SER D 330 8.06 15.34 -12.92
N ASP D 331 6.76 15.50 -12.56
CA ASP D 331 6.22 15.00 -11.30
C ASP D 331 5.95 13.47 -11.38
N ASP D 332 5.76 12.90 -12.60
CA ASP D 332 5.57 11.45 -12.79
C ASP D 332 6.92 10.72 -12.72
N PHE D 334 10.44 9.16 -11.55
CA PHE D 334 10.85 8.48 -10.32
C PHE D 334 12.35 8.18 -10.41
N ILE D 335 13.01 8.15 -9.26
CA ILE D 335 14.45 7.91 -9.16
C ILE D 335 14.68 6.61 -8.39
N ILE D 336 15.43 5.67 -8.97
CA ILE D 336 15.80 4.40 -8.35
C ILE D 336 17.29 4.15 -8.66
N LYS D 337 18.08 3.86 -7.60
CA LYS D 337 19.53 3.62 -7.62
C LYS D 337 20.28 4.85 -8.22
N GLY D 338 19.74 6.05 -7.96
CA GLY D 338 20.30 7.32 -8.44
C GLY D 338 20.02 7.69 -9.88
N VAL D 339 19.28 6.85 -10.63
CA VAL D 339 18.95 7.04 -12.05
C VAL D 339 17.52 7.60 -12.18
N ASN D 340 17.34 8.58 -13.06
CA ASN D 340 16.03 9.18 -13.37
C ASN D 340 15.32 8.35 -14.43
N ILE D 341 14.09 7.89 -14.14
CA ILE D 341 13.31 7.08 -15.06
C ILE D 341 11.90 7.64 -15.21
N PHE D 342 11.39 7.64 -16.45
CA PHE D 342 10.01 8.01 -16.78
C PHE D 342 9.18 6.75 -17.11
N PRO D 343 7.94 6.65 -16.59
CA PRO D 343 7.10 5.47 -16.89
C PRO D 343 6.91 5.22 -18.40
N GLN D 345 9.19 5.34 -20.67
CA GLN D 345 10.35 4.57 -21.16
C GLN D 345 10.08 3.08 -21.04
N VAL D 346 9.35 2.69 -19.99
CA VAL D 346 8.94 1.31 -19.73
C VAL D 346 7.85 0.94 -20.74
N GLU D 347 6.83 1.80 -20.94
CA GLU D 347 5.73 1.56 -21.87
C GLU D 347 6.25 1.40 -23.30
N LYS D 348 7.13 2.32 -23.76
CA LYS D 348 7.67 2.27 -25.14
C LYS D 348 8.36 0.92 -25.44
N ILE D 349 8.84 0.20 -24.41
CA ILE D 349 9.47 -1.10 -24.58
C ILE D 349 8.38 -2.19 -24.59
N LEU D 350 7.49 -2.21 -23.57
CA LEU D 350 6.44 -3.20 -23.42
C LEU D 350 5.47 -3.26 -24.62
N VAL D 351 5.11 -2.11 -25.22
CA VAL D 351 4.13 -2.07 -26.33
C VAL D 351 4.62 -2.82 -27.58
N GLN D 352 5.95 -2.98 -27.75
CA GLN D 352 6.58 -3.67 -28.87
CA GLN D 352 6.46 -3.62 -28.95
C GLN D 352 6.26 -5.17 -28.90
N PHE D 353 6.01 -5.76 -27.71
CA PHE D 353 5.76 -7.20 -27.58
C PHE D 353 4.27 -7.51 -27.80
N PRO D 354 3.94 -8.30 -28.86
CA PRO D 354 2.52 -8.61 -29.14
C PRO D 354 1.93 -9.63 -28.16
N GLU D 355 2.77 -10.37 -27.44
CA GLU D 355 2.33 -11.39 -26.47
C GLU D 355 1.82 -10.75 -25.16
N LEU D 356 2.01 -9.42 -25.00
CA LEU D 356 1.61 -8.66 -23.82
C LEU D 356 0.31 -7.87 -24.05
N GLY D 357 -0.39 -7.62 -22.95
CA GLY D 357 -1.61 -6.82 -22.89
C GLY D 357 -1.29 -5.35 -22.70
N SER D 358 -2.31 -4.53 -22.47
CA SER D 358 -2.19 -3.08 -22.33
C SER D 358 -1.98 -2.63 -20.87
N ASN D 359 -2.39 -3.43 -19.89
CA ASN D 359 -2.26 -2.99 -18.50
C ASN D 359 -0.91 -3.44 -17.89
N TYR D 360 -0.22 -2.50 -17.23
CA TYR D 360 1.05 -2.74 -16.56
C TYR D 360 1.16 -1.88 -15.29
N LEU D 361 2.03 -2.28 -14.35
CA LEU D 361 2.26 -1.57 -13.10
C LEU D 361 3.72 -1.67 -12.66
N ILE D 362 4.32 -0.52 -12.37
CA ILE D 362 5.69 -0.37 -11.86
C ILE D 362 5.58 -0.19 -10.35
N THR D 363 6.23 -1.06 -9.58
CA THR D 363 6.20 -0.99 -8.11
C THR D 363 7.64 -0.77 -7.62
N LEU D 364 7.82 0.24 -6.75
CA LEU D 364 9.11 0.59 -6.17
C LEU D 364 9.07 0.24 -4.69
N GLU D 365 9.99 -0.64 -4.26
CA GLU D 365 10.07 -1.14 -2.89
C GLU D 365 11.51 -1.10 -2.33
N THR D 366 11.63 -1.24 -1.00
CA THR D 366 12.91 -1.35 -0.29
C THR D 366 12.93 -2.76 0.31
N VAL D 367 13.81 -3.64 -0.21
CA VAL D 367 13.87 -5.01 0.29
C VAL D 367 14.70 -4.99 1.60
N ASN D 368 16.04 -4.93 1.53
CA ASN D 368 16.85 -4.84 2.73
C ASN D 368 17.02 -3.35 3.04
N ASN D 369 18.12 -2.74 2.56
CA ASN D 369 18.41 -1.30 2.63
C ASN D 369 18.64 -0.81 1.19
N GLN D 370 18.34 -1.71 0.23
CA GLN D 370 18.45 -1.59 -1.23
C GLN D 370 17.06 -1.43 -1.88
N ASP D 371 16.95 -0.55 -2.89
CA ASP D 371 15.71 -0.29 -3.63
C ASP D 371 15.57 -1.22 -4.83
N GLU D 372 14.34 -1.72 -5.07
CA GLU D 372 14.02 -2.62 -6.17
C GLU D 372 12.81 -2.14 -6.98
N ILE D 374 9.83 -3.32 -9.77
CA ILE D 374 9.10 -4.48 -10.29
C ILE D 374 8.05 -4.01 -11.33
N VAL D 375 8.23 -4.50 -12.57
CA VAL D 375 7.38 -4.27 -13.74
C VAL D 375 6.41 -5.46 -13.93
N GLU D 376 5.13 -5.30 -13.53
CA GLU D 376 4.07 -6.28 -13.74
C GLU D 376 3.35 -5.95 -15.01
N VAL D 377 3.24 -6.88 -15.95
CA VAL D 377 2.54 -6.62 -17.21
C VAL D 377 1.62 -7.82 -17.50
N GLU D 378 0.39 -7.51 -17.89
CA GLU D 378 -0.64 -8.48 -18.22
C GLU D 378 -0.32 -9.20 -19.53
N LEU D 379 -0.67 -10.48 -19.59
CA LEU D 379 -0.49 -11.29 -20.78
C LEU D 379 -1.67 -11.09 -21.74
N SER D 380 -1.39 -11.08 -23.06
CA SER D 380 -2.42 -11.00 -24.10
C SER D 380 -3.26 -12.27 -24.11
N ASP D 381 -4.58 -12.16 -24.28
CA ASP D 381 -5.45 -13.34 -24.27
C ASP D 381 -5.24 -14.17 -25.55
N LEU D 382 -4.72 -13.55 -26.63
CA LEU D 382 -4.46 -14.19 -27.92
C LEU D 382 -3.19 -15.07 -27.88
N SER D 383 -2.15 -14.65 -27.12
CA SER D 383 -0.85 -15.31 -26.98
C SER D 383 -0.98 -16.76 -26.50
N THR D 384 -0.52 -17.72 -27.33
CA THR D 384 -0.53 -19.17 -27.06
C THR D 384 0.45 -19.47 -25.92
N ASP D 385 -0.10 -19.83 -24.75
CA ASP D 385 0.64 -20.09 -23.50
C ASP D 385 1.56 -21.30 -23.61
N ASN D 386 2.86 -21.01 -23.63
CA ASN D 386 4.00 -21.93 -23.65
C ASN D 386 5.05 -21.36 -22.71
N TYR D 387 5.33 -22.05 -21.60
CA TYR D 387 6.26 -21.58 -20.55
C TYR D 387 7.63 -21.20 -21.14
N ILE D 388 8.30 -22.14 -21.86
CA ILE D 388 9.63 -21.96 -22.42
C ILE D 388 9.70 -20.72 -23.35
N GLU D 389 8.67 -20.54 -24.22
CA GLU D 389 8.59 -19.42 -25.15
C GLU D 389 8.33 -18.10 -24.39
N LEU D 390 7.40 -18.11 -23.38
CA LEU D 390 7.04 -16.93 -22.57
C LEU D 390 8.19 -16.48 -21.68
N GLU D 391 8.90 -17.43 -21.03
CA GLU D 391 10.06 -17.14 -20.18
C GLU D 391 11.19 -16.51 -21.03
N LYS D 392 11.32 -16.93 -22.32
CA LYS D 392 12.27 -16.36 -23.27
C LYS D 392 11.91 -14.87 -23.54
N ILE D 393 10.59 -14.54 -23.64
CA ILE D 393 10.04 -13.18 -23.86
C ILE D 393 10.35 -12.31 -22.64
N ARG D 394 10.01 -12.81 -21.44
CA ARG D 394 10.23 -12.16 -20.15
C ARG D 394 11.70 -11.73 -20.01
N ARG D 395 12.65 -12.58 -20.49
CA ARG D 395 14.09 -12.32 -20.44
C ARG D 395 14.48 -11.21 -21.42
N ASP D 396 13.85 -11.20 -22.62
CA ASP D 396 14.10 -10.19 -23.64
C ASP D 396 13.56 -8.81 -23.18
N ILE D 397 12.46 -8.82 -22.38
CA ILE D 397 11.84 -7.61 -21.81
C ILE D 397 12.83 -6.99 -20.80
N ILE D 398 13.36 -7.80 -19.86
CA ILE D 398 14.34 -7.37 -18.86
C ILE D 398 15.55 -6.72 -19.57
N ARG D 399 16.07 -7.42 -20.62
CA ARG D 399 17.22 -7.01 -21.43
C ARG D 399 16.99 -5.64 -22.08
N GLN D 400 15.85 -5.49 -22.81
CA GLN D 400 15.50 -4.24 -23.51
C GLN D 400 15.22 -3.10 -22.52
N LEU D 401 14.67 -3.41 -21.30
CA LEU D 401 14.40 -2.41 -20.26
C LEU D 401 15.71 -1.90 -19.69
N LYS D 402 16.65 -2.83 -19.36
CA LYS D 402 17.98 -2.52 -18.83
C LYS D 402 18.74 -1.57 -19.77
N ASP D 403 18.68 -1.81 -21.09
CA ASP D 403 19.35 -0.99 -22.11
C ASP D 403 18.76 0.43 -22.19
N GLU D 404 17.43 0.56 -21.97
CA GLU D 404 16.75 1.86 -22.04
C GLU D 404 16.84 2.65 -20.72
N ILE D 405 16.36 2.07 -19.60
CA ILE D 405 16.27 2.82 -18.34
C ILE D 405 17.58 2.72 -17.54
N LEU D 406 18.56 1.91 -18.01
CA LEU D 406 19.91 1.76 -17.46
C LEU D 406 19.91 1.17 -16.02
N VAL D 407 18.81 0.52 -15.61
CA VAL D 407 18.71 -0.20 -14.32
C VAL D 407 18.07 -1.56 -14.67
N THR D 408 18.40 -2.63 -13.92
CA THR D 408 17.85 -3.94 -14.17
C THR D 408 16.58 -4.13 -13.30
N PRO D 409 15.38 -4.14 -13.91
CA PRO D 409 14.17 -4.33 -13.10
C PRO D 409 13.74 -5.79 -13.02
N LYS D 410 12.87 -6.09 -12.06
CA LYS D 410 12.23 -7.40 -11.96
C LYS D 410 10.99 -7.33 -12.85
N VAL D 411 10.75 -8.32 -13.72
CA VAL D 411 9.60 -8.33 -14.63
C VAL D 411 8.72 -9.55 -14.33
N LYS D 412 7.43 -9.32 -14.06
CA LYS D 412 6.48 -10.39 -13.77
C LYS D 412 5.32 -10.36 -14.79
N LEU D 413 5.08 -11.50 -15.47
CA LEU D 413 3.98 -11.65 -16.42
C LEU D 413 2.76 -12.12 -15.63
N VAL D 414 1.69 -11.29 -15.56
CA VAL D 414 0.51 -11.59 -14.74
C VAL D 414 -0.73 -11.88 -15.63
N LYS D 415 -1.76 -12.51 -15.04
CA LYS D 415 -3.02 -12.88 -15.70
C LYS D 415 -3.77 -11.64 -16.20
N LYS D 416 -4.45 -11.74 -17.35
CA LYS D 416 -5.23 -10.64 -17.91
C LYS D 416 -6.35 -10.27 -16.92
N GLY D 417 -6.44 -8.99 -16.57
CA GLY D 417 -7.43 -8.46 -15.63
C GLY D 417 -7.05 -8.54 -14.16
N SER D 418 -5.86 -9.10 -13.85
CA SER D 418 -5.40 -9.24 -12.46
C SER D 418 -4.90 -7.90 -11.89
N LEU D 419 -4.41 -6.99 -12.74
CA LEU D 419 -3.91 -5.69 -12.30
C LEU D 419 -5.06 -4.72 -12.08
N PRO D 420 -4.91 -3.75 -11.14
CA PRO D 420 -6.03 -2.82 -10.88
C PRO D 420 -6.28 -1.85 -12.04
N GLN D 421 -7.56 -1.48 -12.21
CA GLN D 421 -8.04 -0.57 -13.22
C GLN D 421 -8.52 0.72 -12.52
N SER D 422 -7.72 1.81 -12.65
CA SER D 422 -7.92 3.13 -12.05
C SER D 422 -9.25 3.80 -12.49
N GLU D 423 -9.74 4.75 -11.67
CA GLU D 423 -10.97 5.50 -11.95
C GLU D 423 -10.71 6.46 -13.14
N GLY D 424 -9.91 7.50 -12.90
CA GLY D 424 -9.52 8.45 -13.94
C GLY D 424 -8.25 7.97 -14.62
N LYS D 425 -7.23 8.88 -14.68
CA LYS D 425 -5.90 8.64 -15.25
C LYS D 425 -5.27 7.40 -14.60
N ALA D 426 -4.68 6.51 -15.42
CA ALA D 426 -4.04 5.27 -14.96
C ALA D 426 -2.83 5.56 -14.08
N VAL D 427 -2.73 4.82 -12.95
CA VAL D 427 -1.59 4.95 -12.05
C VAL D 427 -0.62 3.84 -12.44
N ARG D 428 0.50 4.22 -13.05
CA ARG D 428 1.48 3.27 -13.57
C ARG D 428 2.62 3.05 -12.58
N VAL D 429 2.83 3.97 -11.62
CA VAL D 429 3.90 3.82 -10.63
C VAL D 429 3.29 3.84 -9.22
N LYS D 430 3.62 2.81 -8.44
CA LYS D 430 3.25 2.61 -7.04
C LYS D 430 4.54 2.59 -6.23
N ASP D 431 4.88 3.71 -5.55
CA ASP D 431 6.12 3.82 -4.76
C ASP D 431 5.80 3.49 -3.29
N LEU D 432 6.38 2.39 -2.78
CA LEU D 432 6.13 1.93 -1.41
C LEU D 432 7.39 2.08 -0.51
N ARG D 433 8.35 2.93 -0.93
CA ARG D 433 9.59 3.21 -0.18
C ARG D 433 9.32 4.26 0.91
N ASP D 434 10.07 4.20 2.06
CA ASP D 434 9.89 5.12 3.20
C ASP D 434 10.30 6.58 2.82
N ASN D 435 9.39 7.30 2.09
CA ASN D 435 9.55 8.68 1.60
C ASN D 435 8.20 9.42 1.57
#